data_6PP3
#
_entry.id   6PP3
#
_cell.length_a   59.872
_cell.length_b   152.078
_cell.length_c   108.580
_cell.angle_alpha   90.00
_cell.angle_beta   90.91
_cell.angle_gamma   90.00
#
_symmetry.space_group_name_H-M   'P 1 21 1'
#
loop_
_entity.id
_entity.type
_entity.pdbx_description
1 polymer 'Nitric oxide synthase, endothelial'
2 non-polymer 'PROTOPORPHYRIN IX CONTAINING FE'
3 non-polymer 5,6,7,8-TETRAHYDROBIOPTERIN
4 non-polymer 7-{3-(aminomethyl)-4-[(pyridin-2-yl)methoxy]phenyl}-4-methylquinolin-2-amine
5 non-polymer 2-[BIS-(2-HYDROXY-ETHYL)-AMINO]-2-HYDROXYMETHYL-PROPANE-1,3-DIOL
6 non-polymer 'ZINC ION'
7 non-polymer GLYCEROL
8 non-polymer 'CHLORIDE ION'
9 non-polymer 'GADOLINIUM ATOM'
10 water water
#
_entity_poly.entity_id   1
_entity_poly.type   'polypeptide(L)'
_entity_poly.pdbx_seq_one_letter_code
;APASLLPPAPEHSPPSSPLTQPPEGPKFPRVKNWEVGSITYDTLSAQAQQDGPCTPRRCLGSLVFPRKLQGRPSPGPPAP
EQLLSQARDFINQYYSSIKRSGSQAHEQRLQEVEAEVAATGTYQLRESELVFGAKQAWRNAPRCVGRIQWGKLQVFDARD
CRSAQEMFTYICNHIKYATNRGNLRSAITVFPQRCPGRGDFRIWNSQLVRYAGYRQQDGSVRGDPANVEITELCIQHGWT
PGNGRFDVLPLLLQAPDEPPELFLLPPELVLEVPLEHPTLEWFAALGLRWYALPAVSNMLLEIGGLEFPAAPFSGWYMST
EIGTRNLCDPHRYNILEDVAVCMDLDTRTTSSLWKDKAAVEINVAVLHSYQLAKVTIVDHHAATASFMKHLENEQKARGG
CPADWAWIVPPISGSLTPVFHQEMVNYFLSPAFRYQPDPW
;
_entity_poly.pdbx_strand_id   A,B,C,D
#
loop_
_chem_comp.id
_chem_comp.type
_chem_comp.name
_chem_comp.formula
BTB non-polymer 2-[BIS-(2-HYDROXY-ETHYL)-AMINO]-2-HYDROXYMETHYL-PROPANE-1,3-DIOL 'C8 H19 N O5'
CL non-polymer 'CHLORIDE ION' 'Cl -1'
GD non-polymer 'GADOLINIUM ATOM' Gd
GOL non-polymer GLYCEROL 'C3 H8 O3'
H4B non-polymer 5,6,7,8-TETRAHYDROBIOPTERIN 'C9 H15 N5 O3'
HEM non-polymer 'PROTOPORPHYRIN IX CONTAINING FE' 'C34 H32 Fe N4 O4'
OS7 non-polymer 7-{3-(aminomethyl)-4-[(pyridin-2-yl)methoxy]phenyl}-4-methylquinolin-2-amine 'C23 H22 N4 O'
ZN non-polymer 'ZINC ION' 'Zn 2'
#
# COMPACT_ATOMS: atom_id res chain seq x y z
N PHE A 28 42.32 18.67 20.96
CA PHE A 28 41.75 18.28 19.68
C PHE A 28 40.58 17.30 19.81
N PRO A 29 39.37 17.77 19.48
CA PRO A 29 38.16 16.99 19.80
C PRO A 29 37.98 15.78 18.89
N ARG A 30 37.64 14.66 19.52
CA ARG A 30 37.37 13.42 18.79
C ARG A 30 35.92 13.39 18.33
N VAL A 31 35.72 13.15 17.04
CA VAL A 31 34.41 13.15 16.40
C VAL A 31 34.16 11.80 15.76
N LYS A 32 33.03 11.19 16.07
CA LYS A 32 32.72 9.85 15.64
C LYS A 32 31.46 9.85 14.79
N ASN A 33 31.45 9.02 13.75
CA ASN A 33 30.23 8.74 13.00
C ASN A 33 29.69 7.40 13.45
N TRP A 34 28.48 7.40 13.99
CA TRP A 34 27.90 6.24 14.64
C TRP A 34 27.24 5.28 13.66
N GLU A 35 27.06 5.68 12.41
CA GLU A 35 26.52 4.76 11.40
C GLU A 35 27.59 3.78 10.93
N VAL A 36 28.84 4.21 10.97
CA VAL A 36 29.92 3.55 10.27
C VAL A 36 31.02 3.18 11.27
N GLY A 37 31.15 3.98 12.33
CA GLY A 37 32.13 3.77 13.36
C GLY A 37 33.43 4.52 13.16
N SER A 38 33.52 5.35 12.12
CA SER A 38 34.73 6.07 11.79
C SER A 38 34.99 7.18 12.81
N ILE A 39 36.27 7.54 12.94
CA ILE A 39 36.72 8.55 13.88
C ILE A 39 37.53 9.58 13.12
N THR A 40 37.34 10.85 13.47
CA THR A 40 38.20 11.93 13.03
C THR A 40 38.48 12.84 14.22
N TYR A 41 39.47 13.72 14.05
CA TYR A 41 39.79 14.77 15.00
C TYR A 41 39.67 16.11 14.30
N ASP A 42 38.92 17.04 14.90
CA ASP A 42 38.77 18.38 14.38
C ASP A 42 39.93 19.22 14.89
N THR A 43 41.02 19.24 14.12
CA THR A 43 42.14 20.12 14.42
C THR A 43 41.84 21.56 14.04
N LEU A 44 40.86 21.78 13.16
CA LEU A 44 40.54 23.14 12.71
C LEU A 44 39.94 23.97 13.82
N SER A 45 39.26 23.33 14.79
CA SER A 45 38.63 24.05 15.89
C SER A 45 39.60 24.90 16.67
N ALA A 46 40.89 24.60 16.58
CA ALA A 46 41.91 25.36 17.29
C ALA A 46 42.05 26.80 16.81
N GLN A 47 41.24 27.26 15.85
CA GLN A 47 41.38 28.60 15.28
C GLN A 47 40.16 29.47 15.46
N ALA A 48 39.23 29.10 16.36
CA ALA A 48 37.99 29.86 16.49
C ALA A 48 38.27 31.29 16.96
N GLN A 49 37.55 32.25 16.37
CA GLN A 49 37.71 33.66 16.70
C GLN A 49 36.60 34.13 17.63
N GLN A 50 35.62 34.87 17.10
CA GLN A 50 34.52 35.39 17.91
C GLN A 50 33.80 34.26 18.65
N ASP A 51 34.17 34.07 19.92
CA ASP A 51 33.80 32.89 20.69
C ASP A 51 32.29 32.74 20.82
N GLY A 52 31.88 31.50 21.09
CA GLY A 52 30.49 31.14 21.16
C GLY A 52 29.91 31.24 22.55
N PRO A 53 28.68 30.74 22.74
CA PRO A 53 27.93 30.98 23.97
C PRO A 53 28.02 29.90 25.04
N CYS A 54 28.76 28.83 24.78
CA CYS A 54 28.76 27.66 25.65
C CYS A 54 29.91 27.76 26.63
N THR A 55 29.68 27.30 27.85
CA THR A 55 30.73 27.23 28.87
C THR A 55 30.77 25.80 29.38
N PRO A 56 31.85 25.42 30.07
CA PRO A 56 31.89 24.09 30.68
C PRO A 56 30.66 23.78 31.53
N ARG A 57 29.95 24.81 32.01
CA ARG A 57 28.86 24.57 32.95
C ARG A 57 27.47 24.49 32.30
N ARG A 58 27.30 24.98 31.07
CA ARG A 58 26.02 24.88 30.39
C ARG A 58 26.26 25.05 28.90
N CYS A 59 25.55 24.25 28.11
CA CYS A 59 25.60 24.33 26.66
C CYS A 59 24.38 25.10 26.16
N LEU A 60 24.61 26.03 25.23
CA LEU A 60 23.55 26.86 24.67
C LEU A 60 23.47 26.69 23.16
N GLY A 61 23.86 25.52 22.66
CA GLY A 61 23.90 25.29 21.23
C GLY A 61 22.54 25.27 20.57
N SER A 62 21.47 25.13 21.33
CA SER A 62 20.12 25.15 20.77
C SER A 62 19.54 26.55 20.68
N LEU A 63 20.27 27.59 21.13
CA LEU A 63 19.78 28.95 21.00
C LEU A 63 19.98 29.43 19.57
N VAL A 64 18.98 30.13 19.04
CA VAL A 64 19.07 30.62 17.66
C VAL A 64 19.99 31.82 17.57
N PHE A 65 19.83 32.78 18.49
CA PHE A 65 20.72 33.93 18.55
C PHE A 65 21.50 33.90 19.86
N PRO A 66 22.79 33.59 19.81
CA PRO A 66 23.57 33.51 21.05
C PRO A 66 23.82 34.88 21.66
N ARG A 67 23.02 35.23 22.67
CA ARG A 67 23.24 36.42 23.49
C ARG A 67 23.42 37.68 22.67
N PRO A 80 39.84 52.35 17.74
CA PRO A 80 39.69 50.98 17.21
C PRO A 80 40.84 50.56 16.30
N GLU A 81 42.03 50.43 16.87
CA GLU A 81 43.24 50.03 16.15
C GLU A 81 43.29 48.56 15.81
N GLN A 82 42.28 47.78 16.21
CA GLN A 82 42.28 46.33 16.04
C GLN A 82 41.61 45.87 14.75
N LEU A 83 41.20 46.80 13.89
CA LEU A 83 40.77 46.43 12.55
C LEU A 83 41.91 45.73 11.79
N LEU A 84 43.16 46.09 12.09
CA LEU A 84 44.33 45.52 11.43
C LEU A 84 44.66 44.11 11.90
N SER A 85 44.15 43.70 13.07
CA SER A 85 44.42 42.34 13.55
C SER A 85 43.78 41.31 12.63
N GLN A 86 42.46 41.33 12.53
CA GLN A 86 41.73 40.43 11.67
C GLN A 86 41.84 40.78 10.18
N ALA A 87 42.58 41.84 9.84
CA ALA A 87 42.89 42.15 8.46
C ALA A 87 44.17 41.47 7.99
N ARG A 88 45.21 41.47 8.82
CA ARG A 88 46.35 40.58 8.59
C ARG A 88 45.85 39.17 8.36
N ASP A 89 44.97 38.69 9.26
CA ASP A 89 44.48 37.33 9.26
C ASP A 89 43.97 36.90 7.89
N PHE A 90 43.05 37.68 7.34
CA PHE A 90 42.41 37.32 6.07
C PHE A 90 43.43 37.28 4.95
N ILE A 91 44.25 38.33 4.82
CA ILE A 91 45.27 38.36 3.77
C ILE A 91 46.18 37.14 3.87
N ASN A 92 46.53 36.75 5.10
CA ASN A 92 47.33 35.56 5.31
C ASN A 92 46.61 34.31 4.85
N GLN A 93 45.30 34.25 5.10
CA GLN A 93 44.50 33.13 4.62
C GLN A 93 44.46 33.10 3.09
N TYR A 94 44.26 34.26 2.47
CA TYR A 94 44.13 34.35 1.02
C TYR A 94 45.35 33.77 0.31
N TYR A 95 46.54 34.19 0.74
CA TYR A 95 47.76 33.77 0.05
C TYR A 95 48.14 32.33 0.37
N SER A 96 47.65 31.78 1.47
CA SER A 96 47.84 30.37 1.76
C SER A 96 47.19 29.50 0.69
N SER A 97 45.94 29.81 0.34
CA SER A 97 45.19 29.01 -0.61
C SER A 97 45.87 28.93 -1.98
N ILE A 98 46.46 30.04 -2.42
CA ILE A 98 46.90 30.10 -3.82
C ILE A 98 48.38 29.75 -3.92
N LYS A 99 48.85 28.81 -3.09
CA LYS A 99 50.22 28.30 -3.17
C LYS A 99 51.27 29.40 -3.03
N ARG A 100 50.92 30.47 -2.30
CA ARG A 100 51.69 31.70 -2.38
C ARG A 100 51.88 32.33 -1.01
N SER A 101 52.11 31.51 0.01
CA SER A 101 52.50 32.04 1.30
C SER A 101 54.00 32.34 1.29
N GLY A 102 54.36 33.46 1.91
CA GLY A 102 55.75 33.83 2.11
C GLY A 102 56.62 33.88 0.86
N SER A 103 56.46 34.94 0.07
CA SER A 103 57.31 35.30 -1.06
C SER A 103 56.69 36.50 -1.74
N GLN A 104 57.55 37.29 -2.40
CA GLN A 104 57.26 38.50 -3.16
C GLN A 104 55.85 39.06 -2.98
N ALA A 105 54.87 38.43 -3.63
CA ALA A 105 53.52 39.00 -3.69
C ALA A 105 52.86 39.01 -2.31
N HIS A 106 53.06 37.96 -1.51
CA HIS A 106 52.46 37.94 -0.17
C HIS A 106 53.00 39.07 0.69
N GLU A 107 54.33 39.22 0.73
CA GLU A 107 54.93 40.36 1.42
C GLU A 107 54.27 41.67 1.00
N GLN A 108 54.00 41.83 -0.30
CA GLN A 108 53.57 43.12 -0.83
C GLN A 108 52.21 43.55 -0.29
N ARG A 109 51.18 42.73 -0.49
CA ARG A 109 49.82 43.13 -0.13
C ARG A 109 49.67 43.43 1.35
N LEU A 110 50.59 42.94 2.18
CA LEU A 110 50.51 43.25 3.61
C LEU A 110 50.72 44.73 3.89
N GLN A 111 51.40 45.46 3.01
CA GLN A 111 51.80 46.83 3.34
C GLN A 111 50.72 47.86 3.02
N GLU A 112 50.08 47.75 1.85
CA GLU A 112 49.11 48.78 1.46
C GLU A 112 47.95 48.85 2.42
N VAL A 113 47.57 47.72 3.03
CA VAL A 113 46.45 47.73 3.98
C VAL A 113 46.82 48.52 5.24
N GLU A 114 48.00 48.25 5.81
CA GLU A 114 48.41 49.04 6.98
C GLU A 114 48.54 50.50 6.61
N ALA A 115 49.11 50.79 5.44
CA ALA A 115 49.20 52.17 4.97
C ALA A 115 47.83 52.73 4.64
N GLU A 116 46.91 51.90 4.14
CA GLU A 116 45.54 52.36 3.91
C GLU A 116 44.86 52.72 5.23
N VAL A 117 44.96 51.84 6.23
CA VAL A 117 44.33 52.11 7.52
C VAL A 117 45.10 53.18 8.28
N ALA A 118 46.42 53.22 8.17
CA ALA A 118 47.17 54.33 8.74
C ALA A 118 46.69 55.67 8.17
N ALA A 119 46.34 55.68 6.88
CA ALA A 119 45.90 56.93 6.25
C ALA A 119 44.41 57.17 6.49
N THR A 120 43.58 56.17 6.21
CA THR A 120 42.13 56.36 6.19
C THR A 120 41.39 55.75 7.38
N GLY A 121 42.04 54.90 8.17
CA GLY A 121 41.35 54.22 9.25
C GLY A 121 40.57 53.00 8.83
N THR A 122 40.52 52.70 7.53
CA THR A 122 39.89 51.51 7.00
C THR A 122 40.60 51.14 5.70
N TYR A 123 40.11 50.13 5.01
CA TYR A 123 40.78 49.74 3.77
C TYR A 123 39.80 49.05 2.83
N GLN A 124 40.14 49.08 1.53
CA GLN A 124 39.38 48.44 0.48
C GLN A 124 40.05 47.12 0.10
N LEU A 125 39.23 46.11 -0.20
CA LEU A 125 39.73 44.80 -0.61
C LEU A 125 39.98 44.74 -2.12
N ARG A 126 41.06 44.05 -2.49
CA ARG A 126 41.22 43.61 -3.87
C ARG A 126 40.02 42.78 -4.30
N GLU A 127 39.67 42.88 -5.58
CA GLU A 127 38.51 42.17 -6.11
C GLU A 127 38.64 40.67 -5.89
N SER A 128 39.85 40.14 -6.07
CA SER A 128 40.05 38.70 -5.88
C SER A 128 39.92 38.31 -4.41
N GLU A 129 40.33 39.21 -3.51
CA GLU A 129 40.15 38.96 -2.08
C GLU A 129 38.68 38.98 -1.71
N LEU A 130 37.93 39.96 -2.23
CA LEU A 130 36.50 40.02 -1.93
C LEU A 130 35.79 38.75 -2.35
N VAL A 131 36.25 38.11 -3.42
CA VAL A 131 35.65 36.85 -3.87
C VAL A 131 36.15 35.68 -3.02
N PHE A 132 37.42 35.69 -2.64
CA PHE A 132 37.90 34.66 -1.72
C PHE A 132 37.20 34.75 -0.38
N GLY A 133 36.92 35.97 0.09
CA GLY A 133 36.26 36.14 1.37
C GLY A 133 34.80 35.78 1.34
N ALA A 134 34.12 36.11 0.25
CA ALA A 134 32.72 35.72 0.10
C ALA A 134 32.57 34.21 0.19
N LYS A 135 33.36 33.49 -0.58
CA LYS A 135 33.26 32.03 -0.60
C LYS A 135 33.71 31.41 0.72
N GLN A 136 34.81 31.90 1.28
CA GLN A 136 35.29 31.34 2.54
C GLN A 136 34.26 31.51 3.65
N ALA A 137 33.61 32.68 3.70
CA ALA A 137 32.56 32.90 4.68
C ALA A 137 31.43 31.90 4.49
N TRP A 138 31.09 31.58 3.23
CA TRP A 138 30.12 30.53 3.00
C TRP A 138 30.63 29.19 3.53
N ARG A 139 31.88 28.85 3.20
CA ARG A 139 32.50 27.62 3.64
C ARG A 139 32.40 27.44 5.16
N ASN A 140 32.43 28.55 5.90
CA ASN A 140 32.46 28.60 7.35
C ASN A 140 31.08 28.72 8.00
N ALA A 141 30.00 28.80 7.24
CA ALA A 141 28.69 28.97 7.82
C ALA A 141 28.24 27.67 8.49
N PRO A 142 28.27 27.59 9.83
CA PRO A 142 28.01 26.28 10.46
C PRO A 142 26.61 25.78 10.24
N ARG A 143 25.66 26.68 10.02
CA ARG A 143 24.28 26.24 9.92
C ARG A 143 23.86 25.91 8.50
N CYS A 144 24.78 25.90 7.53
CA CYS A 144 24.44 25.71 6.12
C CYS A 144 24.80 24.30 5.66
N VAL A 145 23.77 23.53 5.29
CA VAL A 145 23.94 22.17 4.79
C VAL A 145 24.30 22.11 3.31
N GLY A 146 24.36 23.25 2.62
CA GLY A 146 24.57 23.27 1.18
C GLY A 146 25.99 23.60 0.77
N ARG A 147 26.91 23.53 1.74
CA ARG A 147 28.28 24.01 1.57
C ARG A 147 29.12 23.19 0.58
N ILE A 148 28.67 22.01 0.16
CA ILE A 148 29.36 21.32 -0.92
C ILE A 148 29.45 22.21 -2.16
N GLN A 149 28.57 23.20 -2.30
CA GLN A 149 28.60 24.16 -3.40
C GLN A 149 29.49 25.37 -3.15
N TRP A 150 30.21 25.42 -2.01
CA TRP A 150 30.83 26.67 -1.60
C TRP A 150 31.83 27.19 -2.62
N GLY A 151 32.46 26.30 -3.38
CA GLY A 151 33.44 26.77 -4.35
C GLY A 151 32.83 27.39 -5.60
N LYS A 152 31.54 27.20 -5.82
CA LYS A 152 30.82 27.74 -6.99
C LYS A 152 29.96 28.91 -6.53
N LEU A 153 30.54 30.11 -6.60
CA LEU A 153 29.83 31.29 -6.11
C LEU A 153 30.10 32.47 -7.01
N GLN A 154 29.04 33.18 -7.38
CA GLN A 154 29.13 34.34 -8.25
C GLN A 154 29.06 35.60 -7.39
N VAL A 155 30.16 36.34 -7.33
CA VAL A 155 30.30 37.51 -6.46
C VAL A 155 30.15 38.76 -7.33
N PHE A 156 29.07 39.51 -7.10
CA PHE A 156 28.84 40.81 -7.74
C PHE A 156 29.31 41.91 -6.81
N ASP A 157 30.14 42.81 -7.33
CA ASP A 157 30.89 43.79 -6.54
C ASP A 157 30.19 45.15 -6.61
N ALA A 158 29.23 45.37 -5.72
CA ALA A 158 28.50 46.64 -5.67
C ALA A 158 29.11 47.65 -4.71
N ARG A 159 30.43 47.57 -4.48
CA ARG A 159 31.10 48.44 -3.52
C ARG A 159 31.12 49.91 -3.95
N ASP A 160 30.63 50.24 -5.15
CA ASP A 160 30.54 51.62 -5.60
C ASP A 160 29.11 52.14 -5.58
N CYS A 161 28.24 51.53 -4.79
CA CYS A 161 26.83 51.92 -4.77
C CYS A 161 26.65 53.29 -4.13
N ARG A 162 25.57 53.97 -4.50
CA ARG A 162 25.47 55.39 -4.22
C ARG A 162 24.12 55.84 -3.66
N SER A 163 23.01 55.17 -3.99
CA SER A 163 21.71 55.61 -3.51
C SER A 163 20.74 54.43 -3.47
N ALA A 164 19.51 54.73 -3.01
CA ALA A 164 18.48 53.71 -2.90
C ALA A 164 18.11 53.15 -4.28
N GLN A 165 17.95 54.02 -5.28
CA GLN A 165 17.69 53.54 -6.62
C GLN A 165 18.85 52.69 -7.14
N GLU A 166 20.06 52.96 -6.67
CA GLU A 166 21.24 52.23 -7.11
C GLU A 166 21.21 50.78 -6.66
N MET A 167 21.05 50.54 -5.35
CA MET A 167 21.03 49.16 -4.88
C MET A 167 19.92 48.39 -5.56
N PHE A 168 18.76 49.02 -5.72
CA PHE A 168 17.63 48.35 -6.36
C PHE A 168 18.03 47.76 -7.70
N THR A 169 18.82 48.49 -8.48
CA THR A 169 19.34 47.93 -9.73
C THR A 169 20.31 46.79 -9.45
N TYR A 170 21.21 46.97 -8.48
CA TYR A 170 22.13 45.90 -8.10
C TYR A 170 21.37 44.65 -7.64
N ILE A 171 20.35 44.85 -6.81
CA ILE A 171 19.54 43.74 -6.32
C ILE A 171 18.74 43.12 -7.46
N CYS A 172 18.25 43.95 -8.36
CA CYS A 172 17.45 43.42 -9.47
C CYS A 172 18.31 42.62 -10.44
N ASN A 173 19.54 43.08 -10.70
CA ASN A 173 20.49 42.26 -11.46
C ASN A 173 20.71 40.92 -10.78
N HIS A 174 20.78 40.93 -9.45
CA HIS A 174 20.97 39.71 -8.67
C HIS A 174 19.83 38.73 -8.92
N ILE A 175 18.60 39.11 -8.55
CA ILE A 175 17.42 38.26 -8.71
C ILE A 175 17.39 37.66 -10.11
N LYS A 176 17.50 38.49 -11.14
CA LYS A 176 17.45 38.00 -12.51
C LYS A 176 18.57 36.98 -12.76
N TYR A 177 19.79 37.30 -12.35
CA TYR A 177 20.91 36.38 -12.59
C TYR A 177 20.76 35.12 -11.75
N ALA A 178 20.43 35.26 -10.46
CA ALA A 178 20.29 34.09 -9.62
C ALA A 178 19.14 33.21 -10.08
N THR A 179 18.00 33.82 -10.42
CA THR A 179 16.85 33.04 -10.84
C THR A 179 17.14 32.32 -12.15
N ASN A 180 17.62 33.05 -13.16
CA ASN A 180 18.11 32.44 -14.40
C ASN A 180 17.10 31.42 -14.94
N ARG A 181 15.84 31.85 -14.96
CA ARG A 181 14.73 31.08 -15.55
C ARG A 181 14.51 29.75 -14.85
N GLY A 182 14.91 29.64 -13.59
CA GLY A 182 14.77 28.42 -12.84
C GLY A 182 16.05 27.60 -12.69
N ASN A 183 17.06 27.85 -13.52
CA ASN A 183 18.36 27.21 -13.33
C ASN A 183 19.16 28.08 -12.36
N LEU A 184 18.86 27.89 -11.08
CA LEU A 184 19.35 28.79 -10.04
C LEU A 184 20.87 28.74 -9.91
N ARG A 185 21.47 29.91 -9.73
CA ARG A 185 22.92 30.03 -9.64
C ARG A 185 23.25 30.82 -8.37
N SER A 186 24.03 30.21 -7.48
CA SER A 186 24.43 30.87 -6.23
C SER A 186 25.12 32.19 -6.52
N ALA A 187 24.71 33.23 -5.81
CA ALA A 187 25.29 34.55 -5.99
C ALA A 187 25.26 35.32 -4.68
N ILE A 188 26.12 36.33 -4.59
CA ILE A 188 26.10 37.31 -3.52
C ILE A 188 26.43 38.68 -4.11
N THR A 189 25.68 39.70 -3.69
CA THR A 189 25.92 41.09 -4.07
C THR A 189 26.43 41.85 -2.84
N VAL A 190 27.68 42.33 -2.91
CA VAL A 190 28.36 42.96 -1.79
C VAL A 190 28.33 44.47 -1.97
N PHE A 191 27.65 45.17 -1.07
CA PHE A 191 27.53 46.62 -1.09
C PHE A 191 28.67 47.24 -0.29
N PRO A 192 28.81 48.58 -0.22
CA PRO A 192 30.04 49.15 0.35
C PRO A 192 30.22 48.82 1.81
N GLN A 193 31.49 48.70 2.22
CA GLN A 193 31.78 48.41 3.60
C GLN A 193 31.47 49.62 4.47
N ARG A 194 30.84 49.37 5.60
CA ARG A 194 30.52 50.43 6.54
C ARG A 194 31.77 51.19 6.95
N CYS A 195 31.62 52.50 7.12
CA CYS A 195 32.66 53.39 7.59
C CYS A 195 32.07 54.28 8.68
N PRO A 196 32.90 54.83 9.56
CA PRO A 196 32.36 55.57 10.70
C PRO A 196 31.77 56.91 10.27
N GLY A 197 31.00 57.51 11.19
CA GLY A 197 30.52 58.86 11.03
C GLY A 197 29.31 59.03 10.14
N ARG A 198 29.14 58.16 9.15
CA ARG A 198 28.01 58.21 8.24
C ARG A 198 27.29 56.86 8.27
N GLY A 199 26.07 56.86 7.72
CA GLY A 199 25.12 55.78 7.90
C GLY A 199 25.49 54.41 7.36
N ASP A 200 24.52 53.72 6.76
CA ASP A 200 24.75 52.34 6.36
C ASP A 200 23.76 51.93 5.29
N PHE A 201 24.25 51.18 4.31
CA PHE A 201 23.38 50.42 3.43
C PHE A 201 22.82 49.24 4.18
N ARG A 202 21.50 49.04 4.11
CA ARG A 202 20.85 47.94 4.78
C ARG A 202 19.52 47.64 4.08
N ILE A 203 19.31 46.38 3.70
CA ILE A 203 17.99 45.93 3.25
C ILE A 203 17.16 45.61 4.49
N TRP A 204 16.00 46.24 4.62
CA TRP A 204 15.17 46.03 5.80
C TRP A 204 14.45 44.69 5.77
N ASN A 205 14.14 44.18 4.57
CA ASN A 205 13.55 42.85 4.46
C ASN A 205 14.55 41.80 4.93
N SER A 206 14.03 40.74 5.54
CA SER A 206 14.88 39.59 5.88
C SER A 206 15.36 38.88 4.62
N GLN A 207 14.49 38.80 3.61
CA GLN A 207 14.83 38.23 2.31
C GLN A 207 14.29 39.15 1.21
N LEU A 208 14.86 38.99 0.00
CA LEU A 208 14.40 39.79 -1.13
C LEU A 208 12.96 39.45 -1.50
N VAL A 209 12.60 38.18 -1.46
CA VAL A 209 11.23 37.74 -1.71
C VAL A 209 10.62 37.25 -0.40
N ARG A 210 9.60 37.96 0.08
CA ARG A 210 8.91 37.62 1.30
C ARG A 210 7.43 37.96 1.15
N TYR A 211 6.56 37.09 1.67
CA TYR A 211 5.12 37.27 1.53
C TYR A 211 4.56 38.08 2.70
N ALA A 212 3.59 38.94 2.39
CA ALA A 212 2.98 39.80 3.38
C ALA A 212 2.19 39.00 4.43
N GLY A 213 1.91 39.67 5.56
CA GLY A 213 1.07 39.13 6.62
C GLY A 213 0.10 40.14 7.18
N TYR A 214 -1.20 39.86 7.09
CA TYR A 214 -2.27 40.83 7.33
C TYR A 214 -3.09 40.44 8.55
N ARG A 215 -3.20 41.34 9.53
CA ARG A 215 -3.87 41.04 10.79
C ARG A 215 -5.40 41.03 10.70
N GLN A 216 -6.07 41.40 11.79
CA GLN A 216 -7.53 41.34 11.89
C GLN A 216 -7.96 42.07 13.17
N GLN A 217 -9.29 42.12 13.40
CA GLN A 217 -9.81 42.45 14.73
C GLN A 217 -9.35 41.43 15.76
N ASP A 218 -8.96 40.24 15.30
CA ASP A 218 -8.58 39.11 16.13
C ASP A 218 -7.12 38.73 15.95
N GLY A 219 -6.28 39.70 15.60
CA GLY A 219 -4.84 39.49 15.53
C GLY A 219 -4.31 38.42 14.58
N SER A 220 -5.18 37.49 14.15
CA SER A 220 -4.76 36.42 13.26
C SER A 220 -4.32 36.98 11.91
N VAL A 221 -3.47 36.21 11.22
CA VAL A 221 -2.76 36.69 10.03
C VAL A 221 -3.27 35.97 8.80
N ARG A 222 -3.68 36.75 7.79
CA ARG A 222 -3.78 36.27 6.42
C ARG A 222 -2.42 36.48 5.78
N GLY A 223 -1.80 35.39 5.33
CA GLY A 223 -0.43 35.44 4.84
C GLY A 223 0.59 34.81 5.75
N ASP A 224 1.78 35.43 5.83
CA ASP A 224 2.92 34.86 6.54
C ASP A 224 3.16 35.61 7.84
N PRO A 225 3.10 34.95 9.00
CA PRO A 225 3.33 35.67 10.26
C PRO A 225 4.79 36.00 10.51
N ALA A 226 5.73 35.34 9.86
CA ALA A 226 7.13 35.74 10.01
C ALA A 226 7.40 37.11 9.39
N ASN A 227 6.49 37.63 8.57
CA ASN A 227 6.72 38.89 7.88
C ASN A 227 5.60 39.88 8.19
N VAL A 228 5.21 39.96 9.46
CA VAL A 228 4.14 40.86 9.89
C VAL A 228 4.69 42.24 10.24
N GLU A 229 5.82 42.27 10.96
CA GLU A 229 6.45 43.53 11.29
C GLU A 229 6.89 44.28 10.04
N ILE A 230 7.61 43.60 9.15
CA ILE A 230 8.07 44.28 7.94
C ILE A 230 6.88 44.72 7.09
N THR A 231 5.83 43.90 7.04
CA THR A 231 4.60 44.32 6.39
C THR A 231 4.03 45.56 7.06
N GLU A 232 4.10 45.62 8.40
CA GLU A 232 3.62 46.79 9.12
C GLU A 232 4.39 48.03 8.71
N LEU A 233 5.68 47.89 8.43
CA LEU A 233 6.47 49.02 7.95
C LEU A 233 6.19 49.32 6.48
N CYS A 234 6.04 48.30 5.65
CA CYS A 234 5.86 48.54 4.22
C CYS A 234 4.54 49.28 3.94
N ILE A 235 3.48 48.92 4.66
CA ILE A 235 2.24 49.71 4.59
C ILE A 235 2.49 51.10 5.15
N GLN A 236 3.17 51.17 6.30
CA GLN A 236 3.53 52.43 6.95
C GLN A 236 4.57 53.20 6.13
N HIS A 237 4.63 52.93 4.82
CA HIS A 237 5.50 53.70 3.94
C HIS A 237 4.91 53.83 2.53
N GLY A 238 3.60 53.65 2.37
CA GLY A 238 2.91 53.97 1.13
C GLY A 238 2.31 52.76 0.43
N TRP A 239 2.83 51.57 0.70
CA TRP A 239 2.47 50.40 -0.11
C TRP A 239 1.00 50.06 0.04
N THR A 240 0.42 49.55 -1.05
CA THR A 240 -0.96 49.08 -1.12
C THR A 240 -1.06 47.65 -0.62
N PRO A 241 -1.53 47.44 0.61
CA PRO A 241 -1.65 46.05 1.13
C PRO A 241 -2.68 45.28 0.34
N GLY A 242 -2.28 44.11 -0.15
CA GLY A 242 -3.13 43.34 -1.03
C GLY A 242 -4.27 42.65 -0.33
N ASN A 243 -4.83 41.67 -1.03
CA ASN A 243 -5.97 40.92 -0.50
C ASN A 243 -5.51 39.80 0.44
N GLY A 244 -4.64 38.92 -0.03
CA GLY A 244 -4.58 37.58 0.52
C GLY A 244 -3.20 37.11 0.95
N ARG A 245 -2.97 35.81 0.73
CA ARG A 245 -2.00 35.01 1.47
C ARG A 245 -0.60 35.01 0.85
N PHE A 246 -0.49 35.18 -0.47
CA PHE A 246 0.80 35.12 -1.13
C PHE A 246 1.10 36.39 -1.92
N ASP A 247 0.88 37.54 -1.30
CA ASP A 247 1.27 38.82 -1.87
C ASP A 247 2.74 39.05 -1.61
N VAL A 248 3.53 39.22 -2.68
CA VAL A 248 4.95 39.50 -2.52
C VAL A 248 5.14 40.90 -1.97
N LEU A 249 5.97 41.01 -0.94
CA LEU A 249 6.20 42.31 -0.32
C LEU A 249 7.05 43.19 -1.22
N PRO A 250 6.90 44.50 -1.12
CA PRO A 250 7.87 45.42 -1.74
C PRO A 250 9.18 45.44 -0.97
N LEU A 251 10.12 46.28 -1.38
CA LEU A 251 11.44 46.33 -0.75
C LEU A 251 11.63 47.67 -0.07
N LEU A 252 12.16 47.65 1.16
CA LEU A 252 12.58 48.85 1.86
C LEU A 252 14.11 48.88 1.85
N LEU A 253 14.67 49.71 0.97
CA LEU A 253 16.12 49.84 0.83
C LEU A 253 16.60 51.15 1.43
N GLN A 254 17.73 51.08 2.12
CA GLN A 254 18.22 52.16 2.97
C GLN A 254 19.58 52.63 2.46
N ALA A 255 19.59 53.77 1.78
CA ALA A 255 20.85 54.45 1.56
C ALA A 255 21.25 55.17 2.83
N PRO A 256 22.57 55.29 3.10
CA PRO A 256 23.04 55.91 4.35
C PRO A 256 22.29 57.18 4.77
N ASP A 257 21.89 57.20 6.03
CA ASP A 257 21.33 58.37 6.70
C ASP A 257 19.89 58.70 6.28
N GLU A 258 19.49 58.31 5.08
CA GLU A 258 18.18 58.74 4.64
C GLU A 258 17.13 57.68 4.94
N PRO A 259 15.85 58.05 4.98
CA PRO A 259 14.81 57.07 5.28
C PRO A 259 14.76 55.99 4.22
N PRO A 260 14.22 54.82 4.55
CA PRO A 260 14.07 53.79 3.53
C PRO A 260 13.15 54.26 2.42
N GLU A 261 13.46 53.85 1.19
CA GLU A 261 12.57 54.06 0.06
C GLU A 261 11.97 52.70 -0.32
N LEU A 262 10.64 52.67 -0.40
CA LEU A 262 9.96 51.49 -0.93
C LEU A 262 10.37 51.26 -2.38
N PHE A 263 10.31 49.99 -2.81
CA PHE A 263 10.64 49.63 -4.18
C PHE A 263 9.78 48.43 -4.56
N LEU A 264 8.86 48.64 -5.51
CA LEU A 264 8.05 47.56 -6.01
C LEU A 264 8.92 46.62 -6.84
N LEU A 265 8.78 45.33 -6.59
CA LEU A 265 9.52 44.32 -7.34
C LEU A 265 8.75 43.95 -8.60
N PRO A 266 9.38 43.96 -9.77
CA PRO A 266 8.65 43.67 -11.01
C PRO A 266 8.15 42.24 -11.02
N PRO A 267 6.86 42.03 -11.32
CA PRO A 267 6.28 40.67 -11.20
C PRO A 267 7.06 39.61 -11.96
N GLU A 268 7.45 39.90 -13.20
CA GLU A 268 8.20 38.97 -14.02
C GLU A 268 9.62 38.73 -13.50
N LEU A 269 10.06 39.47 -12.50
CA LEU A 269 11.36 39.20 -11.88
C LEU A 269 11.24 38.14 -10.80
N VAL A 270 10.06 38.01 -10.20
CA VAL A 270 9.84 37.16 -9.04
C VAL A 270 9.29 35.85 -9.53
N LEU A 271 10.16 34.86 -9.68
CA LEU A 271 9.73 33.56 -10.17
C LEU A 271 9.10 32.78 -9.03
N GLU A 272 7.88 32.31 -9.24
CA GLU A 272 7.20 31.54 -8.21
C GLU A 272 6.63 30.26 -8.81
N VAL A 273 6.35 29.32 -7.92
CA VAL A 273 5.92 27.98 -8.26
C VAL A 273 4.58 27.73 -7.59
N PRO A 274 3.53 27.44 -8.35
CA PRO A 274 2.30 26.97 -7.72
C PRO A 274 2.47 25.53 -7.30
N LEU A 275 1.89 25.18 -6.16
CA LEU A 275 2.09 23.87 -5.56
C LEU A 275 0.92 22.96 -5.92
N GLU A 276 1.24 21.85 -6.56
CA GLU A 276 0.27 20.79 -6.83
CA GLU A 276 0.26 20.79 -6.83
C GLU A 276 0.87 19.46 -6.37
N HIS A 277 0.02 18.47 -6.23
CA HIS A 277 0.49 17.17 -5.78
C HIS A 277 0.42 16.15 -6.93
N PRO A 278 1.39 15.24 -7.04
CA PRO A 278 1.37 14.30 -8.18
C PRO A 278 0.15 13.41 -8.24
N THR A 279 -0.54 13.16 -7.12
CA THR A 279 -1.66 12.22 -7.13
C THR A 279 -2.89 12.73 -6.39
N LEU A 280 -2.69 13.64 -5.43
CA LEU A 280 -3.81 14.27 -4.72
C LEU A 280 -4.27 15.47 -5.54
N GLU A 281 -5.28 15.23 -6.38
CA GLU A 281 -5.75 16.20 -7.35
C GLU A 281 -6.24 17.49 -6.71
N TRP A 282 -6.78 17.42 -5.49
CA TRP A 282 -7.29 18.60 -4.78
C TRP A 282 -6.19 19.48 -4.19
N PHE A 283 -4.93 19.03 -4.13
CA PHE A 283 -3.90 19.85 -3.50
C PHE A 283 -3.75 21.20 -4.19
N ALA A 284 -3.78 21.22 -5.53
CA ALA A 284 -3.68 22.49 -6.25
C ALA A 284 -4.80 23.45 -5.83
N ALA A 285 -5.97 22.91 -5.49
CA ALA A 285 -7.09 23.78 -5.13
C ALA A 285 -6.86 24.51 -3.82
N LEU A 286 -5.95 24.02 -2.97
CA LEU A 286 -5.59 24.77 -1.78
C LEU A 286 -4.96 26.11 -2.10
N GLY A 287 -4.54 26.34 -3.35
CA GLY A 287 -4.03 27.63 -3.75
C GLY A 287 -2.65 28.00 -3.23
N LEU A 288 -1.81 27.00 -2.94
CA LEU A 288 -0.52 27.25 -2.34
C LEU A 288 0.52 27.62 -3.38
N ARG A 289 1.45 28.47 -2.97
CA ARG A 289 2.51 28.99 -3.82
C ARG A 289 3.75 29.21 -2.95
N TRP A 290 4.94 29.02 -3.53
CA TRP A 290 6.14 29.57 -2.91
C TRP A 290 7.05 30.13 -4.00
N TYR A 291 8.03 30.92 -3.58
CA TYR A 291 8.91 31.55 -4.54
C TYR A 291 10.16 30.70 -4.79
N ALA A 292 10.87 31.03 -5.86
CA ALA A 292 12.01 30.24 -6.31
C ALA A 292 13.30 30.66 -5.63
N LEU A 293 13.50 31.95 -5.36
CA LEU A 293 14.81 32.41 -4.94
C LEU A 293 14.86 32.65 -3.43
N PRO A 294 15.57 31.81 -2.65
CA PRO A 294 15.84 32.11 -1.24
C PRO A 294 17.02 33.06 -1.14
N ALA A 295 16.74 34.32 -0.83
CA ALA A 295 17.71 35.41 -1.01
C ALA A 295 17.79 36.17 0.30
N VAL A 296 18.83 35.91 1.08
CA VAL A 296 18.92 36.38 2.46
C VAL A 296 19.64 37.73 2.51
N SER A 297 18.95 38.73 3.06
CA SER A 297 19.36 40.11 2.91
C SER A 297 19.47 40.85 4.24
N ASN A 298 19.66 40.16 5.35
CA ASN A 298 19.78 40.86 6.62
C ASN A 298 21.04 40.51 7.40
N MET A 299 21.94 39.73 6.83
CA MET A 299 23.13 39.30 7.54
C MET A 299 24.31 40.18 7.16
N LEU A 300 25.28 40.25 8.06
CA LEU A 300 26.44 41.11 7.93
C LEU A 300 27.63 40.26 7.52
N LEU A 301 28.18 40.53 6.34
CA LEU A 301 29.38 39.84 5.89
C LEU A 301 30.60 40.51 6.47
N GLU A 302 31.49 39.72 7.06
CA GLU A 302 32.70 40.23 7.69
C GLU A 302 33.89 39.53 7.09
N ILE A 303 34.73 40.31 6.41
CA ILE A 303 35.96 39.83 5.78
C ILE A 303 37.09 40.75 6.19
N GLY A 304 38.18 40.18 6.70
CA GLY A 304 39.34 40.98 7.07
C GLY A 304 39.03 42.14 7.99
N GLY A 305 38.10 41.95 8.92
CA GLY A 305 37.70 43.02 9.81
C GLY A 305 36.74 44.04 9.23
N LEU A 306 36.40 43.93 7.95
CA LEU A 306 35.47 44.85 7.32
C LEU A 306 34.05 44.31 7.39
N GLU A 307 33.09 45.22 7.46
CA GLU A 307 31.70 44.85 7.76
C GLU A 307 30.77 45.38 6.68
N PHE A 308 30.03 44.48 6.03
CA PHE A 308 29.11 44.84 4.96
C PHE A 308 27.69 44.54 5.43
N PRO A 309 26.98 45.50 6.02
CA PRO A 309 25.63 45.24 6.54
C PRO A 309 24.61 44.96 5.44
N ALA A 310 24.95 45.16 4.17
CA ALA A 310 24.09 44.84 3.05
C ALA A 310 24.92 44.01 2.07
N ALA A 311 24.69 42.69 2.06
CA ALA A 311 25.42 41.77 1.20
C ALA A 311 24.55 40.55 0.92
N PRO A 312 23.44 40.70 0.20
CA PRO A 312 22.50 39.58 0.06
C PRO A 312 23.10 38.43 -0.72
N PHE A 313 23.03 37.22 -0.14
CA PHE A 313 23.38 35.99 -0.83
C PHE A 313 22.13 35.17 -1.11
N SER A 314 22.23 34.32 -2.13
CA SER A 314 21.13 33.47 -2.54
C SER A 314 21.68 32.19 -3.15
N GLY A 315 21.00 31.08 -2.87
CA GLY A 315 21.32 29.80 -3.47
C GLY A 315 20.07 29.16 -4.03
N TRP A 316 19.79 27.91 -3.67
CA TRP A 316 18.49 27.34 -3.99
C TRP A 316 17.93 26.65 -2.75
N TYR A 317 16.62 26.46 -2.74
CA TYR A 317 15.94 25.89 -1.58
C TYR A 317 16.26 24.41 -1.40
N MET A 318 16.30 23.98 -0.14
CA MET A 318 16.04 22.59 0.22
C MET A 318 14.56 22.46 0.52
N SER A 319 13.96 21.35 0.07
CA SER A 319 12.49 21.29 0.07
C SER A 319 11.89 21.33 1.46
N THR A 320 12.55 20.73 2.47
CA THR A 320 12.01 20.79 3.82
C THR A 320 11.89 22.21 4.33
N GLU A 321 12.68 23.15 3.81
CA GLU A 321 12.51 24.55 4.21
C GLU A 321 11.12 25.06 3.89
N ILE A 322 10.67 24.84 2.66
CA ILE A 322 9.37 25.33 2.23
C ILE A 322 8.26 24.46 2.81
N GLY A 323 8.35 23.15 2.60
CA GLY A 323 7.23 22.28 2.91
C GLY A 323 7.04 22.06 4.40
N THR A 324 8.14 21.90 5.12
CA THR A 324 8.04 21.58 6.54
C THR A 324 8.03 22.83 7.41
N ARG A 325 8.97 23.75 7.21
CA ARG A 325 9.03 24.91 8.10
C ARG A 325 8.11 26.04 7.63
N ASN A 326 8.21 26.46 6.36
CA ASN A 326 7.43 27.63 5.95
C ASN A 326 5.93 27.32 5.95
N LEU A 327 5.56 26.12 5.51
CA LEU A 327 4.16 25.77 5.35
C LEU A 327 3.56 25.10 6.58
N CYS A 328 4.35 24.39 7.41
CA CYS A 328 3.77 23.62 8.51
C CYS A 328 4.16 24.07 9.92
N ASP A 329 5.10 24.99 10.08
CA ASP A 329 5.36 25.53 11.42
C ASP A 329 4.09 26.17 11.98
N PRO A 330 3.80 26.00 13.28
CA PRO A 330 2.52 26.52 13.81
C PRO A 330 2.46 28.03 13.81
N HIS A 331 3.61 28.69 13.73
CA HIS A 331 3.68 30.15 13.68
C HIS A 331 3.99 30.65 12.27
N ARG A 332 3.83 29.78 11.28
CA ARG A 332 3.96 30.15 9.88
C ARG A 332 2.63 29.85 9.20
N TYR A 333 2.65 29.31 7.99
CA TYR A 333 1.39 29.08 7.28
C TYR A 333 0.53 28.03 7.99
N ASN A 334 1.14 27.10 8.73
CA ASN A 334 0.40 26.24 9.66
C ASN A 334 -0.75 25.50 8.96
N ILE A 335 -0.43 24.76 7.90
CA ILE A 335 -1.44 24.16 7.03
C ILE A 335 -1.62 22.68 7.29
N LEU A 336 -0.87 22.11 8.24
CA LEU A 336 -0.82 20.66 8.39
C LEU A 336 -2.20 20.07 8.59
N GLU A 337 -3.01 20.69 9.44
CA GLU A 337 -4.31 20.12 9.73
C GLU A 337 -5.25 20.23 8.53
N ASP A 338 -5.14 21.31 7.77
CA ASP A 338 -5.99 21.46 6.60
C ASP A 338 -5.69 20.40 5.55
N VAL A 339 -4.41 20.10 5.32
CA VAL A 339 -4.03 19.04 4.38
C VAL A 339 -4.50 17.67 4.87
N ALA A 340 -4.37 17.41 6.19
CA ALA A 340 -4.81 16.14 6.74
C ALA A 340 -6.32 15.95 6.62
N VAL A 341 -7.10 17.00 6.85
CA VAL A 341 -8.56 16.95 6.61
C VAL A 341 -8.84 16.51 5.17
N CYS A 342 -8.14 17.12 4.22
CA CYS A 342 -8.33 16.79 2.81
C CYS A 342 -7.88 15.36 2.50
N MET A 343 -6.87 14.85 3.21
CA MET A 343 -6.50 13.45 3.03
C MET A 343 -7.41 12.51 3.81
N ASP A 344 -8.50 13.01 4.41
CA ASP A 344 -9.42 12.20 5.21
C ASP A 344 -8.71 11.49 6.38
N LEU A 345 -7.66 12.08 6.95
CA LEU A 345 -6.89 11.43 8.00
C LEU A 345 -7.62 11.55 9.35
N ASP A 346 -7.26 10.67 10.29
CA ASP A 346 -7.95 10.69 11.58
C ASP A 346 -7.16 11.60 12.51
N THR A 347 -7.60 12.85 12.59
CA THR A 347 -6.92 13.87 13.38
C THR A 347 -7.34 13.86 14.84
N ARG A 348 -8.10 12.87 15.28
CA ARG A 348 -8.63 12.86 16.63
C ARG A 348 -7.73 12.10 17.59
N THR A 349 -6.61 11.54 17.11
CA THR A 349 -5.65 10.87 17.98
C THR A 349 -4.26 11.06 17.39
N THR A 350 -3.29 11.37 18.26
CA THR A 350 -1.95 11.62 17.77
C THR A 350 -1.29 10.35 17.25
N SER A 351 -1.75 9.18 17.72
CA SER A 351 -1.07 7.94 17.40
C SER A 351 -1.30 7.47 15.98
N SER A 352 -2.22 8.12 15.24
CA SER A 352 -2.38 7.80 13.83
C SER A 352 -1.22 8.32 13.01
N LEU A 353 -0.37 9.17 13.58
CA LEU A 353 0.71 9.88 12.88
C LEU A 353 0.16 10.67 11.69
N TRP A 354 -1.02 11.26 11.87
CA TRP A 354 -1.61 12.06 10.80
C TRP A 354 -0.79 13.30 10.47
N LYS A 355 -0.20 13.94 11.50
CA LYS A 355 0.68 15.08 11.23
C LYS A 355 1.84 14.66 10.34
N ASP A 356 2.40 13.48 10.60
CA ASP A 356 3.56 13.00 9.85
C ASP A 356 3.21 12.67 8.40
N LYS A 357 2.08 11.99 8.20
CA LYS A 357 1.67 11.61 6.86
C LYS A 357 1.36 12.84 6.00
N ALA A 358 0.66 13.83 6.57
CA ALA A 358 0.36 15.06 5.85
C ALA A 358 1.62 15.86 5.58
N ALA A 359 2.52 15.94 6.56
CA ALA A 359 3.78 16.66 6.37
C ALA A 359 4.56 16.11 5.18
N VAL A 360 4.54 14.80 5.01
CA VAL A 360 5.36 14.16 3.99
C VAL A 360 4.81 14.44 2.60
N GLU A 361 3.48 14.42 2.47
CA GLU A 361 2.86 14.69 1.18
C GLU A 361 2.98 16.16 0.79
N ILE A 362 2.94 17.05 1.77
CA ILE A 362 3.30 18.44 1.52
C ILE A 362 4.70 18.53 0.92
N ASN A 363 5.67 17.83 1.51
CA ASN A 363 7.02 17.86 0.95
C ASN A 363 7.08 17.20 -0.42
N VAL A 364 6.32 16.12 -0.63
CA VAL A 364 6.23 15.55 -1.95
C VAL A 364 5.74 16.60 -2.96
N ALA A 365 4.68 17.33 -2.60
CA ALA A 365 4.11 18.33 -3.52
C ALA A 365 5.09 19.45 -3.81
N VAL A 366 5.81 19.94 -2.79
CA VAL A 366 6.85 20.94 -3.01
C VAL A 366 7.85 20.45 -4.06
N LEU A 367 8.40 19.25 -3.86
CA LEU A 367 9.40 18.73 -4.79
C LEU A 367 8.81 18.52 -6.17
N HIS A 368 7.67 17.84 -6.25
CA HIS A 368 7.02 17.62 -7.54
C HIS A 368 6.83 18.92 -8.29
N SER A 369 6.27 19.93 -7.62
CA SER A 369 5.90 21.19 -8.27
C SER A 369 7.12 21.93 -8.78
N TYR A 370 8.15 22.07 -7.95
CA TYR A 370 9.38 22.74 -8.35
C TYR A 370 10.04 22.02 -9.53
N GLN A 371 10.05 20.69 -9.50
CA GLN A 371 10.68 19.96 -10.60
C GLN A 371 9.90 20.13 -11.89
N LEU A 372 8.57 20.19 -11.77
CA LEU A 372 7.72 20.38 -12.93
C LEU A 372 7.93 21.77 -13.51
N ALA A 373 7.85 22.80 -12.68
CA ALA A 373 8.17 24.16 -13.09
C ALA A 373 9.64 24.35 -13.49
N LYS A 374 10.48 23.31 -13.42
CA LYS A 374 11.88 23.38 -13.84
C LYS A 374 12.67 24.41 -13.03
N VAL A 375 12.46 24.41 -11.72
CA VAL A 375 13.17 25.27 -10.78
C VAL A 375 14.02 24.37 -9.88
N THR A 376 15.28 24.74 -9.71
CA THR A 376 16.21 23.95 -8.92
C THR A 376 15.74 23.81 -7.47
N ILE A 377 15.67 22.58 -6.98
CA ILE A 377 15.43 22.29 -5.56
C ILE A 377 16.12 20.99 -5.21
N VAL A 378 16.48 20.83 -3.94
CA VAL A 378 17.16 19.62 -3.48
C VAL A 378 16.40 19.07 -2.26
N ASP A 379 16.08 17.79 -2.32
CA ASP A 379 15.46 17.13 -1.19
C ASP A 379 16.48 16.94 -0.07
N HIS A 380 15.98 16.75 1.14
CA HIS A 380 16.85 16.73 2.31
C HIS A 380 17.72 15.47 2.37
N HIS A 381 17.29 14.36 1.74
CA HIS A 381 18.16 13.19 1.61
C HIS A 381 19.35 13.49 0.69
N ALA A 382 19.10 14.07 -0.48
CA ALA A 382 20.20 14.42 -1.38
C ALA A 382 21.11 15.47 -0.76
N ALA A 383 20.52 16.47 -0.10
CA ALA A 383 21.32 17.53 0.52
C ALA A 383 22.22 16.98 1.62
N THR A 384 21.67 16.15 2.53
CA THR A 384 22.48 15.66 3.66
C THR A 384 23.58 14.73 3.18
N ALA A 385 23.29 13.89 2.19
CA ALA A 385 24.32 13.02 1.63
C ALA A 385 25.45 13.84 1.03
N SER A 386 25.14 14.99 0.40
CA SER A 386 26.19 15.85 -0.14
CA SER A 386 26.20 15.81 -0.13
C SER A 386 26.98 16.51 0.97
N PHE A 387 26.32 16.83 2.09
CA PHE A 387 27.03 17.47 3.18
C PHE A 387 28.05 16.50 3.80
N MET A 388 27.70 15.22 3.88
CA MET A 388 28.66 14.22 4.33
C MET A 388 29.87 14.17 3.41
N LYS A 389 29.64 14.23 2.09
CA LYS A 389 30.76 14.33 1.18
C LYS A 389 31.54 15.61 1.43
N HIS A 390 30.84 16.70 1.73
CA HIS A 390 31.56 17.93 2.05
C HIS A 390 32.39 17.79 3.32
N LEU A 391 31.83 17.13 4.34
CA LEU A 391 32.59 16.91 5.57
C LEU A 391 33.86 16.15 5.30
N GLU A 392 33.78 15.11 4.46
CA GLU A 392 34.97 14.35 4.08
C GLU A 392 35.99 15.23 3.38
N ASN A 393 35.52 16.08 2.45
CA ASN A 393 36.41 17.00 1.75
C ASN A 393 37.08 17.97 2.69
N GLU A 394 36.34 18.49 3.67
CA GLU A 394 36.93 19.45 4.60
C GLU A 394 37.91 18.80 5.55
N GLN A 395 37.69 17.51 5.88
CA GLN A 395 38.63 16.82 6.77
C GLN A 395 40.02 16.80 6.16
N LYS A 396 40.11 16.41 4.88
CA LYS A 396 41.42 16.38 4.23
C LYS A 396 41.94 17.79 3.97
N ALA A 397 41.04 18.72 3.60
CA ALA A 397 41.48 20.06 3.23
C ALA A 397 41.95 20.85 4.45
N ARG A 398 41.08 21.02 5.44
CA ARG A 398 41.36 21.89 6.58
C ARG A 398 41.40 21.17 7.92
N GLY A 399 41.32 19.84 7.95
CA GLY A 399 41.32 19.15 9.23
C GLY A 399 40.05 19.35 10.05
N GLY A 400 38.91 19.45 9.40
CA GLY A 400 37.65 19.61 10.11
C GLY A 400 36.69 20.57 9.46
N CYS A 401 35.53 20.76 10.08
CA CYS A 401 34.51 21.59 9.47
C CYS A 401 33.55 22.06 10.56
N PRO A 402 33.35 23.37 10.72
CA PRO A 402 32.36 23.84 11.72
C PRO A 402 30.94 23.56 11.24
N ALA A 403 30.17 22.92 12.11
CA ALA A 403 28.85 22.45 11.73
C ALA A 403 27.96 22.49 12.96
N ASP A 404 26.75 23.01 12.77
CA ASP A 404 25.76 23.18 13.83
C ASP A 404 24.75 22.04 13.65
N TRP A 405 24.91 21.00 14.47
CA TRP A 405 24.15 19.76 14.31
C TRP A 405 22.64 20.02 14.25
N ALA A 406 22.13 20.88 15.13
CA ALA A 406 20.70 21.14 15.20
C ALA A 406 20.14 21.78 13.93
N TRP A 407 20.98 22.43 13.13
CA TRP A 407 20.53 23.07 11.90
C TRP A 407 20.85 22.25 10.65
N ILE A 408 21.79 21.33 10.74
CA ILE A 408 22.16 20.50 9.59
C ILE A 408 21.18 19.34 9.42
N VAL A 409 20.73 18.73 10.52
CA VAL A 409 19.74 17.65 10.51
C VAL A 409 18.37 18.21 10.12
N PRO A 410 17.76 17.72 9.05
CA PRO A 410 16.52 18.34 8.52
C PRO A 410 15.36 18.18 9.48
N PRO A 411 14.30 19.00 9.33
CA PRO A 411 13.22 19.04 10.32
C PRO A 411 12.19 17.92 10.19
N ILE A 412 12.30 17.09 9.18
CA ILE A 412 11.57 15.83 9.09
C ILE A 412 12.61 14.74 8.87
N SER A 413 12.30 13.53 9.34
CA SER A 413 13.06 12.32 8.99
C SER A 413 14.54 12.44 9.35
N GLY A 414 14.84 13.08 10.48
CA GLY A 414 16.22 13.39 10.82
C GLY A 414 17.09 12.16 10.88
N SER A 415 16.68 11.14 11.64
CA SER A 415 17.58 9.99 11.75
C SER A 415 17.65 9.16 10.48
N LEU A 416 16.81 9.43 9.48
CA LEU A 416 16.93 8.73 8.20
C LEU A 416 18.03 9.32 7.33
N THR A 417 18.58 10.47 7.70
CA THR A 417 19.68 11.09 6.98
C THR A 417 20.99 10.82 7.69
N PRO A 418 22.09 10.77 6.92
CA PRO A 418 23.39 10.39 7.50
C PRO A 418 23.95 11.38 8.51
N VAL A 419 23.68 12.68 8.35
CA VAL A 419 24.20 13.69 9.26
C VAL A 419 23.67 13.53 10.69
N PHE A 420 22.51 12.88 10.87
CA PHE A 420 22.00 12.62 12.21
C PHE A 420 23.00 11.80 13.02
N HIS A 421 23.62 10.81 12.39
CA HIS A 421 24.52 9.89 13.06
C HIS A 421 25.95 10.41 13.09
N GLN A 422 26.16 11.65 12.66
CA GLN A 422 27.49 12.26 12.58
C GLN A 422 27.65 13.29 13.69
N GLU A 423 28.57 13.03 14.62
CA GLU A 423 28.94 14.02 15.61
C GLU A 423 29.62 15.22 14.94
N MET A 424 29.39 16.40 15.50
CA MET A 424 29.80 17.66 14.91
C MET A 424 30.39 18.57 15.97
N VAL A 425 31.32 19.41 15.54
CA VAL A 425 31.92 20.46 16.35
C VAL A 425 31.55 21.81 15.75
N ASN A 426 30.99 22.68 16.57
CA ASN A 426 30.53 23.99 16.17
C ASN A 426 31.46 25.04 16.77
N TYR A 427 32.01 25.89 15.91
CA TYR A 427 32.87 27.00 16.34
C TYR A 427 32.75 28.10 15.28
N PHE A 428 33.40 29.22 15.55
CA PHE A 428 33.31 30.39 14.70
C PHE A 428 34.67 30.64 14.04
N LEU A 429 34.70 30.55 12.72
CA LEU A 429 35.86 30.91 11.91
C LEU A 429 35.59 32.20 11.14
N SER A 430 36.67 32.88 10.77
CA SER A 430 36.53 34.05 9.93
C SER A 430 37.21 33.83 8.58
N PRO A 431 36.69 34.40 7.48
CA PRO A 431 35.54 35.31 7.36
C PRO A 431 34.19 34.64 7.58
N ALA A 432 33.16 35.46 7.77
CA ALA A 432 31.93 34.89 8.31
C ALA A 432 30.73 35.73 7.92
N PHE A 433 29.58 35.08 7.90
CA PHE A 433 28.29 35.76 7.97
C PHE A 433 27.85 35.80 9.43
N ARG A 434 27.49 37.00 9.90
CA ARG A 434 27.04 37.22 11.26
C ARG A 434 25.62 37.75 11.24
N TYR A 435 24.88 37.49 12.32
CA TYR A 435 23.63 38.20 12.54
C TYR A 435 23.92 39.63 12.99
N GLN A 436 22.94 40.50 12.77
CA GLN A 436 23.07 41.91 13.08
C GLN A 436 21.72 42.44 13.50
N PRO A 437 21.67 43.47 14.35
CA PRO A 437 20.38 44.01 14.80
C PRO A 437 19.55 44.52 13.63
N ASP A 438 18.23 44.54 13.84
CA ASP A 438 17.37 45.20 12.88
C ASP A 438 17.59 46.71 12.93
N PRO A 439 17.61 47.40 11.78
CA PRO A 439 18.01 48.81 11.73
C PRO A 439 16.98 49.80 12.26
N TRP A 440 16.42 49.50 13.43
CA TRP A 440 15.55 50.41 14.18
C TRP A 440 15.15 49.81 15.53
N LYS B 27 21.41 37.75 33.73
CA LYS B 27 22.74 37.21 33.98
C LYS B 27 22.72 35.68 33.96
N PHE B 28 21.55 35.14 33.67
CA PHE B 28 21.31 33.74 33.41
C PHE B 28 20.81 33.60 31.98
N PRO B 29 21.02 32.44 31.35
CA PRO B 29 20.67 32.32 29.92
C PRO B 29 19.19 32.61 29.67
N ARG B 30 18.94 33.52 28.73
CA ARG B 30 17.57 33.73 28.23
C ARG B 30 17.22 32.67 27.21
N VAL B 31 16.00 32.15 27.31
CA VAL B 31 15.55 30.98 26.57
C VAL B 31 14.19 31.32 25.96
N LYS B 32 14.08 31.19 24.64
CA LYS B 32 12.87 31.55 23.93
C LYS B 32 12.21 30.31 23.34
N ASN B 33 10.88 30.26 23.42
CA ASN B 33 10.09 29.33 22.64
C ASN B 33 9.61 30.04 21.36
N TRP B 34 10.12 29.61 20.23
CA TRP B 34 9.82 30.31 18.97
C TRP B 34 8.43 30.03 18.44
N GLU B 35 7.78 28.94 18.85
CA GLU B 35 6.42 28.69 18.39
C GLU B 35 5.45 29.73 18.95
N VAL B 36 5.59 30.06 20.24
CA VAL B 36 4.62 30.90 20.92
C VAL B 36 5.14 32.32 21.17
N GLY B 37 6.45 32.53 21.25
CA GLY B 37 7.01 33.79 21.68
C GLY B 37 7.37 33.88 23.14
N SER B 38 7.30 32.77 23.88
CA SER B 38 7.63 32.75 25.30
C SER B 38 9.11 33.03 25.55
N ILE B 39 9.41 33.61 26.71
CA ILE B 39 10.79 33.86 27.13
C ILE B 39 10.88 33.57 28.62
N THR B 40 11.87 32.75 29.01
CA THR B 40 12.21 32.47 30.39
C THR B 40 13.72 32.53 30.54
N TYR B 41 14.20 32.63 31.78
CA TYR B 41 15.63 32.62 32.07
C TYR B 41 15.96 31.46 32.99
N ASP B 42 17.04 30.75 32.70
CA ASP B 42 17.35 29.48 33.36
C ASP B 42 18.32 29.75 34.51
N THR B 43 17.76 30.13 35.66
CA THR B 43 18.56 30.37 36.85
C THR B 43 19.08 29.08 37.44
N LEU B 44 18.40 27.96 37.20
CA LEU B 44 18.85 26.66 37.68
C LEU B 44 20.22 26.29 37.11
N SER B 45 20.50 26.68 35.86
CA SER B 45 21.80 26.35 35.26
C SER B 45 22.96 26.82 36.13
N ALA B 46 22.76 27.88 36.91
CA ALA B 46 23.84 28.42 37.73
C ALA B 46 24.28 27.45 38.83
N GLN B 47 23.48 26.44 39.16
CA GLN B 47 23.85 25.47 40.18
C GLN B 47 24.60 24.27 39.59
N ALA B 48 24.98 24.32 38.32
CA ALA B 48 25.58 23.18 37.63
C ALA B 48 26.74 22.61 38.43
N GLN B 49 26.52 21.40 39.00
CA GLN B 49 27.46 20.81 39.96
C GLN B 49 28.69 20.19 39.29
N GLN B 50 28.67 19.97 37.98
CA GLN B 50 29.80 19.40 37.27
C GLN B 50 29.87 20.03 35.89
N ASP B 51 30.92 19.70 35.14
CA ASP B 51 31.24 20.42 33.91
C ASP B 51 31.12 19.50 32.71
N GLY B 52 30.44 19.98 31.67
CA GLY B 52 30.29 19.26 30.43
C GLY B 52 31.40 19.55 29.43
N PRO B 53 31.14 19.25 28.15
CA PRO B 53 32.22 19.28 27.15
C PRO B 53 32.47 20.59 26.41
N CYS B 54 31.58 21.58 26.50
CA CYS B 54 31.74 22.76 25.66
C CYS B 54 32.60 23.82 26.32
N THR B 55 33.14 24.69 25.47
CA THR B 55 33.86 25.88 25.87
C THR B 55 33.33 27.02 25.03
N PRO B 56 33.76 28.27 25.31
CA PRO B 56 33.47 29.35 24.36
C PRO B 56 34.25 29.23 23.07
N ARG B 57 35.22 28.32 22.99
CA ARG B 57 35.92 28.05 21.73
C ARG B 57 35.04 27.26 20.77
N ARG B 58 34.47 26.16 21.24
CA ARG B 58 33.70 25.29 20.37
C ARG B 58 32.64 24.55 21.19
N CYS B 59 31.49 24.29 20.58
CA CYS B 59 30.41 23.56 21.21
C CYS B 59 30.49 22.09 20.79
N LEU B 60 30.50 21.19 21.78
CA LEU B 60 30.53 19.76 21.56
C LEU B 60 29.20 19.12 21.93
N GLY B 61 28.13 19.90 22.01
CA GLY B 61 26.84 19.41 22.45
C GLY B 61 26.34 18.17 21.73
N SER B 62 26.84 17.89 20.53
CA SER B 62 26.34 16.76 19.76
C SER B 62 27.09 15.47 20.04
N LEU B 63 28.16 15.49 20.84
CA LEU B 63 28.88 14.26 21.12
C LEU B 63 28.02 13.36 22.02
N VAL B 64 27.98 12.06 21.67
CA VAL B 64 27.22 11.12 22.48
C VAL B 64 27.90 10.93 23.84
N PHE B 65 29.21 10.75 23.85
CA PHE B 65 29.92 10.58 25.11
C PHE B 65 30.84 11.76 25.35
N PRO B 66 30.50 12.65 26.29
CA PRO B 66 31.33 13.73 26.84
C PRO B 66 31.76 13.47 28.29
N ALA B 79 39.81 10.99 48.90
CA ALA B 79 39.26 12.32 48.60
C ALA B 79 37.96 12.59 49.38
N PRO B 80 38.03 12.64 50.71
CA PRO B 80 36.80 12.77 51.50
C PRO B 80 36.16 14.16 51.41
N GLU B 81 36.96 15.20 51.19
CA GLU B 81 36.45 16.58 51.23
C GLU B 81 35.38 16.80 50.17
N GLN B 82 35.64 16.36 48.95
CA GLN B 82 34.68 16.51 47.88
C GLN B 82 33.51 15.55 48.05
N LEU B 83 33.76 14.37 48.60
CA LEU B 83 32.66 13.47 48.93
C LEU B 83 31.73 14.12 49.94
N LEU B 84 32.29 14.78 50.97
CA LEU B 84 31.47 15.43 51.98
C LEU B 84 30.70 16.60 51.39
N SER B 85 31.32 17.34 50.47
CA SER B 85 30.65 18.52 49.93
C SER B 85 29.55 18.13 48.95
N GLN B 86 29.73 17.04 48.21
CA GLN B 86 28.62 16.48 47.45
C GLN B 86 27.52 16.00 48.41
N ALA B 87 27.91 15.27 49.45
CA ALA B 87 26.93 14.77 50.40
C ALA B 87 26.14 15.91 51.04
N ARG B 88 26.83 17.00 51.38
CA ARG B 88 26.18 18.14 52.03
C ARG B 88 25.11 18.75 51.12
N ASP B 89 25.49 19.01 49.87
CA ASP B 89 24.52 19.48 48.87
C ASP B 89 23.30 18.58 48.78
N PHE B 90 23.51 17.25 48.80
CA PHE B 90 22.36 16.34 48.67
C PHE B 90 21.46 16.38 49.90
N ILE B 91 22.04 16.35 51.10
CA ILE B 91 21.24 16.43 52.31
C ILE B 91 20.46 17.73 52.35
N ASN B 92 21.12 18.83 51.99
CA ASN B 92 20.43 20.10 51.81
C ASN B 92 19.25 19.93 50.87
N GLN B 93 19.47 19.27 49.72
CA GLN B 93 18.37 19.03 48.79
C GLN B 93 17.26 18.24 49.46
N TYR B 94 17.60 17.15 50.14
CA TYR B 94 16.56 16.34 50.76
C TYR B 94 15.76 17.13 51.78
N TYR B 95 16.44 17.83 52.71
CA TYR B 95 15.70 18.61 53.69
C TYR B 95 14.95 19.80 53.08
N SER B 96 15.31 20.23 51.87
CA SER B 96 14.47 21.19 51.15
C SER B 96 13.15 20.55 50.73
N SER B 97 13.21 19.34 50.19
CA SER B 97 12.01 18.69 49.65
C SER B 97 10.96 18.43 50.73
N ILE B 98 11.40 18.11 51.95
CA ILE B 98 10.47 17.80 53.03
C ILE B 98 10.14 19.05 53.84
N LYS B 99 10.45 20.23 53.28
CA LYS B 99 10.12 21.51 53.91
C LYS B 99 10.72 21.62 55.31
N ARG B 100 11.95 21.09 55.47
CA ARG B 100 12.62 21.06 56.76
C ARG B 100 14.01 21.69 56.70
N SER B 101 14.25 22.58 55.72
CA SER B 101 15.57 23.17 55.55
CA SER B 101 15.58 23.16 55.55
C SER B 101 16.03 23.88 56.82
N GLY B 102 17.25 23.58 57.25
CA GLY B 102 17.85 24.24 58.39
C GLY B 102 17.27 23.86 59.74
N SER B 103 16.40 22.85 59.79
CA SER B 103 15.78 22.49 61.05
C SER B 103 16.74 21.64 61.89
N GLN B 104 16.23 21.22 63.05
CA GLN B 104 17.01 20.37 63.96
C GLN B 104 17.43 19.07 63.29
N ALA B 105 16.47 18.35 62.69
CA ALA B 105 16.76 17.07 62.06
C ALA B 105 17.80 17.24 60.96
N HIS B 106 17.77 18.39 60.28
CA HIS B 106 18.66 18.63 59.15
C HIS B 106 20.10 18.77 59.61
N GLU B 107 20.34 19.64 60.60
CA GLU B 107 21.67 19.76 61.18
C GLU B 107 22.14 18.43 61.76
N GLN B 108 21.23 17.68 62.39
CA GLN B 108 21.55 16.32 62.86
C GLN B 108 22.18 15.51 61.74
N ARG B 109 21.53 15.48 60.57
CA ARG B 109 22.00 14.62 59.49
C ARG B 109 23.35 15.07 58.95
N LEU B 110 23.54 16.38 58.76
CA LEU B 110 24.85 16.87 58.32
C LEU B 110 25.95 16.40 59.27
N GLN B 111 25.71 16.47 60.58
CA GLN B 111 26.71 16.01 61.54
C GLN B 111 26.92 14.51 61.45
N GLU B 112 25.84 13.74 61.35
CA GLU B 112 25.95 12.28 61.24
C GLU B 112 26.77 11.88 60.02
N VAL B 113 26.51 12.51 58.87
CA VAL B 113 27.23 12.14 57.65
C VAL B 113 28.69 12.54 57.74
N GLU B 114 28.97 13.73 58.27
CA GLU B 114 30.35 14.14 58.51
C GLU B 114 31.08 13.14 59.38
N ALA B 115 30.41 12.62 60.42
CA ALA B 115 31.04 11.67 61.33
C ALA B 115 31.33 10.34 60.63
N GLU B 116 30.40 9.85 59.81
CA GLU B 116 30.60 8.54 59.22
C GLU B 116 31.67 8.56 58.14
N VAL B 117 31.80 9.68 57.42
CA VAL B 117 32.91 9.80 56.47
C VAL B 117 34.24 9.85 57.22
N ALA B 118 34.27 10.53 58.37
CA ALA B 118 35.49 10.56 59.16
C ALA B 118 35.88 9.16 59.63
N ALA B 119 34.89 8.37 60.06
CA ALA B 119 35.16 7.10 60.72
C ALA B 119 35.37 5.97 59.72
N THR B 120 34.66 6.01 58.59
CA THR B 120 34.67 4.91 57.64
C THR B 120 35.03 5.34 56.23
N GLY B 121 35.13 6.64 55.95
CA GLY B 121 35.42 7.11 54.60
C GLY B 121 34.23 7.19 53.65
N THR B 122 33.03 6.84 54.10
CA THR B 122 31.85 6.80 53.25
C THR B 122 30.62 6.98 54.15
N TYR B 123 29.42 6.71 53.63
CA TYR B 123 28.22 6.78 54.46
C TYR B 123 27.09 6.04 53.76
N GLN B 124 26.01 5.81 54.50
CA GLN B 124 24.84 5.09 54.00
C GLN B 124 23.65 6.04 53.93
N LEU B 125 22.90 6.00 52.83
CA LEU B 125 21.66 6.75 52.73
C LEU B 125 20.57 6.10 53.55
N ARG B 126 19.70 6.93 54.12
CA ARG B 126 18.44 6.45 54.64
C ARG B 126 17.52 6.07 53.48
N GLU B 127 16.60 5.15 53.74
CA GLU B 127 15.73 4.67 52.67
C GLU B 127 14.96 5.81 52.02
N SER B 128 14.49 6.77 52.82
CA SER B 128 13.74 7.90 52.25
CA SER B 128 13.74 7.90 52.25
C SER B 128 14.64 8.82 51.43
N GLU B 129 15.91 8.95 51.83
CA GLU B 129 16.86 9.70 51.02
C GLU B 129 17.15 8.97 49.71
N LEU B 130 17.19 7.63 49.75
CA LEU B 130 17.48 6.88 48.53
C LEU B 130 16.37 7.08 47.50
N VAL B 131 15.12 7.07 47.94
CA VAL B 131 13.98 7.21 47.04
C VAL B 131 13.96 8.60 46.42
N PHE B 132 14.09 9.64 47.26
CA PHE B 132 14.30 10.99 46.76
C PHE B 132 15.46 11.05 45.76
N GLY B 133 16.62 10.49 46.13
CA GLY B 133 17.80 10.56 45.29
C GLY B 133 17.58 9.96 43.91
N ALA B 134 16.89 8.82 43.84
CA ALA B 134 16.64 8.13 42.58
C ALA B 134 15.68 8.93 41.71
N LYS B 135 14.54 9.35 42.29
CA LYS B 135 13.61 10.22 41.59
C LYS B 135 14.30 11.45 41.04
N GLN B 136 15.21 12.04 41.84
CA GLN B 136 15.89 13.25 41.43
C GLN B 136 16.85 13.00 40.29
N ALA B 137 17.53 11.84 40.29
CA ALA B 137 18.42 11.53 39.18
C ALA B 137 17.65 11.43 37.88
N TRP B 138 16.44 10.87 37.93
CA TRP B 138 15.56 10.89 36.77
C TRP B 138 15.24 12.32 36.35
N ARG B 139 14.69 13.09 37.28
CA ARG B 139 14.32 14.48 37.03
C ARG B 139 15.47 15.28 36.39
N ASN B 140 16.72 15.01 36.79
CA ASN B 140 17.88 15.75 36.30
C ASN B 140 18.42 15.24 34.97
N ALA B 141 17.86 14.17 34.41
CA ALA B 141 18.43 13.54 33.23
C ALA B 141 18.07 14.34 31.98
N PRO B 142 19.01 15.04 31.36
CA PRO B 142 18.67 15.99 30.30
C PRO B 142 18.30 15.33 28.99
N ARG B 143 18.60 14.04 28.80
CA ARG B 143 18.29 13.35 27.56
C ARG B 143 17.02 12.52 27.65
N CYS B 144 16.25 12.65 28.75
CA CYS B 144 15.01 11.90 28.91
C CYS B 144 13.82 12.79 28.60
N VAL B 145 13.02 12.39 27.61
CA VAL B 145 11.82 13.15 27.24
C VAL B 145 10.64 12.79 28.11
N GLY B 146 10.72 11.67 28.86
CA GLY B 146 9.61 11.21 29.67
C GLY B 146 9.56 11.71 31.10
N ARG B 147 10.30 12.78 31.41
CA ARG B 147 10.43 13.21 32.80
C ARG B 147 9.18 13.84 33.40
N ILE B 148 8.08 14.00 32.65
CA ILE B 148 6.85 14.42 33.31
C ILE B 148 6.47 13.41 34.39
N GLN B 149 6.86 12.15 34.21
CA GLN B 149 6.60 11.01 35.09
C GLN B 149 7.54 10.89 36.30
N TRP B 150 8.50 11.81 36.49
CA TRP B 150 9.64 11.60 37.40
C TRP B 150 9.23 11.41 38.86
N GLY B 151 8.00 11.70 39.24
CA GLY B 151 7.58 11.56 40.61
C GLY B 151 7.04 10.17 40.88
N LYS B 152 6.55 9.52 39.82
CA LYS B 152 5.96 8.19 39.88
C LYS B 152 7.05 7.21 39.49
N LEU B 153 7.86 6.84 40.48
CA LEU B 153 8.97 5.92 40.30
C LEU B 153 8.97 4.94 41.48
N GLN B 154 8.92 3.65 41.17
CA GLN B 154 9.01 2.62 42.20
C GLN B 154 10.48 2.31 42.45
N VAL B 155 10.92 2.46 43.69
CA VAL B 155 12.32 2.25 44.07
C VAL B 155 12.40 0.96 44.87
N PHE B 156 13.16 0.01 44.36
CA PHE B 156 13.41 -1.27 45.03
C PHE B 156 14.80 -1.23 45.66
N ASP B 157 14.84 -1.30 46.98
CA ASP B 157 16.09 -1.21 47.71
C ASP B 157 16.68 -2.60 47.74
N ALA B 158 17.66 -2.87 46.86
CA ALA B 158 18.41 -4.12 46.89
C ALA B 158 19.82 -3.90 47.46
N ARG B 159 19.98 -2.94 48.34
CA ARG B 159 21.32 -2.64 48.81
C ARG B 159 21.86 -3.74 49.70
N ASP B 160 21.02 -4.65 50.17
CA ASP B 160 21.45 -5.78 50.98
C ASP B 160 21.74 -7.01 50.15
N CYS B 161 21.81 -6.86 48.83
CA CYS B 161 22.03 -7.99 47.94
C CYS B 161 23.43 -8.55 48.12
N ARG B 162 23.55 -9.88 48.13
CA ARG B 162 24.77 -10.54 48.57
C ARG B 162 25.49 -11.35 47.50
N SER B 163 24.84 -11.70 46.40
CA SER B 163 25.49 -12.55 45.42
C SER B 163 24.91 -12.26 44.05
N ALA B 164 25.56 -12.83 43.03
CA ALA B 164 24.97 -12.81 41.71
C ALA B 164 23.58 -13.45 41.71
N GLN B 165 23.42 -14.59 42.43
CA GLN B 165 22.17 -15.33 42.38
C GLN B 165 21.02 -14.55 42.99
N GLU B 166 21.29 -13.87 44.11
CA GLU B 166 20.29 -12.98 44.69
C GLU B 166 20.03 -11.80 43.76
N MET B 167 21.09 -11.23 43.19
CA MET B 167 20.95 -10.16 42.20
C MET B 167 20.01 -10.57 41.07
N PHE B 168 20.04 -11.84 40.67
CA PHE B 168 19.20 -12.27 39.56
C PHE B 168 17.73 -12.31 39.95
N THR B 169 17.43 -12.75 41.17
CA THR B 169 16.07 -12.77 41.70
C THR B 169 15.49 -11.37 41.77
N TYR B 170 16.29 -10.42 42.28
CA TYR B 170 15.90 -9.02 42.29
C TYR B 170 15.54 -8.54 40.90
N ILE B 171 16.38 -8.85 39.91
CA ILE B 171 16.14 -8.37 38.55
C ILE B 171 14.86 -8.97 37.99
N CYS B 172 14.63 -10.25 38.26
CA CYS B 172 13.42 -10.91 37.80
C CYS B 172 12.18 -10.26 38.39
N ASN B 173 12.25 -9.85 39.67
CA ASN B 173 11.09 -9.19 40.25
CA ASN B 173 11.14 -9.16 40.32
C ASN B 173 10.95 -7.75 39.74
N HIS B 174 12.05 -7.10 39.38
CA HIS B 174 11.95 -5.81 38.69
C HIS B 174 11.16 -5.98 37.39
N ILE B 175 11.62 -6.88 36.52
CA ILE B 175 10.98 -7.13 35.24
C ILE B 175 9.50 -7.46 35.41
N LYS B 176 9.19 -8.30 36.40
CA LYS B 176 7.80 -8.71 36.59
C LYS B 176 6.95 -7.54 37.07
N TYR B 177 7.46 -6.75 38.02
CA TYR B 177 6.71 -5.59 38.50
C TYR B 177 6.53 -4.52 37.41
N ALA B 178 7.62 -4.19 36.71
CA ALA B 178 7.56 -3.11 35.75
C ALA B 178 6.72 -3.47 34.54
N THR B 179 6.73 -4.73 34.15
CA THR B 179 5.98 -5.16 32.97
C THR B 179 4.49 -5.17 33.27
N ASN B 180 4.13 -5.78 34.40
CA ASN B 180 2.78 -5.73 34.92
C ASN B 180 1.78 -6.15 33.83
N ARG B 181 2.18 -7.15 33.04
CA ARG B 181 1.32 -7.77 32.05
C ARG B 181 0.96 -6.78 30.93
N GLY B 182 1.85 -5.84 30.66
CA GLY B 182 1.68 -4.85 29.63
C GLY B 182 1.20 -3.50 30.11
N ASN B 183 0.81 -3.38 31.38
CA ASN B 183 0.51 -2.09 31.97
C ASN B 183 1.75 -1.62 32.74
N LEU B 184 2.67 -1.03 32.00
CA LEU B 184 4.03 -0.80 32.48
C LEU B 184 4.09 0.24 33.60
N ARG B 185 4.95 0.00 34.58
CA ARG B 185 5.20 0.89 35.71
C ARG B 185 6.67 1.26 35.75
N SER B 186 6.98 2.55 35.98
CA SER B 186 8.38 2.94 36.08
C SER B 186 8.99 2.44 37.39
N ALA B 187 10.18 1.87 37.30
CA ALA B 187 10.79 1.29 38.49
C ALA B 187 12.30 1.39 38.38
N ILE B 188 12.96 1.42 39.52
CA ILE B 188 14.41 1.24 39.56
C ILE B 188 14.75 0.30 40.72
N THR B 189 15.71 -0.59 40.50
CA THR B 189 16.23 -1.47 41.54
C THR B 189 17.69 -1.09 41.81
N VAL B 190 18.02 -0.75 43.05
CA VAL B 190 19.32 -0.19 43.34
C VAL B 190 20.12 -1.19 44.18
N PHE B 191 21.22 -1.65 43.62
CA PHE B 191 22.09 -2.64 44.24
C PHE B 191 23.13 -1.93 45.09
N PRO B 192 23.94 -2.67 45.85
CA PRO B 192 24.86 -2.02 46.79
C PRO B 192 25.76 -1.02 46.11
N GLN B 193 26.06 0.06 46.83
CA GLN B 193 26.95 1.10 46.33
C GLN B 193 28.39 0.63 46.26
N ARG B 194 29.15 1.28 45.38
CA ARG B 194 30.60 1.19 45.40
C ARG B 194 31.11 1.56 46.80
N CYS B 195 32.18 0.89 47.24
CA CYS B 195 32.73 1.13 48.57
C CYS B 195 34.14 0.56 48.62
N PRO B 196 35.00 1.08 49.49
CA PRO B 196 36.40 0.65 49.44
C PRO B 196 36.55 -0.77 49.97
N GLY B 197 37.43 -1.53 49.32
CA GLY B 197 37.75 -2.87 49.74
C GLY B 197 37.11 -3.96 48.91
N ARG B 198 35.99 -3.66 48.26
CA ARG B 198 35.19 -4.63 47.52
C ARG B 198 35.00 -4.14 46.10
N GLY B 199 34.99 -5.08 45.14
CA GLY B 199 34.64 -4.76 43.77
C GLY B 199 33.18 -4.39 43.67
N ASP B 200 32.77 -4.07 42.44
CA ASP B 200 31.42 -3.57 42.19
C ASP B 200 30.46 -4.69 41.79
N PHE B 201 29.19 -4.51 42.14
CA PHE B 201 28.12 -5.15 41.39
C PHE B 201 28.04 -4.50 40.01
N ARG B 202 27.84 -5.32 38.98
CA ARG B 202 27.69 -4.82 37.63
C ARG B 202 26.74 -5.73 36.88
N ILE B 203 25.88 -5.11 36.08
CA ILE B 203 25.16 -5.81 35.02
C ILE B 203 25.91 -5.55 33.72
N TRP B 204 26.35 -6.62 33.07
CA TRP B 204 27.18 -6.42 31.88
C TRP B 204 26.33 -6.02 30.68
N ASN B 205 25.08 -6.48 30.62
CA ASN B 205 24.14 -6.13 29.56
C ASN B 205 23.78 -4.65 29.62
N SER B 206 23.64 -4.03 28.46
CA SER B 206 23.26 -2.62 28.43
C SER B 206 21.78 -2.43 28.78
N GLN B 207 20.94 -3.42 28.51
CA GLN B 207 19.57 -3.42 28.95
C GLN B 207 19.21 -4.81 29.44
N LEU B 208 18.17 -4.90 30.29
CA LEU B 208 17.80 -6.20 30.82
C LEU B 208 17.28 -7.13 29.73
N VAL B 209 16.60 -6.58 28.72
CA VAL B 209 16.06 -7.36 27.59
C VAL B 209 16.71 -6.85 26.31
N ARG B 210 17.54 -7.68 25.68
CA ARG B 210 18.19 -7.33 24.42
C ARG B 210 18.15 -8.54 23.50
N TYR B 211 18.13 -8.27 22.20
CA TYR B 211 18.18 -9.33 21.21
C TYR B 211 19.61 -9.57 20.81
N ALA B 212 19.93 -10.84 20.59
CA ALA B 212 21.28 -11.21 20.24
C ALA B 212 21.66 -10.69 18.85
N GLY B 213 22.95 -10.52 18.64
CA GLY B 213 23.48 -10.17 17.34
C GLY B 213 24.59 -11.11 16.95
N TYR B 214 24.29 -12.04 16.03
CA TYR B 214 25.26 -13.05 15.62
C TYR B 214 26.03 -12.56 14.40
N ARG B 215 27.30 -12.27 14.61
CA ARG B 215 28.24 -12.05 13.51
C ARG B 215 28.23 -13.25 12.59
N GLN B 216 28.78 -13.10 11.41
CA GLN B 216 28.76 -14.21 10.47
C GLN B 216 29.92 -14.04 9.49
N GLN B 217 30.01 -15.00 8.59
CA GLN B 217 30.63 -14.84 7.28
C GLN B 217 29.60 -15.41 6.32
N ASP B 218 29.00 -14.57 5.46
CA ASP B 218 29.48 -13.28 4.93
C ASP B 218 29.46 -11.98 5.75
N GLY B 219 30.32 -11.88 6.77
CA GLY B 219 30.54 -10.63 7.51
C GLY B 219 29.35 -9.88 8.09
N SER B 220 28.13 -10.25 7.72
CA SER B 220 26.93 -9.55 8.15
C SER B 220 26.46 -10.05 9.51
N VAL B 221 25.47 -9.35 10.08
CA VAL B 221 24.98 -9.62 11.42
C VAL B 221 23.54 -10.09 11.34
N ARG B 222 23.25 -11.20 12.03
CA ARG B 222 21.88 -11.69 12.17
C ARG B 222 21.38 -11.31 13.54
N GLY B 223 20.22 -10.65 13.58
CA GLY B 223 19.74 -10.03 14.80
C GLY B 223 20.23 -8.60 14.94
N ASP B 224 20.50 -8.17 16.16
CA ASP B 224 20.70 -6.75 16.44
C ASP B 224 22.18 -6.41 16.46
N PRO B 225 22.70 -5.68 15.48
CA PRO B 225 24.14 -5.37 15.46
C PRO B 225 24.63 -4.52 16.65
N ALA B 226 23.74 -3.85 17.37
CA ALA B 226 24.18 -3.11 18.55
C ALA B 226 24.68 -4.02 19.66
N ASN B 227 24.40 -5.32 19.56
CA ASN B 227 24.61 -6.29 20.65
C ASN B 227 25.57 -7.39 20.26
N VAL B 228 26.47 -7.15 19.30
CA VAL B 228 27.43 -8.18 18.90
C VAL B 228 28.39 -8.47 20.05
N GLU B 229 28.90 -7.42 20.70
CA GLU B 229 29.90 -7.57 21.74
C GLU B 229 29.37 -8.37 22.93
N ILE B 230 28.23 -7.94 23.48
CA ILE B 230 27.60 -8.63 24.59
C ILE B 230 27.20 -10.05 24.18
N THR B 231 26.77 -10.23 22.91
CA THR B 231 26.43 -11.56 22.43
C THR B 231 27.64 -12.49 22.46
N GLU B 232 28.79 -12.00 22.00
CA GLU B 232 30.01 -12.82 22.00
C GLU B 232 30.45 -13.18 23.42
N LEU B 233 30.30 -12.24 24.35
CA LEU B 233 30.67 -12.51 25.74
C LEU B 233 29.77 -13.56 26.37
N CYS B 234 28.51 -13.63 25.94
CA CYS B 234 27.60 -14.60 26.53
C CYS B 234 27.97 -16.00 26.11
N ILE B 235 28.32 -16.17 24.84
CA ILE B 235 28.79 -17.46 24.33
C ILE B 235 30.08 -17.86 25.03
N GLN B 236 31.03 -16.92 25.11
CA GLN B 236 32.32 -17.19 25.72
C GLN B 236 32.17 -17.55 27.19
N HIS B 237 31.10 -17.09 27.84
CA HIS B 237 30.76 -17.51 29.18
C HIS B 237 29.76 -18.65 29.21
N GLY B 238 29.68 -19.43 28.13
CA GLY B 238 28.99 -20.71 28.14
C GLY B 238 27.63 -20.75 27.49
N TRP B 239 27.01 -19.60 27.22
CA TRP B 239 25.68 -19.58 26.62
C TRP B 239 25.66 -20.32 25.29
N THR B 240 24.69 -21.21 25.12
CA THR B 240 24.43 -21.82 23.81
C THR B 240 23.63 -20.87 22.93
N PRO B 241 24.24 -20.27 21.91
CA PRO B 241 23.52 -19.27 21.11
C PRO B 241 22.38 -19.90 20.31
N GLY B 242 21.46 -19.04 19.92
CA GLY B 242 20.46 -19.38 18.94
C GLY B 242 20.94 -18.98 17.56
N ASN B 243 19.99 -18.88 16.63
CA ASN B 243 20.36 -18.33 15.32
C ASN B 243 19.22 -17.53 14.68
N GLY B 244 18.23 -17.09 15.45
CA GLY B 244 17.19 -16.23 14.93
C GLY B 244 17.58 -14.78 14.99
N ARG B 245 16.66 -13.92 14.58
CA ARG B 245 16.88 -12.49 14.60
C ARG B 245 16.41 -11.84 15.90
N PHE B 246 15.67 -12.56 16.73
CA PHE B 246 15.06 -11.94 17.90
C PHE B 246 15.24 -12.85 19.11
N ASP B 247 16.46 -13.37 19.28
CA ASP B 247 16.79 -14.21 20.42
C ASP B 247 17.14 -13.33 21.62
N VAL B 248 16.34 -13.43 22.69
CA VAL B 248 16.59 -12.66 23.90
C VAL B 248 17.87 -13.17 24.56
N LEU B 249 18.73 -12.25 24.97
CA LEU B 249 20.05 -12.54 25.53
C LEU B 249 19.94 -13.02 26.98
N PRO B 250 20.90 -13.81 27.45
CA PRO B 250 20.96 -14.11 28.88
C PRO B 250 21.53 -12.91 29.62
N LEU B 251 21.42 -12.95 30.94
CA LEU B 251 22.04 -11.94 31.78
C LEU B 251 23.42 -12.39 32.21
N LEU B 252 24.37 -11.46 32.12
CA LEU B 252 25.72 -11.61 32.66
C LEU B 252 25.81 -10.71 33.89
N LEU B 253 25.79 -11.33 35.07
CA LEU B 253 25.72 -10.62 36.34
C LEU B 253 27.02 -10.80 37.13
N GLN B 254 27.64 -9.68 37.50
CA GLN B 254 28.91 -9.65 38.20
C GLN B 254 28.66 -9.23 39.66
N ALA B 255 29.00 -10.06 40.54
CA ALA B 255 29.06 -9.79 41.97
C ALA B 255 30.49 -9.38 42.35
N PRO B 256 30.67 -8.59 43.41
CA PRO B 256 31.99 -8.06 43.74
C PRO B 256 33.09 -9.11 43.69
N ASP B 257 34.17 -8.80 42.96
CA ASP B 257 35.40 -9.59 43.01
C ASP B 257 35.18 -11.02 42.51
N GLU B 258 34.28 -11.18 41.55
CA GLU B 258 33.79 -12.43 41.00
C GLU B 258 33.70 -12.25 39.49
N PRO B 259 34.04 -13.28 38.70
CA PRO B 259 33.73 -13.22 37.25
C PRO B 259 32.24 -13.07 37.06
N PRO B 260 31.78 -12.65 35.87
CA PRO B 260 30.33 -12.57 35.65
C PRO B 260 29.73 -13.97 35.62
N GLU B 261 28.44 -14.04 35.87
CA GLU B 261 27.74 -15.31 35.92
C GLU B 261 26.52 -15.20 35.02
N LEU B 262 26.32 -16.22 34.19
CA LEU B 262 25.28 -16.21 33.17
C LEU B 262 23.96 -16.70 33.76
N PHE B 263 22.87 -16.02 33.39
CA PHE B 263 21.53 -16.38 33.86
C PHE B 263 20.57 -16.23 32.70
N LEU B 264 19.82 -17.29 32.42
CA LEU B 264 18.75 -17.22 31.43
C LEU B 264 17.51 -16.57 32.04
N LEU B 265 16.92 -15.64 31.30
CA LEU B 265 15.64 -15.08 31.72
C LEU B 265 14.55 -16.13 31.50
N PRO B 266 13.65 -16.33 32.46
CA PRO B 266 12.49 -17.16 32.20
C PRO B 266 11.69 -16.58 31.06
N PRO B 267 11.48 -17.34 29.98
CA PRO B 267 10.85 -16.76 28.78
C PRO B 267 9.48 -16.13 29.03
N GLU B 268 8.71 -16.66 29.98
CA GLU B 268 7.41 -16.08 30.31
C GLU B 268 7.51 -14.79 31.10
N LEU B 269 8.72 -14.36 31.46
CA LEU B 269 8.89 -13.06 32.09
C LEU B 269 9.13 -11.94 31.08
N VAL B 270 9.56 -12.30 29.86
CA VAL B 270 9.92 -11.35 28.81
C VAL B 270 8.71 -11.21 27.88
N LEU B 271 7.95 -10.13 28.04
CA LEU B 271 6.79 -9.87 27.20
C LEU B 271 7.24 -9.27 25.87
N GLU B 272 6.78 -9.87 24.77
CA GLU B 272 7.12 -9.35 23.44
C GLU B 272 5.84 -8.95 22.71
N VAL B 273 6.03 -8.16 21.65
CA VAL B 273 4.93 -7.65 20.82
C VAL B 273 5.29 -8.07 19.40
N PRO B 274 4.54 -8.95 18.76
CA PRO B 274 4.75 -9.17 17.33
C PRO B 274 4.20 -7.99 16.56
N LEU B 275 4.90 -7.60 15.50
CA LEU B 275 4.60 -6.36 14.78
C LEU B 275 3.75 -6.64 13.55
N GLU B 276 2.56 -6.07 13.51
CA GLU B 276 1.72 -6.07 12.33
C GLU B 276 1.34 -4.63 11.99
N HIS B 277 1.01 -4.38 10.72
CA HIS B 277 0.54 -3.05 10.33
C HIS B 277 -0.98 -3.08 10.18
N PRO B 278 -1.67 -2.01 10.58
CA PRO B 278 -3.15 -2.03 10.54
C PRO B 278 -3.70 -2.24 9.15
N THR B 279 -2.99 -1.81 8.11
CA THR B 279 -3.53 -1.99 6.78
C THR B 279 -2.60 -2.73 5.84
N LEU B 280 -1.27 -2.68 6.01
CA LEU B 280 -0.39 -3.45 5.11
C LEU B 280 -0.23 -4.86 5.69
N GLU B 281 -1.00 -5.83 5.18
CA GLU B 281 -1.05 -7.14 5.82
C GLU B 281 0.17 -8.01 5.52
N TRP B 282 0.92 -7.71 4.46
CA TRP B 282 2.18 -8.41 4.27
C TRP B 282 3.19 -8.07 5.36
N PHE B 283 2.95 -7.00 6.13
CA PHE B 283 3.93 -6.57 7.15
C PHE B 283 4.14 -7.64 8.21
N ALA B 284 3.06 -8.32 8.62
CA ALA B 284 3.20 -9.40 9.59
C ALA B 284 4.17 -10.47 9.09
N ALA B 285 4.27 -10.66 7.78
CA ALA B 285 5.12 -11.70 7.22
C ALA B 285 6.60 -11.36 7.33
N LEU B 286 6.94 -10.14 7.75
CA LEU B 286 8.34 -9.84 8.02
C LEU B 286 8.82 -10.55 9.27
N GLY B 287 7.89 -10.93 10.14
CA GLY B 287 8.25 -11.62 11.37
C GLY B 287 8.99 -10.75 12.36
N LEU B 288 8.71 -9.45 12.40
CA LEU B 288 9.39 -8.59 13.35
C LEU B 288 8.67 -8.60 14.70
N ARG B 289 9.46 -8.37 15.74
CA ARG B 289 9.02 -8.36 17.13
C ARG B 289 9.79 -7.27 17.85
N TRP B 290 9.23 -6.76 18.94
CA TRP B 290 10.02 -6.01 19.90
C TRP B 290 9.53 -6.32 21.31
N TYR B 291 10.36 -5.97 22.30
CA TYR B 291 10.01 -6.32 23.68
C TYR B 291 9.28 -5.17 24.35
N ALA B 292 8.49 -5.51 25.38
CA ALA B 292 7.68 -4.50 26.06
C ALA B 292 8.54 -3.56 26.91
N LEU B 293 9.54 -4.09 27.63
CA LEU B 293 10.16 -3.34 28.71
C LEU B 293 11.49 -2.73 28.28
N PRO B 294 11.63 -1.41 28.28
CA PRO B 294 12.97 -0.83 28.10
C PRO B 294 13.67 -0.60 29.45
N ALA B 295 14.68 -1.40 29.79
CA ALA B 295 15.31 -1.37 31.12
C ALA B 295 16.80 -1.19 30.98
N VAL B 296 17.28 0.04 31.12
CA VAL B 296 18.68 0.37 30.97
C VAL B 296 19.46 -0.11 32.20
N SER B 297 20.52 -0.85 31.96
CA SER B 297 21.13 -1.55 33.08
C SER B 297 22.62 -1.30 33.23
N ASN B 298 23.19 -0.44 32.39
CA ASN B 298 24.63 -0.19 32.43
C ASN B 298 24.99 1.21 32.87
N MET B 299 24.05 1.99 33.38
CA MET B 299 24.37 3.33 33.82
C MET B 299 24.64 3.36 35.32
N LEU B 300 25.32 4.41 35.75
CA LEU B 300 25.74 4.59 37.14
C LEU B 300 24.86 5.63 37.80
N LEU B 301 24.27 5.27 38.92
CA LEU B 301 23.45 6.19 39.70
C LEU B 301 24.32 6.84 40.78
N GLU B 302 24.36 8.18 40.77
CA GLU B 302 25.15 8.95 41.72
C GLU B 302 24.20 9.74 42.62
N ILE B 303 24.33 9.56 43.93
CA ILE B 303 23.49 10.27 44.90
C ILE B 303 24.41 10.76 46.01
N GLY B 304 24.52 12.08 46.17
CA GLY B 304 25.26 12.64 47.28
C GLY B 304 26.70 12.19 47.38
N GLY B 305 27.36 12.00 46.23
CA GLY B 305 28.71 11.49 46.20
C GLY B 305 28.84 9.97 46.22
N LEU B 306 27.81 9.26 46.62
CA LEU B 306 27.85 7.81 46.53
C LEU B 306 27.59 7.37 45.11
N GLU B 307 28.19 6.23 44.74
CA GLU B 307 28.05 5.69 43.40
C GLU B 307 27.39 4.32 43.49
N PHE B 308 26.40 4.09 42.63
CA PHE B 308 25.76 2.77 42.54
C PHE B 308 25.95 2.33 41.10
N PRO B 309 26.95 1.47 40.82
CA PRO B 309 27.24 1.08 39.42
C PRO B 309 26.25 0.08 38.85
N ALA B 310 25.37 -0.48 39.68
CA ALA B 310 24.33 -1.41 39.23
C ALA B 310 23.02 -0.88 39.80
N ALA B 311 22.23 -0.23 38.96
CA ALA B 311 20.92 0.27 39.39
C ALA B 311 20.01 0.41 38.17
N PRO B 312 19.51 -0.71 37.66
CA PRO B 312 18.71 -0.66 36.42
C PRO B 312 17.39 0.04 36.65
N PHE B 313 16.95 0.79 35.64
CA PHE B 313 15.69 1.50 35.68
C PHE B 313 14.93 1.24 34.38
N SER B 314 13.61 1.31 34.46
CA SER B 314 12.79 1.05 33.28
C SER B 314 11.57 1.96 33.30
N GLY B 315 11.11 2.33 32.10
CA GLY B 315 9.85 3.04 31.97
C GLY B 315 8.91 2.33 31.00
N TRP B 316 8.56 3.02 29.92
CA TRP B 316 7.88 2.41 28.78
C TRP B 316 8.42 3.08 27.53
N TYR B 317 8.19 2.47 26.38
CA TYR B 317 8.83 2.95 25.16
C TYR B 317 8.09 4.16 24.61
N MET B 318 8.85 5.05 23.98
CA MET B 318 8.32 5.95 22.97
C MET B 318 8.48 5.30 21.60
N SER B 319 7.43 5.39 20.77
CA SER B 319 7.35 4.52 19.60
C SER B 319 8.52 4.71 18.64
N THR B 320 9.10 5.92 18.57
CA THR B 320 10.16 6.17 17.61
C THR B 320 11.44 5.43 17.95
N GLU B 321 11.65 5.08 19.23
CA GLU B 321 12.86 4.32 19.56
C GLU B 321 12.86 2.99 18.84
N ILE B 322 11.72 2.32 18.84
CA ILE B 322 11.58 1.06 18.13
C ILE B 322 11.46 1.28 16.62
N GLY B 323 10.43 2.02 16.20
CA GLY B 323 10.10 2.07 14.77
C GLY B 323 11.16 2.78 13.94
N THR B 324 11.68 3.89 14.45
CA THR B 324 12.70 4.62 13.72
C THR B 324 14.11 4.13 14.03
N ARG B 325 14.53 4.20 15.30
CA ARG B 325 15.93 3.93 15.59
C ARG B 325 16.24 2.44 15.49
N ASN B 326 15.54 1.61 16.26
CA ASN B 326 15.93 0.21 16.35
C ASN B 326 15.68 -0.54 15.03
N LEU B 327 14.63 -0.19 14.30
CA LEU B 327 14.34 -0.95 13.08
C LEU B 327 14.88 -0.31 11.80
N CYS B 328 15.03 1.02 11.73
CA CYS B 328 15.42 1.71 10.48
C CYS B 328 16.84 2.26 10.43
N ASP B 329 17.49 2.47 11.58
CA ASP B 329 18.90 2.86 11.56
C ASP B 329 19.67 1.93 10.62
N PRO B 330 20.55 2.46 9.76
CA PRO B 330 21.29 1.56 8.85
C PRO B 330 22.16 0.55 9.58
N HIS B 331 22.58 0.86 10.80
CA HIS B 331 23.44 -0.02 11.57
C HIS B 331 22.66 -0.86 12.57
N ARG B 332 21.34 -0.68 12.67
CA ARG B 332 20.50 -1.56 13.46
C ARG B 332 19.81 -2.55 12.51
N TYR B 333 18.50 -2.81 12.63
CA TYR B 333 17.91 -3.86 11.81
C TYR B 333 17.81 -3.45 10.33
N ASN B 334 17.84 -2.15 10.03
CA ASN B 334 17.98 -1.65 8.67
C ASN B 334 16.93 -2.23 7.72
N ILE B 335 15.65 -2.07 8.08
CA ILE B 335 14.59 -2.68 7.29
C ILE B 335 13.96 -1.74 6.28
N LEU B 336 14.35 -0.45 6.28
CA LEU B 336 13.62 0.60 5.59
C LEU B 336 13.38 0.29 4.11
N GLU B 337 14.45 -0.10 3.40
CA GLU B 337 14.31 -0.35 1.98
C GLU B 337 13.44 -1.57 1.69
N ASP B 338 13.63 -2.66 2.44
CA ASP B 338 12.77 -3.82 2.21
CA ASP B 338 12.78 -3.83 2.23
C ASP B 338 11.30 -3.48 2.46
N VAL B 339 11.03 -2.60 3.42
CA VAL B 339 9.65 -2.16 3.64
C VAL B 339 9.18 -1.30 2.48
N ALA B 340 10.03 -0.39 2.00
CA ALA B 340 9.59 0.52 0.95
C ALA B 340 9.37 -0.20 -0.38
N VAL B 341 10.16 -1.25 -0.65
CA VAL B 341 9.93 -2.07 -1.84
C VAL B 341 8.60 -2.79 -1.74
N CYS B 342 8.31 -3.40 -0.59
CA CYS B 342 7.02 -4.05 -0.39
C CYS B 342 5.86 -3.06 -0.50
N MET B 343 6.07 -1.81 -0.08
CA MET B 343 5.05 -0.78 -0.24
C MET B 343 4.89 -0.31 -1.69
N ASP B 344 5.66 -0.86 -2.62
CA ASP B 344 5.62 -0.46 -4.04
C ASP B 344 6.06 0.98 -4.22
N LEU B 345 6.92 1.48 -3.33
CA LEU B 345 7.41 2.83 -3.55
C LEU B 345 8.53 2.84 -4.60
N ASP B 346 8.83 4.03 -5.08
CA ASP B 346 9.86 4.24 -6.10
C ASP B 346 11.18 4.49 -5.38
N THR B 347 11.98 3.44 -5.21
CA THR B 347 13.21 3.53 -4.41
C THR B 347 14.44 3.94 -5.21
N ARG B 348 14.29 4.32 -6.48
CA ARG B 348 15.48 4.64 -7.27
C ARG B 348 15.83 6.11 -7.23
N THR B 349 14.93 6.98 -6.75
CA THR B 349 15.20 8.41 -6.60
C THR B 349 14.83 8.85 -5.19
N THR B 350 15.56 9.84 -4.67
CA THR B 350 15.28 10.30 -3.31
C THR B 350 14.09 11.22 -3.24
N SER B 351 13.81 12.00 -4.30
CA SER B 351 12.79 13.04 -4.24
C SER B 351 11.37 12.49 -4.10
N SER B 352 11.16 11.19 -4.29
CA SER B 352 9.85 10.60 -3.99
C SER B 352 9.58 10.50 -2.49
N LEU B 353 10.61 10.75 -1.65
CA LEU B 353 10.49 10.64 -0.20
C LEU B 353 10.07 9.22 0.21
N TRP B 354 10.59 8.22 -0.52
CA TRP B 354 10.28 6.83 -0.19
C TRP B 354 10.74 6.46 1.22
N LYS B 355 11.84 7.05 1.70
CA LYS B 355 12.35 6.66 3.01
C LYS B 355 11.43 7.18 4.10
N ASP B 356 11.04 8.46 3.99
CA ASP B 356 10.08 9.08 4.89
C ASP B 356 8.76 8.30 4.94
N LYS B 357 8.22 7.92 3.77
CA LYS B 357 6.94 7.23 3.76
C LYS B 357 7.03 5.86 4.42
N ALA B 358 8.09 5.10 4.13
CA ALA B 358 8.23 3.78 4.73
C ALA B 358 8.46 3.87 6.23
N ALA B 359 9.26 4.84 6.69
CA ALA B 359 9.48 5.00 8.13
C ALA B 359 8.19 5.39 8.84
N VAL B 360 7.36 6.24 8.22
CA VAL B 360 6.11 6.60 8.88
C VAL B 360 5.26 5.34 9.11
N GLU B 361 5.15 4.48 8.09
CA GLU B 361 4.35 3.27 8.26
C GLU B 361 4.96 2.30 9.28
N ILE B 362 6.29 2.19 9.35
CA ILE B 362 6.89 1.34 10.38
C ILE B 362 6.50 1.84 11.77
N ASN B 363 6.50 3.14 11.96
CA ASN B 363 6.13 3.69 13.26
C ASN B 363 4.66 3.45 13.57
N VAL B 364 3.79 3.54 12.54
CA VAL B 364 2.38 3.21 12.70
C VAL B 364 2.21 1.77 13.13
N ALA B 365 2.97 0.86 12.50
CA ALA B 365 2.89 -0.55 12.85
C ALA B 365 3.28 -0.77 14.30
N VAL B 366 4.30 -0.06 14.76
CA VAL B 366 4.74 -0.19 16.14
C VAL B 366 3.63 0.26 17.10
N LEU B 367 3.08 1.47 16.87
CA LEU B 367 2.01 1.99 17.70
C LEU B 367 0.80 1.05 17.69
N HIS B 368 0.38 0.63 16.50
CA HIS B 368 -0.74 -0.29 16.36
C HIS B 368 -0.50 -1.58 17.11
N SER B 369 0.68 -2.18 16.92
CA SER B 369 0.95 -3.50 17.45
C SER B 369 0.98 -3.50 18.98
N TYR B 370 1.59 -2.48 19.59
CA TYR B 370 1.61 -2.38 21.05
C TYR B 370 0.22 -2.07 21.60
N GLN B 371 -0.52 -1.18 20.94
CA GLN B 371 -1.90 -0.95 21.38
C GLN B 371 -2.72 -2.24 21.30
N LEU B 372 -2.60 -2.97 20.18
CA LEU B 372 -3.30 -4.25 20.03
C LEU B 372 -2.93 -5.22 21.16
N ALA B 373 -1.65 -5.31 21.48
CA ALA B 373 -1.17 -6.23 22.53
C ALA B 373 -1.41 -5.72 23.93
N LYS B 374 -1.96 -4.51 24.07
CA LYS B 374 -2.24 -3.88 25.38
C LYS B 374 -0.95 -3.67 26.17
N VAL B 375 0.06 -3.11 25.50
CA VAL B 375 1.34 -2.81 26.11
C VAL B 375 1.57 -1.31 25.98
N THR B 376 1.77 -0.65 27.12
CA THR B 376 2.04 0.78 27.17
C THR B 376 3.04 1.26 26.13
N ILE B 377 2.64 2.29 25.38
CA ILE B 377 3.54 2.98 24.45
C ILE B 377 3.02 4.40 24.28
N VAL B 378 3.94 5.35 24.09
CA VAL B 378 3.61 6.73 23.85
C VAL B 378 4.21 7.12 22.51
N ASP B 379 3.45 7.89 21.72
CA ASP B 379 3.99 8.37 20.45
C ASP B 379 4.78 9.66 20.70
N HIS B 380 5.61 10.04 19.71
CA HIS B 380 6.48 11.20 19.89
C HIS B 380 5.70 12.50 19.98
N HIS B 381 4.48 12.54 19.44
CA HIS B 381 3.66 13.72 19.60
C HIS B 381 3.16 13.87 21.04
N ALA B 382 2.63 12.79 21.60
CA ALA B 382 2.15 12.86 22.98
C ALA B 382 3.31 13.04 23.94
N ALA B 383 4.45 12.43 23.65
CA ALA B 383 5.58 12.48 24.59
C ALA B 383 6.17 13.88 24.63
N THR B 384 6.35 14.51 23.47
CA THR B 384 6.96 15.82 23.46
C THR B 384 6.01 16.87 23.99
N ALA B 385 4.70 16.65 23.86
CA ALA B 385 3.73 17.53 24.48
C ALA B 385 3.80 17.46 25.99
N SER B 386 3.93 16.25 26.54
CA SER B 386 4.01 16.16 27.99
C SER B 386 5.34 16.70 28.49
N PHE B 387 6.41 16.55 27.69
CA PHE B 387 7.68 17.15 28.08
C PHE B 387 7.59 18.67 28.13
N MET B 388 6.79 19.27 27.24
CA MET B 388 6.59 20.73 27.33
C MET B 388 5.93 21.12 28.65
N LYS B 389 4.91 20.37 29.08
CA LYS B 389 4.33 20.64 30.39
C LYS B 389 5.38 20.45 31.50
N HIS B 390 6.30 19.50 31.32
CA HIS B 390 7.35 19.29 32.31
C HIS B 390 8.25 20.52 32.42
N LEU B 391 8.57 21.13 31.28
CA LEU B 391 9.39 22.34 31.28
C LEU B 391 8.69 23.49 31.98
N GLU B 392 7.36 23.60 31.81
CA GLU B 392 6.63 24.62 32.54
C GLU B 392 6.59 24.30 34.03
N ASN B 393 6.26 23.05 34.38
CA ASN B 393 6.28 22.68 35.80
C ASN B 393 7.64 22.96 36.41
N GLU B 394 8.72 22.67 35.68
CA GLU B 394 10.03 22.80 36.28
C GLU B 394 10.47 24.24 36.38
N GLN B 395 10.19 25.06 35.37
CA GLN B 395 10.52 26.47 35.45
C GLN B 395 9.90 27.10 36.69
N LYS B 396 8.68 26.69 37.05
CA LYS B 396 8.04 27.26 38.22
C LYS B 396 8.57 26.62 39.51
N ALA B 397 8.96 25.35 39.44
CA ALA B 397 9.47 24.65 40.60
C ALA B 397 10.90 25.06 40.95
N ARG B 398 11.77 25.18 39.92
CA ARG B 398 13.20 25.26 40.14
C ARG B 398 13.93 26.32 39.33
N GLY B 399 13.23 27.15 38.56
CA GLY B 399 13.90 28.15 37.76
C GLY B 399 14.65 27.60 36.55
N GLY B 400 14.19 26.51 35.97
CA GLY B 400 14.84 25.96 34.80
C GLY B 400 14.72 24.45 34.78
N CYS B 401 15.30 23.87 33.71
CA CYS B 401 15.31 22.43 33.46
C CYS B 401 16.44 22.08 32.50
N PRO B 402 17.40 21.24 32.91
CA PRO B 402 18.45 20.83 31.97
C PRO B 402 17.91 19.90 30.89
N ALA B 403 18.22 20.19 29.63
CA ALA B 403 17.66 19.42 28.53
C ALA B 403 18.59 19.42 27.33
N ASP B 404 18.74 18.24 26.73
CA ASP B 404 19.60 18.05 25.56
C ASP B 404 18.71 18.02 24.33
N TRP B 405 18.68 19.14 23.62
CA TRP B 405 17.77 19.34 22.48
C TRP B 405 17.86 18.20 21.47
N ALA B 406 19.08 17.89 21.02
CA ALA B 406 19.30 16.85 20.01
C ALA B 406 18.79 15.48 20.42
N TRP B 407 18.66 15.21 21.74
CA TRP B 407 18.03 13.98 22.21
C TRP B 407 16.53 14.12 22.48
N ILE B 408 16.06 15.30 22.88
CA ILE B 408 14.64 15.48 23.15
C ILE B 408 13.83 15.51 21.86
N VAL B 409 14.35 16.18 20.83
CA VAL B 409 13.65 16.25 19.54
C VAL B 409 13.61 14.86 18.91
N PRO B 410 12.42 14.31 18.64
CA PRO B 410 12.32 12.96 18.07
C PRO B 410 13.02 12.85 16.73
N PRO B 411 13.39 11.63 16.33
CA PRO B 411 14.25 11.43 15.15
C PRO B 411 13.51 11.32 13.82
N ILE B 412 12.18 11.41 13.85
CA ILE B 412 11.35 11.74 12.69
C ILE B 412 10.41 12.85 13.14
N SER B 413 9.94 13.64 12.17
CA SER B 413 8.92 14.66 12.41
C SER B 413 9.38 15.69 13.44
N GLY B 414 10.68 15.97 13.48
CA GLY B 414 11.24 16.90 14.44
C GLY B 414 10.45 18.18 14.63
N SER B 415 10.31 18.99 13.57
CA SER B 415 9.67 20.30 13.72
C SER B 415 8.15 20.21 13.83
N LEU B 416 7.56 19.04 13.63
CA LEU B 416 6.13 18.90 13.90
C LEU B 416 5.84 18.80 15.39
N THR B 417 6.86 18.59 16.22
CA THR B 417 6.63 18.53 17.66
C THR B 417 7.02 19.86 18.29
N PRO B 418 6.44 20.17 19.45
CA PRO B 418 6.70 21.47 20.06
C PRO B 418 8.11 21.61 20.62
N VAL B 419 8.81 20.51 20.92
CA VAL B 419 10.14 20.64 21.50
C VAL B 419 11.14 21.20 20.49
N PHE B 420 10.92 20.94 19.19
CA PHE B 420 11.80 21.48 18.16
C PHE B 420 11.96 23.00 18.29
N HIS B 421 10.89 23.71 18.60
CA HIS B 421 10.85 25.17 18.64
C HIS B 421 11.18 25.75 20.01
N GLN B 422 11.57 24.90 20.96
CA GLN B 422 11.91 25.34 22.30
C GLN B 422 13.43 25.34 22.42
N GLU B 423 14.02 26.51 22.67
CA GLU B 423 15.42 26.53 23.06
C GLU B 423 15.56 25.85 24.42
N MET B 424 16.73 25.26 24.67
CA MET B 424 16.99 24.49 25.87
C MET B 424 18.44 24.68 26.34
N VAL B 425 18.64 24.58 27.65
CA VAL B 425 19.97 24.69 28.27
C VAL B 425 20.36 23.32 28.79
N ASN B 426 21.52 22.83 28.36
CA ASN B 426 22.04 21.54 28.81
C ASN B 426 23.06 21.76 29.91
N TYR B 427 22.88 21.07 31.04
CA TYR B 427 23.85 21.14 32.13
C TYR B 427 23.66 19.93 33.04
N PHE B 428 24.66 19.68 33.88
CA PHE B 428 24.69 18.49 34.71
C PHE B 428 24.34 18.83 36.15
N LEU B 429 23.26 18.22 36.65
CA LEU B 429 22.86 18.29 38.05
C LEU B 429 23.04 16.93 38.72
N SER B 430 23.19 16.96 40.04
CA SER B 430 23.30 15.76 40.84
C SER B 430 22.18 15.73 41.87
N PRO B 431 21.61 14.56 42.21
CA PRO B 431 21.80 13.20 41.68
C PRO B 431 21.67 13.07 40.16
N ALA B 432 22.33 12.05 39.62
CA ALA B 432 22.34 11.88 38.18
C ALA B 432 22.48 10.42 37.83
N PHE B 433 22.06 10.10 36.61
CA PHE B 433 22.49 8.89 35.94
C PHE B 433 23.64 9.27 35.02
N ARG B 434 24.74 8.54 35.17
CA ARG B 434 26.00 8.77 34.48
C ARG B 434 26.36 7.54 33.66
N TYR B 435 27.00 7.75 32.52
CA TYR B 435 27.60 6.63 31.80
C TYR B 435 28.88 6.18 32.50
N GLN B 436 29.17 4.90 32.38
CA GLN B 436 30.38 4.30 32.92
C GLN B 436 30.94 3.34 31.87
N PRO B 437 32.23 3.06 31.93
CA PRO B 437 32.82 2.17 30.91
C PRO B 437 32.32 0.74 31.06
N ASP B 438 32.39 -0.01 29.96
CA ASP B 438 32.01 -1.41 30.00
C ASP B 438 32.95 -2.18 30.92
N PRO B 439 32.44 -3.11 31.72
CA PRO B 439 33.31 -3.79 32.70
C PRO B 439 34.40 -4.64 32.07
N TRP B 440 34.23 -5.09 30.82
CA TRP B 440 35.26 -5.90 30.18
C TRP B 440 36.33 -5.05 29.49
N PHE C 28 -36.56 -30.49 -26.99
CA PHE C 28 -35.51 -31.32 -26.40
C PHE C 28 -34.12 -30.83 -26.78
N PRO C 29 -33.56 -29.92 -25.98
CA PRO C 29 -32.26 -29.31 -26.34
C PRO C 29 -31.16 -30.36 -26.51
N ARG C 30 -30.35 -30.15 -27.55
CA ARG C 30 -29.16 -30.95 -27.82
C ARG C 30 -27.97 -30.34 -27.09
N VAL C 31 -27.22 -31.18 -26.40
CA VAL C 31 -26.18 -30.75 -25.46
C VAL C 31 -24.90 -31.51 -25.79
N LYS C 32 -23.82 -30.78 -26.04
CA LYS C 32 -22.59 -31.37 -26.54
C LYS C 32 -21.46 -31.17 -25.53
N ASN C 33 -20.61 -32.19 -25.42
CA ASN C 33 -19.31 -32.07 -24.78
C ASN C 33 -18.25 -31.88 -25.85
N TRP C 34 -17.56 -30.73 -25.82
CA TRP C 34 -16.63 -30.34 -26.86
C TRP C 34 -15.26 -30.98 -26.71
N GLU C 35 -14.92 -31.47 -25.51
CA GLU C 35 -13.70 -32.23 -25.33
C GLU C 35 -13.83 -33.63 -25.93
N VAL C 36 -14.94 -34.29 -25.67
CA VAL C 36 -15.10 -35.67 -26.15
C VAL C 36 -15.84 -35.72 -27.47
N GLY C 37 -16.70 -34.74 -27.75
CA GLY C 37 -17.58 -34.81 -28.90
C GLY C 37 -18.89 -35.54 -28.67
N SER C 38 -19.19 -35.91 -27.43
CA SER C 38 -20.40 -36.69 -27.15
C SER C 38 -21.64 -35.79 -27.08
N ILE C 39 -22.77 -36.36 -27.48
CA ILE C 39 -24.05 -35.68 -27.53
C ILE C 39 -25.02 -36.36 -26.60
N THR C 40 -25.77 -35.58 -25.82
CA THR C 40 -26.96 -36.05 -25.12
C THR C 40 -28.10 -35.09 -25.40
N TYR C 41 -29.31 -35.51 -25.05
CA TYR C 41 -30.49 -34.68 -25.19
C TYR C 41 -31.12 -34.50 -23.81
N ASP C 42 -31.37 -33.25 -23.43
CA ASP C 42 -31.99 -32.98 -22.13
C ASP C 42 -33.50 -33.05 -22.32
N THR C 43 -34.08 -34.19 -21.96
CA THR C 43 -35.52 -34.36 -21.98
C THR C 43 -36.17 -33.99 -20.65
N LEU C 44 -35.37 -33.76 -19.60
CA LEU C 44 -35.88 -33.37 -18.30
C LEU C 44 -36.30 -31.90 -18.25
N SER C 45 -35.68 -31.05 -19.08
CA SER C 45 -35.99 -29.63 -19.07
C SER C 45 -37.43 -29.37 -19.44
N ALA C 46 -38.03 -30.25 -20.24
CA ALA C 46 -39.44 -30.10 -20.61
C ALA C 46 -40.37 -30.17 -19.42
N GLN C 47 -39.88 -30.59 -18.24
CA GLN C 47 -40.70 -30.66 -17.05
C GLN C 47 -40.34 -29.58 -16.04
N ALA C 48 -39.65 -28.54 -16.49
CA ALA C 48 -39.31 -27.43 -15.62
C ALA C 48 -40.58 -26.79 -15.09
N GLN C 49 -40.66 -26.64 -13.77
CA GLN C 49 -41.87 -26.14 -13.13
C GLN C 49 -42.06 -24.65 -13.41
N GLN C 50 -41.37 -23.81 -12.65
CA GLN C 50 -41.56 -22.37 -12.77
C GLN C 50 -40.87 -21.82 -13.99
N ASP C 51 -40.53 -20.52 -13.97
CA ASP C 51 -39.94 -19.85 -15.10
C ASP C 51 -38.68 -19.12 -14.67
N GLY C 52 -37.60 -19.31 -15.43
CA GLY C 52 -36.38 -18.57 -15.23
C GLY C 52 -36.42 -17.19 -15.84
N PRO C 53 -35.27 -16.53 -15.91
CA PRO C 53 -35.26 -15.10 -16.28
C PRO C 53 -35.07 -14.81 -17.76
N CYS C 54 -34.75 -15.81 -18.57
CA CYS C 54 -34.37 -15.57 -19.95
C CYS C 54 -35.62 -15.50 -20.82
N THR C 55 -35.45 -14.90 -22.01
CA THR C 55 -36.44 -14.90 -23.06
C THR C 55 -35.74 -15.12 -24.39
N PRO C 56 -36.49 -15.39 -25.47
CA PRO C 56 -35.87 -15.38 -26.80
C PRO C 56 -35.16 -14.07 -27.10
N ARG C 57 -35.59 -12.97 -26.49
CA ARG C 57 -34.97 -11.69 -26.78
C ARG C 57 -33.58 -11.58 -26.15
N ARG C 58 -33.43 -11.99 -24.88
CA ARG C 58 -32.21 -11.75 -24.13
C ARG C 58 -32.02 -12.82 -23.07
N CYS C 59 -30.78 -13.27 -22.92
CA CYS C 59 -30.39 -14.25 -21.92
C CYS C 59 -29.85 -13.54 -20.67
N LEU C 60 -30.51 -13.76 -19.54
CA LEU C 60 -30.09 -13.26 -18.23
C LEU C 60 -29.41 -14.35 -17.40
N GLY C 61 -28.86 -15.37 -18.06
CA GLY C 61 -28.20 -16.46 -17.36
C GLY C 61 -27.16 -16.04 -16.34
N SER C 62 -26.50 -14.90 -16.53
CA SER C 62 -25.40 -14.52 -15.65
C SER C 62 -25.83 -13.72 -14.42
N LEU C 63 -27.13 -13.52 -14.19
CA LEU C 63 -27.57 -12.72 -13.07
C LEU C 63 -27.63 -13.59 -11.81
N VAL C 64 -27.08 -13.07 -10.72
CA VAL C 64 -27.11 -13.80 -9.45
C VAL C 64 -28.53 -13.98 -8.94
N PHE C 65 -29.27 -12.88 -8.81
CA PHE C 65 -30.66 -12.94 -8.39
C PHE C 65 -31.58 -12.53 -9.54
N PRO C 66 -32.39 -13.45 -10.08
CA PRO C 66 -33.44 -13.06 -11.03
C PRO C 66 -34.84 -13.07 -10.39
N ALA C 79 -53.38 -18.46 -1.45
CA ALA C 79 -54.15 -19.23 -2.42
C ALA C 79 -54.34 -20.66 -1.93
N PRO C 80 -55.57 -21.01 -1.61
CA PRO C 80 -55.84 -22.37 -1.12
C PRO C 80 -55.80 -23.40 -2.22
N GLU C 81 -56.21 -23.02 -3.43
CA GLU C 81 -56.28 -23.94 -4.55
C GLU C 81 -54.94 -24.12 -5.25
N GLN C 82 -54.02 -23.16 -5.13
CA GLN C 82 -52.70 -23.31 -5.72
C GLN C 82 -51.86 -24.34 -4.97
N LEU C 83 -52.03 -24.41 -3.65
CA LEU C 83 -51.26 -25.32 -2.82
C LEU C 83 -51.46 -26.77 -3.27
N LEU C 84 -52.72 -27.16 -3.48
CA LEU C 84 -53.05 -28.55 -3.75
C LEU C 84 -52.36 -29.07 -5.01
N SER C 85 -52.25 -28.21 -6.03
CA SER C 85 -51.69 -28.67 -7.29
C SER C 85 -50.19 -28.92 -7.16
N GLN C 86 -49.47 -28.02 -6.50
CA GLN C 86 -48.06 -28.27 -6.22
C GLN C 86 -47.90 -29.48 -5.29
N ALA C 87 -48.81 -29.59 -4.31
CA ALA C 87 -48.75 -30.71 -3.38
C ALA C 87 -49.10 -32.01 -4.09
N ARG C 88 -50.07 -31.99 -5.02
CA ARG C 88 -50.37 -33.22 -5.74
C ARG C 88 -49.18 -33.62 -6.60
N ASP C 89 -48.49 -32.65 -7.20
CA ASP C 89 -47.38 -32.98 -8.10
C ASP C 89 -46.21 -33.61 -7.35
N PHE C 90 -45.93 -33.14 -6.13
CA PHE C 90 -44.82 -33.70 -5.38
C PHE C 90 -45.11 -35.15 -4.97
N ILE C 91 -46.36 -35.45 -4.61
CA ILE C 91 -46.70 -36.77 -4.11
C ILE C 91 -46.47 -37.83 -5.18
N ASN C 92 -46.87 -37.54 -6.43
CA ASN C 92 -46.67 -38.51 -7.49
C ASN C 92 -45.19 -38.62 -7.84
N GLN C 93 -44.48 -37.50 -7.79
CA GLN C 93 -43.02 -37.55 -7.84
C GLN C 93 -42.49 -38.52 -6.79
N TYR C 94 -43.03 -38.43 -5.57
CA TYR C 94 -42.54 -39.30 -4.49
C TYR C 94 -42.93 -40.76 -4.76
N TYR C 95 -44.21 -41.02 -5.03
CA TYR C 95 -44.62 -42.39 -5.22
C TYR C 95 -44.06 -43.00 -6.51
N SER C 96 -43.70 -42.18 -7.49
CA SER C 96 -42.94 -42.71 -8.62
C SER C 96 -41.53 -43.08 -8.20
N SER C 97 -40.91 -42.25 -7.36
CA SER C 97 -39.54 -42.48 -6.96
C SER C 97 -39.40 -43.75 -6.12
N ILE C 98 -40.45 -44.16 -5.42
CA ILE C 98 -40.38 -45.38 -4.62
C ILE C 98 -41.16 -46.51 -5.29
N LYS C 99 -41.49 -46.37 -6.57
CA LYS C 99 -42.05 -47.44 -7.40
C LYS C 99 -43.42 -47.92 -6.90
N ARG C 100 -44.22 -47.04 -6.33
CA ARG C 100 -45.56 -47.42 -5.87
C ARG C 100 -46.56 -46.31 -6.22
N SER C 101 -46.51 -45.84 -7.47
CA SER C 101 -47.44 -44.81 -7.96
C SER C 101 -48.71 -45.47 -8.49
N GLY C 102 -49.85 -44.81 -8.26
CA GLY C 102 -51.14 -45.39 -8.50
C GLY C 102 -51.54 -46.48 -7.53
N SER C 103 -50.59 -46.98 -6.73
CA SER C 103 -50.87 -47.97 -5.69
C SER C 103 -51.84 -47.38 -4.65
N GLN C 104 -52.33 -48.27 -3.77
CA GLN C 104 -53.27 -47.83 -2.74
C GLN C 104 -52.64 -46.82 -1.79
N ALA C 105 -51.34 -46.96 -1.51
CA ALA C 105 -50.65 -45.98 -0.69
C ALA C 105 -50.61 -44.61 -1.37
N HIS C 106 -50.47 -44.60 -2.70
CA HIS C 106 -50.50 -43.33 -3.42
C HIS C 106 -51.85 -42.64 -3.26
N GLU C 107 -52.93 -43.35 -3.57
CA GLU C 107 -54.25 -42.71 -3.58
C GLU C 107 -54.63 -42.22 -2.18
N GLN C 108 -54.24 -42.97 -1.14
CA GLN C 108 -54.61 -42.59 0.22
C GLN C 108 -53.97 -41.28 0.62
N ARG C 109 -52.68 -41.13 0.31
CA ARG C 109 -51.93 -39.94 0.69
C ARG C 109 -52.45 -38.68 -0.01
N LEU C 110 -53.09 -38.81 -1.16
CA LEU C 110 -53.65 -37.63 -1.83
C LEU C 110 -54.85 -37.07 -1.06
N GLN C 111 -55.79 -37.94 -0.66
CA GLN C 111 -56.95 -37.46 0.08
C GLN C 111 -56.54 -36.93 1.44
N GLU C 112 -55.50 -37.50 2.05
CA GLU C 112 -55.00 -36.98 3.31
C GLU C 112 -54.57 -35.53 3.17
N VAL C 113 -53.83 -35.22 2.09
CA VAL C 113 -53.36 -33.85 1.88
C VAL C 113 -54.53 -32.91 1.64
N GLU C 114 -55.47 -33.31 0.78
CA GLU C 114 -56.64 -32.51 0.46
C GLU C 114 -57.38 -32.06 1.72
N ALA C 115 -57.80 -33.03 2.55
CA ALA C 115 -58.63 -32.70 3.71
C ALA C 115 -57.86 -31.89 4.75
N GLU C 116 -56.53 -31.99 4.77
CA GLU C 116 -55.74 -31.27 5.76
C GLU C 116 -55.58 -29.80 5.38
N VAL C 117 -55.49 -29.49 4.09
CA VAL C 117 -55.50 -28.09 3.68
C VAL C 117 -56.89 -27.50 3.81
N ALA C 118 -57.94 -28.30 3.61
CA ALA C 118 -59.30 -27.82 3.84
C ALA C 118 -59.51 -27.49 5.32
N ALA C 119 -58.87 -28.24 6.20
CA ALA C 119 -59.06 -28.02 7.64
C ALA C 119 -58.19 -26.90 8.16
N THR C 120 -56.93 -26.80 7.71
CA THR C 120 -55.97 -25.91 8.34
C THR C 120 -55.23 -24.98 7.40
N GLY C 121 -55.50 -25.04 6.09
CA GLY C 121 -54.87 -24.16 5.13
C GLY C 121 -53.57 -24.67 4.54
N THR C 122 -52.83 -25.50 5.28
CA THR C 122 -51.63 -26.14 4.79
C THR C 122 -51.75 -27.63 5.12
N TYR C 123 -50.65 -28.35 5.05
CA TYR C 123 -50.65 -29.77 5.40
C TYR C 123 -49.27 -30.15 5.91
N GLN C 124 -49.18 -31.35 6.47
CA GLN C 124 -47.93 -31.85 7.04
C GLN C 124 -47.34 -32.93 6.14
N LEU C 125 -46.03 -32.84 5.89
CA LEU C 125 -45.31 -33.91 5.22
C LEU C 125 -45.04 -35.05 6.18
N ARG C 126 -45.14 -36.28 5.67
CA ARG C 126 -44.58 -37.42 6.38
C ARG C 126 -43.08 -37.23 6.51
N GLU C 127 -42.49 -37.88 7.51
CA GLU C 127 -41.06 -37.71 7.74
C GLU C 127 -40.27 -38.19 6.53
N SER C 128 -40.74 -39.25 5.88
CA SER C 128 -40.05 -39.79 4.70
C SER C 128 -40.21 -38.86 3.50
N GLU C 129 -41.41 -38.32 3.29
CA GLU C 129 -41.60 -37.31 2.26
C GLU C 129 -40.70 -36.11 2.51
N LEU C 130 -40.51 -35.72 3.77
CA LEU C 130 -39.62 -34.60 4.08
C LEU C 130 -38.17 -34.94 3.75
N VAL C 131 -37.74 -36.18 4.01
CA VAL C 131 -36.38 -36.56 3.67
C VAL C 131 -36.18 -36.58 2.17
N PHE C 132 -37.10 -37.22 1.45
CA PHE C 132 -37.02 -37.28 0.00
C PHE C 132 -37.02 -35.88 -0.62
N GLY C 133 -37.89 -35.00 -0.11
CA GLY C 133 -37.98 -33.65 -0.65
C GLY C 133 -36.74 -32.83 -0.40
N ALA C 134 -36.10 -33.02 0.76
CA ALA C 134 -34.85 -32.33 1.04
C ALA C 134 -33.75 -32.77 0.07
N LYS C 135 -33.60 -34.10 -0.11
CA LYS C 135 -32.58 -34.60 -1.04
C LYS C 135 -32.87 -34.18 -2.48
N GLN C 136 -34.14 -34.07 -2.86
CA GLN C 136 -34.48 -33.63 -4.21
C GLN C 136 -34.08 -32.17 -4.44
N ALA C 137 -34.36 -31.30 -3.47
CA ALA C 137 -34.04 -29.89 -3.63
C ALA C 137 -32.55 -29.67 -3.84
N TRP C 138 -31.72 -30.49 -3.20
CA TRP C 138 -30.28 -30.48 -3.44
C TRP C 138 -29.97 -31.00 -4.85
N ARG C 139 -30.46 -32.20 -5.16
CA ARG C 139 -30.27 -32.81 -6.48
C ARG C 139 -30.65 -31.85 -7.61
N ASN C 140 -31.67 -31.02 -7.40
CA ASN C 140 -32.16 -30.09 -8.40
C ASN C 140 -31.45 -28.75 -8.42
N ALA C 141 -30.65 -28.43 -7.40
CA ALA C 141 -29.95 -27.16 -7.29
C ALA C 141 -28.94 -26.95 -8.41
N PRO C 142 -29.23 -26.08 -9.38
CA PRO C 142 -28.38 -26.00 -10.58
C PRO C 142 -26.99 -25.48 -10.30
N ARG C 143 -26.81 -24.68 -9.27
CA ARG C 143 -25.50 -24.06 -9.04
C ARG C 143 -24.60 -24.86 -8.11
N CYS C 144 -24.98 -26.09 -7.74
CA CYS C 144 -24.19 -26.91 -6.83
C CYS C 144 -23.35 -27.91 -7.63
N VAL C 145 -22.03 -27.80 -7.52
CA VAL C 145 -21.14 -28.76 -8.18
C VAL C 145 -20.96 -30.04 -7.38
N GLY C 146 -21.42 -30.09 -6.12
CA GLY C 146 -21.19 -31.24 -5.26
C GLY C 146 -22.28 -32.29 -5.30
N ARG C 147 -23.12 -32.28 -6.34
CA ARG C 147 -24.37 -33.02 -6.29
C ARG C 147 -24.18 -34.53 -6.44
N ILE C 148 -22.99 -35.00 -6.80
CA ILE C 148 -22.69 -36.44 -6.75
C ILE C 148 -23.09 -37.04 -5.40
N GLN C 149 -23.14 -36.21 -4.36
CA GLN C 149 -23.40 -36.63 -2.99
C GLN C 149 -24.87 -36.56 -2.60
N TRP C 150 -25.79 -36.28 -3.54
CA TRP C 150 -27.14 -35.84 -3.18
C TRP C 150 -27.92 -36.90 -2.41
N GLY C 151 -27.67 -38.19 -2.66
CA GLY C 151 -28.39 -39.23 -1.94
C GLY C 151 -27.93 -39.47 -0.52
N LYS C 152 -26.82 -38.86 -0.12
CA LYS C 152 -26.24 -39.01 1.21
C LYS C 152 -26.37 -37.66 1.91
N LEU C 153 -27.47 -37.49 2.65
CA LEU C 153 -27.78 -36.26 3.37
C LEU C 153 -28.47 -36.64 4.67
N GLN C 154 -28.05 -36.02 5.77
CA GLN C 154 -28.67 -36.25 7.07
C GLN C 154 -29.72 -35.16 7.31
N VAL C 155 -30.96 -35.57 7.50
CA VAL C 155 -32.06 -34.64 7.68
C VAL C 155 -32.46 -34.65 9.14
N PHE C 156 -32.50 -33.46 9.74
CA PHE C 156 -32.91 -33.30 11.13
C PHE C 156 -34.27 -32.62 11.15
N ASP C 157 -35.28 -33.34 11.62
CA ASP C 157 -36.65 -32.86 11.63
C ASP C 157 -36.86 -31.96 12.84
N ALA C 158 -36.74 -30.65 12.64
CA ALA C 158 -36.96 -29.67 13.70
C ALA C 158 -38.33 -29.00 13.59
N ARG C 159 -39.31 -29.70 13.03
CA ARG C 159 -40.59 -29.06 12.75
C ARG C 159 -41.43 -28.85 14.00
N ASP C 160 -41.03 -29.44 15.12
CA ASP C 160 -41.69 -29.19 16.39
C ASP C 160 -40.99 -28.10 17.19
N CYS C 161 -40.10 -27.33 16.57
CA CYS C 161 -39.29 -26.36 17.30
C CYS C 161 -40.17 -25.26 17.87
N ARG C 162 -39.99 -24.98 19.17
CA ARG C 162 -40.88 -24.09 19.91
C ARG C 162 -40.37 -22.64 19.92
N SER C 163 -39.11 -22.42 20.28
CA SER C 163 -38.62 -21.07 20.51
C SER C 163 -37.27 -20.88 19.83
N ALA C 164 -36.64 -19.73 20.10
CA ALA C 164 -35.32 -19.42 19.55
C ALA C 164 -34.21 -20.11 20.33
N GLN C 165 -34.35 -20.19 21.66
CA GLN C 165 -33.43 -20.99 22.46
C GLN C 165 -33.47 -22.44 22.04
N GLU C 166 -34.62 -22.91 21.55
CA GLU C 166 -34.72 -24.27 21.02
C GLU C 166 -34.11 -24.35 19.63
N MET C 167 -34.41 -23.37 18.77
CA MET C 167 -33.77 -23.30 17.46
C MET C 167 -32.26 -23.33 17.60
N PHE C 168 -31.73 -22.64 18.61
CA PHE C 168 -30.30 -22.64 18.90
C PHE C 168 -29.78 -24.02 19.29
N THR C 169 -30.62 -24.84 19.94
CA THR C 169 -30.18 -26.18 20.31
C THR C 169 -30.15 -27.09 19.08
N TYR C 170 -31.15 -26.97 18.20
CA TYR C 170 -31.11 -27.70 16.93
C TYR C 170 -29.87 -27.31 16.13
N ILE C 171 -29.62 -26.00 15.98
CA ILE C 171 -28.47 -25.54 15.21
C ILE C 171 -27.18 -26.12 15.77
N CYS C 172 -27.02 -26.08 17.09
CA CYS C 172 -25.79 -26.55 17.71
C CYS C 172 -25.58 -28.05 17.52
N ASN C 173 -26.66 -28.84 17.55
CA ASN C 173 -26.53 -30.26 17.25
C ASN C 173 -26.26 -30.50 15.78
N HIS C 174 -26.84 -29.69 14.89
CA HIS C 174 -26.47 -29.76 13.48
C HIS C 174 -24.98 -29.53 13.30
N ILE C 175 -24.49 -28.38 13.76
CA ILE C 175 -23.07 -28.07 13.69
C ILE C 175 -22.23 -29.22 14.25
N LYS C 176 -22.62 -29.74 15.43
CA LYS C 176 -21.88 -30.83 16.05
C LYS C 176 -21.86 -32.06 15.17
N TYR C 177 -23.03 -32.50 14.72
CA TYR C 177 -23.12 -33.66 13.84
C TYR C 177 -22.32 -33.45 12.56
N ALA C 178 -22.49 -32.29 11.92
CA ALA C 178 -21.94 -32.09 10.59
C ALA C 178 -20.42 -31.96 10.63
N THR C 179 -19.89 -31.31 11.67
CA THR C 179 -18.45 -31.12 11.76
C THR C 179 -17.75 -32.45 12.00
N ASN C 180 -18.21 -33.22 13.00
CA ASN C 180 -17.72 -34.57 13.23
C ASN C 180 -16.19 -34.56 13.38
N ARG C 181 -15.71 -33.56 14.13
CA ARG C 181 -14.30 -33.36 14.42
C ARG C 181 -13.44 -33.28 13.16
N GLY C 182 -14.02 -32.81 12.04
CA GLY C 182 -13.28 -32.60 10.83
C GLY C 182 -13.61 -33.55 9.70
N ASN C 183 -14.18 -34.72 10.01
CA ASN C 183 -14.63 -35.63 8.97
C ASN C 183 -16.06 -35.23 8.62
N LEU C 184 -16.19 -34.30 7.68
CA LEU C 184 -17.45 -33.58 7.51
C LEU C 184 -18.53 -34.46 6.89
N ARG C 185 -19.77 -34.29 7.37
CA ARG C 185 -20.93 -35.04 6.91
C ARG C 185 -22.04 -34.07 6.51
N SER C 186 -22.63 -34.29 5.34
CA SER C 186 -23.69 -33.42 4.86
C SER C 186 -24.91 -33.52 5.78
N ALA C 187 -25.64 -32.42 5.91
CA ALA C 187 -26.80 -32.44 6.79
C ALA C 187 -27.69 -31.22 6.52
N ILE C 188 -28.96 -31.36 6.87
CA ILE C 188 -29.92 -30.25 6.83
C ILE C 188 -30.85 -30.37 8.03
N THR C 189 -31.12 -29.23 8.67
CA THR C 189 -32.11 -29.11 9.74
C THR C 189 -33.29 -28.33 9.21
N VAL C 190 -34.50 -28.87 9.38
CA VAL C 190 -35.71 -28.31 8.80
C VAL C 190 -36.59 -27.82 9.93
N PHE C 191 -36.79 -26.51 10.00
CA PHE C 191 -37.61 -25.86 10.99
C PHE C 191 -39.04 -25.71 10.48
N PRO C 192 -39.99 -25.36 11.34
CA PRO C 192 -41.40 -25.40 10.93
C PRO C 192 -41.70 -24.52 9.73
N GLN C 193 -42.63 -25.00 8.90
CA GLN C 193 -42.96 -24.29 7.68
C GLN C 193 -43.75 -23.02 7.99
N ARG C 194 -43.65 -22.06 7.09
CA ARG C 194 -44.53 -20.91 7.18
C ARG C 194 -45.96 -21.39 7.05
N CYS C 195 -46.86 -20.76 7.78
CA CYS C 195 -48.28 -20.98 7.62
C CYS C 195 -48.98 -19.65 7.83
N PRO C 196 -50.18 -19.47 7.27
CA PRO C 196 -50.86 -18.19 7.41
C PRO C 196 -51.21 -17.89 8.86
N GLY C 197 -51.51 -16.61 9.11
CA GLY C 197 -51.93 -16.16 10.43
C GLY C 197 -50.77 -15.89 11.38
N ARG C 198 -49.67 -16.63 11.22
CA ARG C 198 -48.53 -16.55 12.11
C ARG C 198 -47.26 -16.30 11.29
N GLY C 199 -46.23 -15.81 11.96
CA GLY C 199 -44.97 -15.52 11.32
C GLY C 199 -44.14 -16.75 11.00
N ASP C 200 -42.84 -16.52 10.85
CA ASP C 200 -41.93 -17.54 10.36
C ASP C 200 -40.75 -17.73 11.30
N PHE C 201 -40.07 -18.85 11.14
CA PHE C 201 -38.73 -19.03 11.68
C PHE C 201 -37.73 -18.55 10.65
N ARG C 202 -36.76 -17.74 11.09
CA ARG C 202 -35.72 -17.24 10.22
C ARG C 202 -34.40 -17.21 10.97
N ILE C 203 -33.32 -17.52 10.27
CA ILE C 203 -31.96 -17.25 10.73
C ILE C 203 -31.46 -16.04 9.96
N TRP C 204 -31.08 -14.99 10.70
CA TRP C 204 -30.70 -13.73 10.07
C TRP C 204 -29.31 -13.79 9.47
N ASN C 205 -28.44 -14.62 10.03
CA ASN C 205 -27.14 -14.86 9.43
C ASN C 205 -27.30 -15.57 8.09
N SER C 206 -26.42 -15.23 7.15
CA SER C 206 -26.42 -15.90 5.85
C SER C 206 -25.82 -17.29 5.95
N GLN C 207 -24.90 -17.49 6.88
CA GLN C 207 -24.33 -18.78 7.22
C GLN C 207 -24.23 -18.90 8.73
N LEU C 208 -24.25 -20.14 9.22
CA LEU C 208 -24.17 -20.35 10.66
C LEU C 208 -22.84 -19.86 11.21
N VAL C 209 -21.77 -19.96 10.41
CA VAL C 209 -20.45 -19.46 10.79
C VAL C 209 -20.08 -18.36 9.80
N ARG C 210 -19.86 -17.16 10.32
CA ARG C 210 -19.47 -16.00 9.53
C ARG C 210 -18.53 -15.14 10.37
N TYR C 211 -17.54 -14.53 9.72
CA TYR C 211 -16.64 -13.62 10.42
C TYR C 211 -17.18 -12.20 10.38
N ALA C 212 -17.02 -11.49 11.49
CA ALA C 212 -17.48 -10.12 11.57
C ALA C 212 -16.78 -9.26 10.51
N GLY C 213 -17.45 -8.16 10.16
CA GLY C 213 -16.86 -7.15 9.31
C GLY C 213 -17.08 -5.78 9.93
N TYR C 214 -15.99 -5.12 10.33
CA TYR C 214 -16.05 -3.84 11.02
C TYR C 214 -15.54 -2.72 10.12
N ARG C 215 -16.26 -1.61 10.11
CA ARG C 215 -15.88 -0.44 9.32
C ARG C 215 -15.07 0.54 10.15
N GLN C 216 -14.26 1.36 9.47
CA GLN C 216 -13.32 2.26 10.12
C GLN C 216 -13.54 3.68 9.61
N GLN C 217 -12.67 4.60 10.03
CA GLN C 217 -12.75 5.97 9.56
C GLN C 217 -11.98 6.20 8.26
N ASP C 218 -11.68 5.13 7.52
CA ASP C 218 -11.46 5.25 6.08
C ASP C 218 -12.72 4.94 5.30
N GLY C 219 -13.64 4.20 5.90
CA GLY C 219 -14.65 3.45 5.19
C GLY C 219 -14.25 2.03 4.90
N SER C 220 -12.96 1.71 5.04
CA SER C 220 -12.47 0.36 4.84
C SER C 220 -13.02 -0.56 5.93
N VAL C 221 -12.94 -1.86 5.65
CA VAL C 221 -13.49 -2.90 6.51
C VAL C 221 -12.34 -3.78 6.99
N ARG C 222 -12.28 -4.00 8.30
CA ARG C 222 -11.43 -5.00 8.93
C ARG C 222 -12.33 -6.20 9.28
N GLY C 223 -11.98 -7.36 8.75
CA GLY C 223 -12.86 -8.50 8.74
C GLY C 223 -13.40 -8.78 7.35
N ASP C 224 -14.48 -9.54 7.32
CA ASP C 224 -15.12 -9.94 6.07
C ASP C 224 -16.11 -8.87 5.62
N PRO C 225 -15.85 -8.20 4.49
CA PRO C 225 -16.74 -7.10 4.07
C PRO C 225 -18.14 -7.56 3.70
N ALA C 226 -18.32 -8.81 3.27
CA ALA C 226 -19.64 -9.36 3.03
C ALA C 226 -20.55 -9.32 4.26
N ASN C 227 -19.99 -9.14 5.46
CA ASN C 227 -20.78 -9.27 6.68
C ASN C 227 -20.88 -7.95 7.46
N VAL C 228 -20.60 -6.83 6.81
CA VAL C 228 -20.67 -5.52 7.46
C VAL C 228 -22.06 -5.29 8.03
N GLU C 229 -23.10 -5.74 7.33
CA GLU C 229 -24.47 -5.46 7.75
C GLU C 229 -24.86 -6.34 8.94
N ILE C 230 -24.77 -7.65 8.79
CA ILE C 230 -25.12 -8.57 9.87
C ILE C 230 -24.29 -8.26 11.12
N THR C 231 -23.03 -7.86 10.93
CA THR C 231 -22.22 -7.46 12.08
C THR C 231 -22.83 -6.27 12.80
N GLU C 232 -23.34 -5.28 12.05
CA GLU C 232 -23.96 -4.12 12.68
C GLU C 232 -25.28 -4.48 13.36
N LEU C 233 -26.03 -5.43 12.78
CA LEU C 233 -27.25 -5.89 13.43
C LEU C 233 -26.95 -6.60 14.74
N CYS C 234 -25.98 -7.51 14.73
CA CYS C 234 -25.61 -8.21 15.96
C CYS C 234 -25.19 -7.23 17.04
N ILE C 235 -24.34 -6.27 16.69
CA ILE C 235 -23.89 -5.26 17.65
C ILE C 235 -25.09 -4.56 18.28
N GLN C 236 -26.06 -4.16 17.47
CA GLN C 236 -27.23 -3.47 18.00
C GLN C 236 -28.00 -4.38 18.96
N HIS C 237 -28.44 -5.53 18.47
CA HIS C 237 -29.25 -6.45 19.27
C HIS C 237 -28.40 -7.15 20.32
N GLY C 238 -27.54 -6.42 21.02
CA GLY C 238 -26.84 -6.99 22.14
C GLY C 238 -25.35 -7.22 21.98
N TRP C 239 -24.92 -7.80 20.85
CA TRP C 239 -23.57 -8.34 20.76
C TRP C 239 -22.52 -7.28 21.01
N THR C 240 -21.61 -7.58 21.92
CA THR C 240 -20.45 -6.75 22.18
C THR C 240 -19.33 -7.16 21.22
N PRO C 241 -18.78 -6.24 20.42
CA PRO C 241 -17.98 -6.63 19.26
C PRO C 241 -16.50 -6.82 19.58
N GLY C 242 -15.84 -7.58 18.72
CA GLY C 242 -14.41 -7.74 18.76
C GLY C 242 -13.69 -6.72 17.89
N ASN C 243 -12.42 -7.00 17.63
CA ASN C 243 -11.63 -6.14 16.74
C ASN C 243 -10.59 -6.97 15.98
N GLY C 244 -10.97 -8.18 15.58
CA GLY C 244 -10.13 -9.03 14.76
C GLY C 244 -10.67 -9.16 13.35
N ARG C 245 -9.81 -9.69 12.47
CA ARG C 245 -10.21 -10.01 11.10
C ARG C 245 -10.96 -11.33 10.99
N PHE C 246 -11.08 -12.09 12.08
CA PHE C 246 -11.73 -13.39 12.01
C PHE C 246 -12.52 -13.64 13.28
N ASP C 247 -13.28 -12.64 13.73
CA ASP C 247 -14.18 -12.79 14.87
C ASP C 247 -15.46 -13.48 14.39
N VAL C 248 -15.66 -14.72 14.83
CA VAL C 248 -16.88 -15.45 14.51
C VAL C 248 -18.08 -14.70 15.06
N LEU C 249 -19.06 -14.46 14.19
CA LEU C 249 -20.22 -13.68 14.59
C LEU C 249 -21.12 -14.51 15.51
N PRO C 250 -21.96 -13.84 16.31
CA PRO C 250 -23.05 -14.56 16.98
C PRO C 250 -24.16 -14.93 16.01
N LEU C 251 -25.24 -15.50 16.53
CA LEU C 251 -26.37 -15.92 15.72
C LEU C 251 -27.60 -15.11 16.13
N LEU C 252 -28.24 -14.48 15.15
CA LEU C 252 -29.48 -13.74 15.33
C LEU C 252 -30.61 -14.65 14.86
N LEU C 253 -31.25 -15.31 15.81
CA LEU C 253 -32.28 -16.30 15.51
C LEU C 253 -33.65 -15.71 15.81
N GLN C 254 -34.59 -15.89 14.90
CA GLN C 254 -35.89 -15.26 14.98
C GLN C 254 -36.97 -16.32 15.00
N ALA C 255 -37.63 -16.47 16.14
CA ALA C 255 -38.84 -17.26 16.27
C ALA C 255 -40.04 -16.40 15.89
N PRO C 256 -41.14 -17.02 15.48
CA PRO C 256 -42.25 -16.24 14.88
C PRO C 256 -42.76 -15.13 15.78
N ASP C 257 -42.87 -13.94 15.19
CA ASP C 257 -43.55 -12.76 15.74
C ASP C 257 -42.84 -12.14 16.93
N GLU C 258 -41.59 -12.52 17.20
CA GLU C 258 -40.78 -11.85 18.20
C GLU C 258 -39.52 -11.30 17.53
N PRO C 259 -38.95 -10.21 18.06
CA PRO C 259 -37.64 -9.78 17.57
C PRO C 259 -36.62 -10.88 17.72
N PRO C 260 -35.56 -10.87 16.91
CA PRO C 260 -34.57 -11.94 16.99
C PRO C 260 -33.85 -11.89 18.32
N GLU C 261 -33.35 -13.06 18.74
CA GLU C 261 -32.56 -13.15 19.96
C GLU C 261 -31.11 -13.51 19.60
N LEU C 262 -30.18 -12.94 20.35
CA LEU C 262 -28.76 -13.07 20.06
C LEU C 262 -28.19 -14.27 20.83
N PHE C 263 -27.54 -15.18 20.12
CA PHE C 263 -26.93 -16.37 20.70
C PHE C 263 -25.48 -16.46 20.26
N LEU C 264 -24.60 -16.79 21.20
CA LEU C 264 -23.18 -16.94 20.93
C LEU C 264 -22.83 -18.41 20.73
N LEU C 265 -22.08 -18.71 19.68
CA LEU C 265 -21.67 -20.08 19.43
C LEU C 265 -20.55 -20.47 20.39
N PRO C 266 -20.65 -21.61 21.06
CA PRO C 266 -19.55 -22.08 21.89
C PRO C 266 -18.31 -22.31 21.05
N PRO C 267 -17.20 -21.63 21.38
CA PRO C 267 -16.01 -21.68 20.50
C PRO C 267 -15.55 -23.09 20.12
N GLU C 268 -15.64 -24.05 21.04
CA GLU C 268 -15.22 -25.41 20.73
C GLU C 268 -16.15 -26.10 19.74
N LEU C 269 -17.34 -25.54 19.49
CA LEU C 269 -18.19 -26.04 18.42
C LEU C 269 -17.70 -25.63 17.04
N VAL C 270 -16.98 -24.51 16.95
CA VAL C 270 -16.68 -23.86 15.67
C VAL C 270 -15.27 -24.25 15.25
N LEU C 271 -15.17 -25.26 14.39
CA LEU C 271 -13.86 -25.77 13.98
C LEU C 271 -13.23 -24.86 12.94
N GLU C 272 -12.03 -24.39 13.22
CA GLU C 272 -11.32 -23.52 12.29
C GLU C 272 -9.98 -24.13 11.90
N VAL C 273 -9.50 -23.71 10.74
CA VAL C 273 -8.26 -24.18 10.15
C VAL C 273 -7.34 -22.99 9.97
N PRO C 274 -6.30 -22.84 10.77
CA PRO C 274 -5.28 -21.81 10.47
C PRO C 274 -4.54 -22.19 9.20
N LEU C 275 -4.19 -21.19 8.40
CA LEU C 275 -3.70 -21.45 7.06
C LEU C 275 -2.19 -21.33 6.96
N GLU C 276 -1.57 -22.36 6.39
CA GLU C 276 -0.11 -22.40 6.21
CA GLU C 276 -0.11 -22.43 6.21
C GLU C 276 0.19 -22.91 4.80
N HIS C 277 1.39 -22.65 4.36
CA HIS C 277 1.77 -23.13 3.04
C HIS C 277 2.85 -24.22 3.15
N PRO C 278 2.74 -25.29 2.34
CA PRO C 278 3.70 -26.40 2.48
C PRO C 278 5.16 -26.01 2.30
N THR C 279 5.47 -25.01 1.48
CA THR C 279 6.87 -24.64 1.28
C THR C 279 7.19 -23.16 1.46
N LEU C 280 6.19 -22.29 1.63
CA LEU C 280 6.39 -20.87 1.90
C LEU C 280 6.22 -20.65 3.39
N GLU C 281 7.35 -20.52 4.11
CA GLU C 281 7.31 -20.48 5.57
C GLU C 281 6.56 -19.26 6.08
N TRP C 282 6.65 -18.13 5.38
CA TRP C 282 6.07 -16.87 5.84
C TRP C 282 4.55 -16.80 5.70
N PHE C 283 3.90 -17.77 5.06
CA PHE C 283 2.45 -17.67 4.85
C PHE C 283 1.70 -17.83 6.17
N ALA C 284 2.15 -18.77 7.01
CA ALA C 284 1.56 -18.95 8.34
C ALA C 284 1.45 -17.63 9.08
N ALA C 285 2.49 -16.81 8.99
CA ALA C 285 2.56 -15.56 9.74
C ALA C 285 1.57 -14.51 9.21
N LEU C 286 0.92 -14.75 8.08
CA LEU C 286 -0.10 -13.82 7.65
C LEU C 286 -1.33 -13.85 8.54
N GLY C 287 -1.47 -14.87 9.39
CA GLY C 287 -2.59 -14.97 10.31
C GLY C 287 -3.91 -15.39 9.69
N LEU C 288 -3.90 -15.87 8.44
CA LEU C 288 -5.16 -16.24 7.79
C LEU C 288 -5.73 -17.52 8.39
N ARG C 289 -7.06 -17.56 8.46
CA ARG C 289 -7.79 -18.69 8.99
C ARG C 289 -9.06 -18.86 8.20
N TRP C 290 -9.62 -20.06 8.20
CA TRP C 290 -11.01 -20.22 7.78
C TRP C 290 -11.65 -21.34 8.56
N TYR C 291 -12.97 -21.41 8.50
CA TYR C 291 -13.73 -22.36 9.30
C TYR C 291 -14.04 -23.63 8.50
N ALA C 292 -14.33 -24.69 9.25
CA ALA C 292 -14.47 -26.02 8.64
C ALA C 292 -15.78 -26.15 7.86
N LEU C 293 -16.88 -25.61 8.40
CA LEU C 293 -18.22 -26.04 8.01
C LEU C 293 -18.90 -24.97 7.16
N PRO C 294 -19.16 -25.23 5.88
CA PRO C 294 -19.96 -24.28 5.08
C PRO C 294 -21.44 -24.53 5.28
N ALA C 295 -22.12 -23.68 6.06
CA ALA C 295 -23.48 -23.97 6.49
C ALA C 295 -24.39 -22.79 6.14
N VAL C 296 -25.11 -22.89 5.03
CA VAL C 296 -25.91 -21.77 4.53
C VAL C 296 -27.29 -21.77 5.20
N SER C 297 -27.66 -20.62 5.76
CA SER C 297 -28.80 -20.55 6.66
C SER C 297 -29.84 -19.52 6.23
N ASN C 298 -29.77 -18.99 5.01
CA ASN C 298 -30.62 -17.88 4.62
C ASN C 298 -31.43 -18.18 3.36
N MET C 299 -31.50 -19.44 2.93
CA MET C 299 -32.31 -19.82 1.79
C MET C 299 -33.57 -20.52 2.28
N LEU C 300 -34.55 -20.63 1.39
CA LEU C 300 -35.86 -21.16 1.72
C LEU C 300 -36.06 -22.48 1.00
N LEU C 301 -36.46 -23.50 1.75
CA LEU C 301 -36.71 -24.83 1.20
C LEU C 301 -38.17 -24.96 0.80
N GLU C 302 -38.40 -25.47 -0.41
CA GLU C 302 -39.74 -25.57 -0.96
C GLU C 302 -40.01 -27.00 -1.39
N ILE C 303 -41.05 -27.61 -0.81
CA ILE C 303 -41.39 -29.02 -1.07
C ILE C 303 -42.90 -29.12 -1.26
N GLY C 304 -43.33 -29.46 -2.47
CA GLY C 304 -44.73 -29.69 -2.73
C GLY C 304 -45.64 -28.55 -2.34
N GLY C 305 -45.26 -27.32 -2.71
CA GLY C 305 -46.03 -26.15 -2.36
C GLY C 305 -45.83 -25.65 -0.95
N LEU C 306 -45.10 -26.37 -0.11
CA LEU C 306 -44.78 -25.89 1.23
C LEU C 306 -43.45 -25.14 1.22
N GLU C 307 -43.28 -24.27 2.21
CA GLU C 307 -42.13 -23.37 2.22
C GLU C 307 -41.55 -23.34 3.63
N PHE C 308 -40.25 -23.58 3.73
CA PHE C 308 -39.53 -23.62 5.00
C PHE C 308 -38.50 -22.49 5.01
N PRO C 309 -38.80 -21.36 5.65
CA PRO C 309 -37.89 -20.21 5.58
C PRO C 309 -36.61 -20.41 6.35
N ALA C 310 -36.55 -21.42 7.20
CA ALA C 310 -35.35 -21.75 7.97
C ALA C 310 -35.08 -23.24 7.78
N ALA C 311 -34.06 -23.55 6.98
CA ALA C 311 -33.69 -24.94 6.71
C ALA C 311 -32.19 -24.96 6.42
N PRO C 312 -31.36 -24.69 7.42
CA PRO C 312 -29.92 -24.61 7.17
C PRO C 312 -29.36 -25.97 6.77
N PHE C 313 -28.54 -25.96 5.71
CA PHE C 313 -27.87 -27.14 5.20
C PHE C 313 -26.37 -26.88 5.11
N SER C 314 -25.60 -27.96 5.06
CA SER C 314 -24.14 -27.87 5.12
C SER C 314 -23.53 -29.07 4.42
N GLY C 315 -22.38 -28.85 3.79
CA GLY C 315 -21.61 -29.93 3.20
C GLY C 315 -20.15 -29.86 3.61
N TRP C 316 -19.25 -29.78 2.63
CA TRP C 316 -17.86 -29.45 2.88
C TRP C 316 -17.36 -28.52 1.78
N TYR C 317 -16.32 -27.75 2.08
CA TYR C 317 -15.83 -26.75 1.14
C TYR C 317 -15.14 -27.40 -0.06
N MET C 318 -15.37 -26.80 -1.22
CA MET C 318 -14.43 -26.88 -2.32
C MET C 318 -13.42 -25.75 -2.14
N SER C 319 -12.15 -26.04 -2.40
CA SER C 319 -11.10 -25.14 -1.93
C SER C 319 -11.10 -23.80 -2.68
N THR C 320 -11.60 -23.73 -3.92
CA THR C 320 -11.62 -22.43 -4.58
C THR C 320 -12.61 -21.48 -3.91
N GLU C 321 -13.62 -22.00 -3.22
CA GLU C 321 -14.53 -21.09 -2.50
C GLU C 321 -13.75 -20.28 -1.48
N ILE C 322 -12.83 -20.93 -0.75
CA ILE C 322 -12.05 -20.25 0.26
C ILE C 322 -10.87 -19.51 -0.35
N GLY C 323 -10.02 -20.24 -1.07
CA GLY C 323 -8.77 -19.65 -1.51
C GLY C 323 -8.93 -18.60 -2.58
N THR C 324 -9.90 -18.80 -3.46
CA THR C 324 -10.07 -17.85 -4.56
C THR C 324 -11.12 -16.78 -4.24
N ARG C 325 -12.36 -17.20 -3.93
CA ARG C 325 -13.41 -16.20 -3.73
C ARG C 325 -13.33 -15.53 -2.36
N ASN C 326 -13.32 -16.31 -1.27
CA ASN C 326 -13.45 -15.66 0.03
C ASN C 326 -12.22 -14.84 0.39
N LEU C 327 -11.04 -15.29 -0.04
CA LEU C 327 -9.80 -14.59 0.30
C LEU C 327 -9.31 -13.66 -0.79
N CYS C 328 -9.65 -13.90 -2.07
CA CYS C 328 -9.08 -13.10 -3.15
C CYS C 328 -10.07 -12.22 -3.89
N ASP C 329 -11.37 -12.26 -3.61
CA ASP C 329 -12.27 -11.34 -4.29
C ASP C 329 -11.90 -9.92 -3.88
N PRO C 330 -12.01 -8.94 -4.80
CA PRO C 330 -11.69 -7.55 -4.42
C PRO C 330 -12.60 -7.02 -3.33
N HIS C 331 -13.79 -7.59 -3.20
CA HIS C 331 -14.76 -7.15 -2.21
C HIS C 331 -14.86 -8.11 -1.04
N ARG C 332 -13.98 -9.09 -0.96
CA ARG C 332 -13.86 -9.94 0.23
C ARG C 332 -12.58 -9.59 0.99
N TYR C 333 -11.80 -10.59 1.42
CA TYR C 333 -10.56 -10.26 2.14
C TYR C 333 -9.48 -9.65 1.25
N ASN C 334 -9.55 -9.86 -0.07
CA ASN C 334 -8.76 -9.11 -1.04
C ASN C 334 -7.26 -9.19 -0.75
N ILE C 335 -6.77 -10.40 -0.45
CA ILE C 335 -5.39 -10.57 0.04
C ILE C 335 -4.39 -10.76 -1.09
N LEU C 336 -4.87 -10.84 -2.34
CA LEU C 336 -4.04 -11.25 -3.46
C LEU C 336 -2.71 -10.49 -3.50
N GLU C 337 -2.75 -9.17 -3.40
CA GLU C 337 -1.52 -8.42 -3.56
C GLU C 337 -0.60 -8.56 -2.35
N ASP C 338 -1.18 -8.72 -1.16
CA ASP C 338 -0.36 -8.99 0.03
C ASP C 338 0.51 -10.22 -0.17
N VAL C 339 -0.10 -11.34 -0.58
CA VAL C 339 0.63 -12.59 -0.84
C VAL C 339 1.65 -12.42 -1.96
N ALA C 340 1.28 -11.72 -3.03
CA ALA C 340 2.25 -11.52 -4.11
C ALA C 340 3.43 -10.66 -3.67
N VAL C 341 3.18 -9.66 -2.84
CA VAL C 341 4.27 -8.87 -2.26
C VAL C 341 5.19 -9.78 -1.43
N CYS C 342 4.65 -10.82 -0.81
CA CYS C 342 5.51 -11.73 -0.05
C CYS C 342 6.28 -12.66 -0.97
N MET C 343 5.68 -13.05 -2.10
CA MET C 343 6.36 -13.95 -3.02
C MET C 343 7.39 -13.24 -3.89
N ASP C 344 7.60 -11.94 -3.66
CA ASP C 344 8.56 -11.15 -4.43
C ASP C 344 8.21 -11.14 -5.91
N LEU C 345 6.92 -11.08 -6.22
CA LEU C 345 6.49 -11.04 -7.61
C LEU C 345 6.49 -9.60 -8.13
N ASP C 346 6.64 -9.45 -9.44
CA ASP C 346 6.63 -8.11 -10.03
C ASP C 346 5.19 -7.69 -10.26
N THR C 347 4.64 -6.88 -9.35
CA THR C 347 3.25 -6.47 -9.43
C THR C 347 3.06 -5.16 -10.20
N ARG C 348 4.10 -4.64 -10.84
CA ARG C 348 3.98 -3.38 -11.58
C ARG C 348 3.42 -3.58 -12.99
N THR C 349 3.36 -4.82 -13.48
CA THR C 349 2.80 -5.11 -14.80
C THR C 349 1.93 -6.36 -14.73
N THR C 350 0.75 -6.29 -15.36
CA THR C 350 -0.18 -7.40 -15.30
C THR C 350 0.33 -8.64 -16.03
N SER C 351 1.30 -8.50 -16.94
CA SER C 351 1.65 -9.60 -17.82
C SER C 351 2.62 -10.59 -17.20
N SER C 352 3.15 -10.31 -16.01
CA SER C 352 3.93 -11.32 -15.30
C SER C 352 3.06 -12.40 -14.68
N LEU C 353 1.73 -12.18 -14.70
CA LEU C 353 0.74 -13.10 -14.14
C LEU C 353 0.93 -13.29 -12.64
N TRP C 354 1.35 -12.22 -11.97
CA TRP C 354 1.53 -12.26 -10.52
C TRP C 354 0.23 -12.57 -9.80
N LYS C 355 -0.88 -12.03 -10.29
CA LYS C 355 -2.18 -12.35 -9.70
C LYS C 355 -2.45 -13.84 -9.79
N ASP C 356 -2.08 -14.46 -10.91
CA ASP C 356 -2.37 -15.87 -11.10
C ASP C 356 -1.45 -16.75 -10.27
N LYS C 357 -0.21 -16.30 -10.08
CA LYS C 357 0.73 -17.13 -9.33
C LYS C 357 0.41 -17.10 -7.84
N ALA C 358 -0.02 -15.94 -7.34
CA ALA C 358 -0.38 -15.82 -5.94
C ALA C 358 -1.70 -16.53 -5.64
N ALA C 359 -2.66 -16.44 -6.57
CA ALA C 359 -3.93 -17.14 -6.36
C ALA C 359 -3.69 -18.63 -6.24
N VAL C 360 -2.80 -19.17 -7.08
CA VAL C 360 -2.61 -20.61 -7.07
C VAL C 360 -1.95 -21.02 -5.76
N GLU C 361 -0.99 -20.22 -5.28
CA GLU C 361 -0.34 -20.58 -4.04
C GLU C 361 -1.27 -20.44 -2.84
N ILE C 362 -2.22 -19.50 -2.91
CA ILE C 362 -3.22 -19.38 -1.85
C ILE C 362 -4.10 -20.62 -1.82
N ASN C 363 -4.53 -21.09 -2.99
CA ASN C 363 -5.30 -22.33 -3.05
C ASN C 363 -4.49 -23.53 -2.58
N VAL C 364 -3.17 -23.56 -2.87
CA VAL C 364 -2.32 -24.65 -2.40
C VAL C 364 -2.26 -24.64 -0.88
N ALA C 365 -2.14 -23.45 -0.29
CA ALA C 365 -2.12 -23.31 1.14
C ALA C 365 -3.43 -23.77 1.79
N VAL C 366 -4.55 -23.54 1.12
CA VAL C 366 -5.84 -23.93 1.69
C VAL C 366 -5.95 -25.45 1.72
N LEU C 367 -5.65 -26.10 0.60
CA LEU C 367 -5.75 -27.56 0.52
C LEU C 367 -4.79 -28.23 1.50
N HIS C 368 -3.54 -27.75 1.55
CA HIS C 368 -2.54 -28.30 2.47
C HIS C 368 -2.96 -28.13 3.92
N SER C 369 -3.50 -26.96 4.26
CA SER C 369 -3.87 -26.65 5.63
C SER C 369 -5.05 -27.49 6.09
N TYR C 370 -6.05 -27.66 5.22
CA TYR C 370 -7.19 -28.50 5.57
C TYR C 370 -6.77 -29.97 5.70
N GLN C 371 -5.99 -30.47 4.73
CA GLN C 371 -5.54 -31.85 4.77
C GLN C 371 -4.71 -32.11 6.02
N LEU C 372 -3.86 -31.16 6.39
CA LEU C 372 -3.01 -31.33 7.57
C LEU C 372 -3.83 -31.32 8.85
N ALA C 373 -4.94 -30.58 8.88
CA ALA C 373 -5.87 -30.57 10.00
C ALA C 373 -6.90 -31.69 9.92
N LYS C 374 -6.83 -32.55 8.91
CA LYS C 374 -7.79 -33.64 8.70
C LYS C 374 -9.22 -33.10 8.66
N VAL C 375 -9.41 -31.97 8.02
CA VAL C 375 -10.73 -31.41 7.76
C VAL C 375 -11.07 -31.69 6.30
N THR C 376 -12.25 -32.27 6.06
CA THR C 376 -12.69 -32.61 4.71
C THR C 376 -12.69 -31.37 3.82
N ILE C 377 -12.01 -31.48 2.68
CA ILE C 377 -12.01 -30.46 1.65
C ILE C 377 -11.82 -31.15 0.32
N VAL C 378 -12.30 -30.54 -0.76
CA VAL C 378 -12.17 -31.09 -2.11
C VAL C 378 -11.63 -30.00 -3.03
N ASP C 379 -10.70 -30.37 -3.89
CA ASP C 379 -10.12 -29.43 -4.80
C ASP C 379 -11.01 -29.35 -6.04
N HIS C 380 -10.80 -28.31 -6.83
CA HIS C 380 -11.72 -28.08 -7.93
C HIS C 380 -11.56 -29.07 -9.08
N HIS C 381 -10.39 -29.71 -9.20
CA HIS C 381 -10.22 -30.75 -10.21
C HIS C 381 -11.00 -32.01 -9.84
N ALA C 382 -10.90 -32.41 -8.56
CA ALA C 382 -11.64 -33.57 -8.11
C ALA C 382 -13.14 -33.32 -8.15
N ALA C 383 -13.55 -32.11 -7.78
CA ALA C 383 -14.97 -31.81 -7.67
C ALA C 383 -15.65 -31.76 -9.03
N THR C 384 -14.97 -31.21 -10.03
CA THR C 384 -15.59 -31.11 -11.35
C THR C 384 -15.63 -32.47 -12.04
N ALA C 385 -14.56 -33.27 -11.86
CA ALA C 385 -14.60 -34.65 -12.33
C ALA C 385 -15.79 -35.41 -11.74
N SER C 386 -16.06 -35.24 -10.45
CA SER C 386 -17.19 -35.92 -9.84
CA SER C 386 -17.20 -35.91 -9.83
C SER C 386 -18.51 -35.42 -10.44
N PHE C 387 -18.63 -34.10 -10.64
CA PHE C 387 -19.85 -33.56 -11.24
C PHE C 387 -20.12 -34.16 -12.61
N MET C 388 -19.06 -34.39 -13.38
CA MET C 388 -19.23 -35.02 -14.68
C MET C 388 -19.84 -36.42 -14.54
N LYS C 389 -19.37 -37.20 -13.56
CA LYS C 389 -20.03 -38.47 -13.30
C LYS C 389 -21.48 -38.27 -12.91
N HIS C 390 -21.76 -37.24 -12.10
CA HIS C 390 -23.13 -36.97 -11.73
C HIS C 390 -23.99 -36.64 -12.96
N LEU C 391 -23.43 -35.89 -13.93
CA LEU C 391 -24.16 -35.63 -15.16
C LEU C 391 -24.48 -36.92 -15.89
N GLU C 392 -23.48 -37.79 -16.02
CA GLU C 392 -23.68 -39.09 -16.66
C GLU C 392 -24.73 -39.91 -15.93
N ASN C 393 -24.62 -40.02 -14.60
CA ASN C 393 -25.61 -40.73 -13.80
C ASN C 393 -27.00 -40.13 -13.95
N GLU C 394 -27.10 -38.80 -13.89
CA GLU C 394 -28.40 -38.16 -13.99
C GLU C 394 -29.00 -38.33 -15.38
N GLN C 395 -28.16 -38.44 -16.40
CA GLN C 395 -28.67 -38.64 -17.75
C GLN C 395 -29.47 -39.94 -17.82
N LYS C 396 -28.91 -41.02 -17.28
CA LYS C 396 -29.61 -42.29 -17.20
C LYS C 396 -30.77 -42.22 -16.20
N ALA C 397 -30.52 -41.64 -15.03
CA ALA C 397 -31.56 -41.57 -13.99
C ALA C 397 -32.82 -40.87 -14.51
N ARG C 398 -32.67 -39.64 -15.02
CA ARG C 398 -33.81 -38.76 -15.23
C ARG C 398 -33.85 -38.10 -16.59
N GLY C 399 -32.90 -38.36 -17.49
CA GLY C 399 -32.90 -37.74 -18.80
C GLY C 399 -32.17 -36.41 -18.91
N GLY C 400 -31.48 -36.00 -17.86
CA GLY C 400 -30.77 -34.74 -17.88
C GLY C 400 -30.44 -34.29 -16.47
N CYS C 401 -30.07 -33.01 -16.37
CA CYS C 401 -29.69 -32.46 -15.09
C CYS C 401 -29.53 -30.94 -15.19
N PRO C 402 -30.29 -30.17 -14.40
CA PRO C 402 -30.17 -28.71 -14.45
C PRO C 402 -28.85 -28.22 -13.87
N ALA C 403 -28.20 -27.34 -14.62
CA ALA C 403 -26.88 -26.88 -14.20
C ALA C 403 -26.62 -25.48 -14.74
N ASP C 404 -26.06 -24.64 -13.85
CA ASP C 404 -25.72 -23.25 -14.13
C ASP C 404 -24.23 -23.21 -14.46
N TRP C 405 -23.93 -23.16 -15.77
CA TRP C 405 -22.55 -23.28 -16.23
C TRP C 405 -21.64 -22.30 -15.52
N ALA C 406 -22.09 -21.04 -15.37
CA ALA C 406 -21.27 -19.99 -14.77
C ALA C 406 -20.86 -20.31 -13.34
N TRP C 407 -21.65 -21.16 -12.65
CA TRP C 407 -21.42 -21.51 -11.25
C TRP C 407 -20.75 -22.87 -11.08
N ILE C 408 -20.91 -23.77 -12.04
CA ILE C 408 -20.26 -25.07 -11.97
C ILE C 408 -18.79 -24.94 -12.33
N VAL C 409 -18.46 -24.10 -13.31
CA VAL C 409 -17.07 -23.91 -13.72
C VAL C 409 -16.32 -23.13 -12.63
N PRO C 410 -15.22 -23.67 -12.09
CA PRO C 410 -14.54 -23.00 -10.95
C PRO C 410 -14.01 -21.62 -11.31
N PRO C 411 -13.77 -20.76 -10.32
CA PRO C 411 -13.26 -19.41 -10.58
C PRO C 411 -11.77 -19.33 -10.88
N ILE C 412 -11.03 -20.42 -10.82
CA ILE C 412 -9.68 -20.45 -11.38
C ILE C 412 -9.57 -21.68 -12.24
N SER C 413 -8.69 -21.60 -13.25
CA SER C 413 -8.36 -22.74 -14.10
C SER C 413 -9.60 -23.36 -14.75
N GLY C 414 -10.58 -22.52 -15.07
CA GLY C 414 -11.85 -23.02 -15.58
C GLY C 414 -11.70 -24.02 -16.71
N SER C 415 -10.95 -23.67 -17.75
CA SER C 415 -10.86 -24.59 -18.88
C SER C 415 -9.93 -25.78 -18.62
N LEU C 416 -9.22 -25.79 -17.50
CA LEU C 416 -8.50 -26.99 -17.10
C LEU C 416 -9.41 -28.06 -16.50
N THR C 417 -10.66 -27.71 -16.19
CA THR C 417 -11.56 -28.72 -15.66
C THR C 417 -12.54 -29.19 -16.73
N PRO C 418 -13.03 -30.43 -16.64
CA PRO C 418 -13.86 -30.96 -17.74
C PRO C 418 -15.20 -30.25 -17.92
N VAL C 419 -15.78 -29.67 -16.87
CA VAL C 419 -17.09 -29.03 -17.00
C VAL C 419 -17.05 -27.77 -17.87
N PHE C 420 -15.88 -27.19 -18.12
CA PHE C 420 -15.82 -26.02 -18.99
C PHE C 420 -16.23 -26.38 -20.42
N HIS C 421 -15.86 -27.57 -20.86
CA HIS C 421 -16.16 -28.05 -22.21
C HIS C 421 -17.52 -28.72 -22.31
N GLN C 422 -18.28 -28.70 -21.22
CA GLN C 422 -19.57 -29.39 -21.14
C GLN C 422 -20.68 -28.35 -21.26
N GLU C 423 -21.47 -28.44 -22.33
CA GLU C 423 -22.67 -27.62 -22.44
C GLU C 423 -23.69 -28.04 -21.39
N MET C 424 -24.37 -27.06 -20.81
CA MET C 424 -25.35 -27.34 -19.77
C MET C 424 -26.65 -26.59 -20.03
N VAL C 425 -27.73 -27.09 -19.42
CA VAL C 425 -29.07 -26.52 -19.55
C VAL C 425 -29.57 -26.14 -18.16
N ASN C 426 -29.92 -24.87 -17.98
CA ASN C 426 -30.42 -24.38 -16.70
C ASN C 426 -31.93 -24.27 -16.70
N TYR C 427 -32.56 -24.77 -15.64
CA TYR C 427 -34.00 -24.70 -15.44
C TYR C 427 -34.32 -25.00 -13.98
N PHE C 428 -35.55 -24.70 -13.59
CA PHE C 428 -35.98 -24.79 -12.21
C PHE C 428 -36.90 -26.00 -12.01
N LEU C 429 -36.47 -26.95 -11.20
CA LEU C 429 -37.32 -28.05 -10.76
C LEU C 429 -37.71 -27.84 -9.30
N SER C 430 -38.77 -28.53 -8.90
CA SER C 430 -39.19 -28.55 -7.51
C SER C 430 -39.23 -29.99 -7.02
N PRO C 431 -38.93 -30.25 -5.74
CA PRO C 431 -38.50 -29.36 -4.66
C PRO C 431 -37.24 -28.55 -4.94
N ALA C 432 -37.05 -27.46 -4.20
CA ALA C 432 -35.97 -26.55 -4.53
C ALA C 432 -35.56 -25.72 -3.32
N PHE C 433 -34.30 -25.27 -3.35
CA PHE C 433 -33.84 -24.18 -2.51
C PHE C 433 -33.93 -22.86 -3.28
N ARG C 434 -34.64 -21.89 -2.72
CA ARG C 434 -34.82 -20.56 -3.31
C ARG C 434 -34.09 -19.52 -2.48
N TYR C 435 -33.74 -18.42 -3.12
CA TYR C 435 -33.41 -17.23 -2.35
C TYR C 435 -34.68 -16.61 -1.81
N GLN C 436 -34.54 -15.82 -0.74
CA GLN C 436 -35.66 -15.16 -0.09
C GLN C 436 -35.19 -13.79 0.37
N PRO C 437 -36.12 -12.88 0.65
CA PRO C 437 -35.69 -11.56 1.12
C PRO C 437 -35.06 -11.68 2.50
N ASP C 438 -34.20 -10.71 2.83
CA ASP C 438 -33.69 -10.64 4.18
C ASP C 438 -34.86 -10.39 5.14
N PRO C 439 -34.77 -10.89 6.37
CA PRO C 439 -35.91 -10.73 7.31
C PRO C 439 -36.31 -9.28 7.53
N TRP C 440 -35.35 -8.41 7.83
CA TRP C 440 -35.66 -7.00 7.98
C TRP C 440 -36.12 -6.39 6.65
N PHE D 28 -36.87 -3.16 -18.20
CA PHE D 28 -35.49 -3.42 -18.61
C PHE D 28 -34.71 -4.21 -17.56
N PRO D 29 -33.89 -5.17 -18.00
CA PRO D 29 -33.12 -5.97 -17.02
C PRO D 29 -32.13 -5.12 -16.23
N ARG D 30 -32.18 -5.26 -14.92
CA ARG D 30 -31.23 -4.61 -14.03
C ARG D 30 -29.97 -5.44 -13.90
N VAL D 31 -28.82 -4.77 -14.02
CA VAL D 31 -27.51 -5.41 -14.11
C VAL D 31 -26.65 -4.84 -12.99
N LYS D 32 -26.09 -5.73 -12.18
CA LYS D 32 -25.29 -5.35 -11.02
C LYS D 32 -23.83 -5.78 -11.19
N ASN D 33 -22.91 -4.94 -10.74
CA ASN D 33 -21.50 -5.31 -10.60
C ASN D 33 -21.24 -5.54 -9.12
N TRP D 34 -20.84 -6.77 -8.77
CA TRP D 34 -20.73 -7.18 -7.37
C TRP D 34 -19.41 -6.78 -6.70
N GLU D 35 -18.40 -6.37 -7.47
CA GLU D 35 -17.15 -5.88 -6.90
C GLU D 35 -17.32 -4.46 -6.38
N VAL D 36 -17.88 -3.59 -7.21
CA VAL D 36 -18.13 -2.19 -6.89
C VAL D 36 -19.47 -1.98 -6.17
N GLY D 37 -20.42 -2.87 -6.39
CA GLY D 37 -21.77 -2.64 -5.89
C GLY D 37 -22.66 -1.82 -6.80
N SER D 38 -22.26 -1.52 -8.03
CA SER D 38 -23.00 -0.58 -8.86
C SER D 38 -24.09 -1.26 -9.71
N ILE D 39 -25.03 -0.43 -10.18
CA ILE D 39 -26.27 -0.91 -10.81
C ILE D 39 -26.54 -0.13 -12.08
N THR D 40 -26.90 -0.85 -13.15
CA THR D 40 -27.37 -0.25 -14.40
C THR D 40 -28.56 -1.05 -14.90
N TYR D 41 -29.25 -0.48 -15.87
CA TYR D 41 -30.34 -1.15 -16.58
C TYR D 41 -29.98 -1.18 -18.06
N ASP D 42 -30.27 -2.30 -18.71
CA ASP D 42 -29.86 -2.51 -20.09
C ASP D 42 -31.05 -2.19 -20.99
N THR D 43 -31.23 -0.92 -21.31
CA THR D 43 -32.31 -0.56 -22.22
C THR D 43 -32.04 -1.05 -23.64
N LEU D 44 -30.77 -1.26 -24.02
CA LEU D 44 -30.44 -1.61 -25.40
C LEU D 44 -30.99 -2.98 -25.79
N SER D 45 -31.12 -3.90 -24.83
CA SER D 45 -31.58 -5.25 -25.15
C SER D 45 -33.01 -5.24 -25.68
N ALA D 46 -33.80 -4.24 -25.31
CA ALA D 46 -35.16 -4.14 -25.85
C ALA D 46 -35.19 -4.12 -27.37
N GLN D 47 -34.09 -3.70 -28.00
CA GLN D 47 -34.02 -3.56 -29.45
C GLN D 47 -33.49 -4.80 -30.16
N ALA D 48 -33.16 -5.87 -29.44
CA ALA D 48 -32.85 -7.12 -30.12
C ALA D 48 -34.04 -7.56 -30.95
N GLN D 49 -33.86 -7.65 -32.26
CA GLN D 49 -34.94 -8.06 -33.13
C GLN D 49 -34.85 -9.53 -33.53
N GLN D 50 -33.66 -10.03 -33.85
CA GLN D 50 -33.49 -11.46 -34.01
C GLN D 50 -33.42 -12.13 -32.63
N ASP D 51 -33.58 -13.45 -32.62
CA ASP D 51 -33.90 -14.15 -31.39
C ASP D 51 -32.87 -15.21 -31.06
N GLY D 52 -32.67 -15.42 -29.76
CA GLY D 52 -31.73 -16.37 -29.24
C GLY D 52 -32.40 -17.64 -28.75
N PRO D 53 -31.61 -18.52 -28.14
CA PRO D 53 -32.06 -19.88 -27.84
C PRO D 53 -32.79 -20.08 -26.51
N CYS D 54 -32.84 -19.07 -25.64
CA CYS D 54 -33.39 -19.26 -24.30
C CYS D 54 -34.87 -18.98 -24.28
N THR D 55 -35.55 -19.60 -23.33
CA THR D 55 -36.95 -19.37 -23.03
C THR D 55 -37.10 -19.22 -21.53
N PRO D 56 -38.27 -18.77 -21.05
CA PRO D 56 -38.48 -18.73 -19.60
C PRO D 56 -38.42 -20.09 -18.94
N ARG D 57 -38.51 -21.19 -19.70
CA ARG D 57 -38.47 -22.51 -19.13
C ARG D 57 -37.06 -23.09 -19.03
N ARG D 58 -36.11 -22.64 -19.84
CA ARG D 58 -34.76 -23.18 -19.82
C ARG D 58 -33.79 -22.27 -20.56
N CYS D 59 -32.66 -21.95 -19.93
CA CYS D 59 -31.60 -21.12 -20.48
C CYS D 59 -30.54 -21.99 -21.15
N LEU D 60 -30.23 -21.65 -22.39
CA LEU D 60 -29.22 -22.34 -23.18
C LEU D 60 -28.00 -21.47 -23.43
N GLY D 61 -27.75 -20.52 -22.53
CA GLY D 61 -26.64 -19.60 -22.71
C GLY D 61 -25.27 -20.26 -22.91
N SER D 62 -25.08 -21.47 -22.41
CA SER D 62 -23.75 -22.08 -22.48
C SER D 62 -23.50 -22.85 -23.78
N LEU D 63 -24.50 -22.97 -24.66
CA LEU D 63 -24.32 -23.70 -25.92
C LEU D 63 -23.48 -22.91 -26.92
N VAL D 64 -22.56 -23.62 -27.57
CA VAL D 64 -21.62 -22.97 -28.49
C VAL D 64 -22.35 -22.50 -29.75
N PHE D 65 -23.14 -23.37 -30.35
CA PHE D 65 -23.92 -23.03 -31.55
C PHE D 65 -25.39 -23.21 -31.26
N PRO D 66 -26.15 -22.12 -31.07
CA PRO D 66 -27.62 -22.22 -31.00
C PRO D 66 -28.27 -22.54 -32.35
N ALA D 79 -38.21 -12.02 -50.45
CA ALA D 79 -37.73 -11.48 -49.19
C ALA D 79 -38.02 -9.99 -48.96
N PRO D 80 -38.87 -9.36 -49.79
CA PRO D 80 -38.72 -7.90 -50.00
C PRO D 80 -38.96 -7.06 -48.75
N GLU D 81 -40.06 -7.30 -48.02
CA GLU D 81 -40.38 -6.40 -46.91
C GLU D 81 -39.45 -6.62 -45.72
N GLN D 82 -39.04 -7.86 -45.49
CA GLN D 82 -38.10 -8.11 -44.40
C GLN D 82 -36.75 -7.50 -44.70
N LEU D 83 -36.28 -7.60 -45.95
CA LEU D 83 -35.02 -6.96 -46.33
C LEU D 83 -35.05 -5.47 -46.07
N LEU D 84 -36.18 -4.82 -46.39
CA LEU D 84 -36.30 -3.36 -46.29
C LEU D 84 -36.33 -2.89 -44.84
N SER D 85 -37.05 -3.59 -43.98
CA SER D 85 -37.11 -3.16 -42.59
C SER D 85 -35.74 -3.26 -41.93
N GLN D 86 -34.92 -4.25 -42.33
CA GLN D 86 -33.55 -4.37 -41.84
C GLN D 86 -32.64 -3.30 -42.44
N ALA D 87 -32.77 -3.07 -43.75
CA ALA D 87 -32.03 -2.01 -44.42
C ALA D 87 -32.37 -0.65 -43.85
N ARG D 88 -33.67 -0.38 -43.63
CA ARG D 88 -34.07 0.90 -43.07
C ARG D 88 -33.52 1.08 -41.67
N ASP D 89 -33.58 0.04 -40.85
CA ASP D 89 -33.00 0.17 -39.53
C ASP D 89 -31.50 0.43 -39.63
N PHE D 90 -30.84 -0.20 -40.59
CA PHE D 90 -29.40 0.01 -40.69
C PHE D 90 -29.12 1.46 -41.08
N ILE D 91 -29.84 1.96 -42.08
CA ILE D 91 -29.64 3.34 -42.51
C ILE D 91 -29.93 4.31 -41.37
N ASN D 92 -30.97 4.02 -40.58
CA ASN D 92 -31.22 4.87 -39.43
C ASN D 92 -30.03 4.85 -38.47
N GLN D 93 -29.44 3.66 -38.28
CA GLN D 93 -28.25 3.55 -37.43
C GLN D 93 -27.12 4.40 -37.96
N TYR D 94 -26.81 4.27 -39.25
CA TYR D 94 -25.74 5.06 -39.86
C TYR D 94 -25.97 6.56 -39.67
N TYR D 95 -27.18 7.06 -39.99
CA TYR D 95 -27.40 8.50 -39.92
C TYR D 95 -27.45 8.99 -38.47
N SER D 96 -27.88 8.15 -37.53
CA SER D 96 -27.74 8.51 -36.13
C SER D 96 -26.26 8.61 -35.73
N SER D 97 -25.40 7.77 -36.31
CA SER D 97 -24.01 7.77 -35.89
C SER D 97 -23.32 9.08 -36.22
N ILE D 98 -23.62 9.67 -37.38
CA ILE D 98 -22.95 10.90 -37.77
C ILE D 98 -23.77 12.12 -37.40
N LYS D 99 -24.75 11.97 -36.51
CA LYS D 99 -25.52 13.10 -35.98
C LYS D 99 -26.31 13.84 -37.06
N ARG D 100 -26.88 13.10 -38.00
CA ARG D 100 -27.68 13.73 -39.06
C ARG D 100 -28.97 12.96 -39.27
N SER D 101 -29.61 12.57 -38.16
CA SER D 101 -30.92 11.94 -38.22
CA SER D 101 -30.91 11.93 -38.24
C SER D 101 -32.00 12.93 -38.67
N GLY D 102 -32.96 12.45 -39.45
CA GLY D 102 -34.00 13.29 -39.98
C GLY D 102 -33.55 14.24 -41.08
N SER D 103 -32.27 14.25 -41.43
CA SER D 103 -31.77 15.16 -42.45
C SER D 103 -32.33 14.79 -43.82
N GLN D 104 -32.20 15.72 -44.75
CA GLN D 104 -32.57 15.43 -46.15
C GLN D 104 -31.77 14.27 -46.70
N ALA D 105 -30.45 14.23 -46.41
CA ALA D 105 -29.66 13.11 -46.89
C ALA D 105 -30.19 11.79 -46.33
N HIS D 106 -30.67 11.81 -45.10
CA HIS D 106 -31.22 10.61 -44.47
C HIS D 106 -32.46 10.13 -45.20
N GLU D 107 -33.42 11.04 -45.40
CA GLU D 107 -34.64 10.73 -46.17
C GLU D 107 -34.28 10.20 -47.55
N GLN D 108 -33.37 10.89 -48.23
CA GLN D 108 -33.05 10.53 -49.61
C GLN D 108 -32.37 9.16 -49.68
N ARG D 109 -31.48 8.85 -48.74
CA ARG D 109 -30.88 7.54 -48.77
C ARG D 109 -31.92 6.44 -48.60
N LEU D 110 -32.81 6.60 -47.62
CA LEU D 110 -33.88 5.64 -47.41
C LEU D 110 -34.69 5.42 -48.69
N GLN D 111 -35.14 6.50 -49.32
CA GLN D 111 -35.90 6.34 -50.55
C GLN D 111 -35.06 5.65 -51.61
N GLU D 112 -33.78 6.01 -51.69
CA GLU D 112 -32.89 5.37 -52.65
C GLU D 112 -32.80 3.86 -52.41
N VAL D 113 -32.65 3.43 -51.15
CA VAL D 113 -32.63 1.98 -50.89
C VAL D 113 -33.97 1.36 -51.29
N GLU D 114 -35.06 2.05 -50.94
CA GLU D 114 -36.39 1.50 -51.19
C GLU D 114 -36.62 1.29 -52.68
N ALA D 115 -36.18 2.25 -53.49
CA ALA D 115 -36.31 2.13 -54.94
C ALA D 115 -35.48 0.96 -55.46
N GLU D 116 -34.26 0.77 -54.93
CA GLU D 116 -33.41 -0.25 -55.53
C GLU D 116 -33.88 -1.65 -55.19
N VAL D 117 -34.35 -1.86 -53.96
CA VAL D 117 -34.96 -3.16 -53.64
C VAL D 117 -36.16 -3.40 -54.55
N ALA D 118 -36.91 -2.34 -54.84
CA ALA D 118 -38.09 -2.49 -55.69
C ALA D 118 -37.70 -2.89 -57.11
N ALA D 119 -36.63 -2.31 -57.65
CA ALA D 119 -36.25 -2.59 -59.03
C ALA D 119 -35.46 -3.88 -59.17
N THR D 120 -34.72 -4.28 -58.14
CA THR D 120 -33.73 -5.31 -58.29
C THR D 120 -33.83 -6.42 -57.25
N GLY D 121 -34.63 -6.24 -56.21
CA GLY D 121 -34.72 -7.22 -55.14
C GLY D 121 -33.65 -7.11 -54.09
N THR D 122 -32.63 -6.27 -54.27
CA THR D 122 -31.58 -6.05 -53.29
C THR D 122 -31.12 -4.60 -53.39
N TYR D 123 -30.02 -4.28 -52.70
CA TYR D 123 -29.39 -2.97 -52.85
C TYR D 123 -27.89 -3.12 -52.63
N GLN D 124 -27.19 -2.01 -52.78
CA GLN D 124 -25.74 -1.92 -52.60
C GLN D 124 -25.46 -0.88 -51.53
N LEU D 125 -24.57 -1.20 -50.60
CA LEU D 125 -24.16 -0.20 -49.62
C LEU D 125 -23.29 0.87 -50.26
N ARG D 126 -23.41 2.08 -49.73
CA ARG D 126 -22.37 3.08 -49.97
C ARG D 126 -21.09 2.64 -49.27
N GLU D 127 -19.95 3.09 -49.80
CA GLU D 127 -18.66 2.78 -49.18
C GLU D 127 -18.65 3.11 -47.70
N SER D 128 -19.09 4.33 -47.34
CA SER D 128 -19.10 4.73 -45.93
CA SER D 128 -19.11 4.73 -45.94
C SER D 128 -20.03 3.86 -45.10
N GLU D 129 -21.13 3.37 -45.69
CA GLU D 129 -22.02 2.51 -44.92
C GLU D 129 -21.38 1.17 -44.65
N LEU D 130 -20.58 0.68 -45.60
CA LEU D 130 -19.88 -0.57 -45.38
C LEU D 130 -18.92 -0.45 -44.21
N VAL D 131 -18.13 0.62 -44.18
CA VAL D 131 -17.16 0.82 -43.12
C VAL D 131 -17.87 0.87 -41.78
N PHE D 132 -18.91 1.69 -41.69
CA PHE D 132 -19.75 1.78 -40.49
C PHE D 132 -20.30 0.42 -40.08
N GLY D 133 -20.86 -0.32 -41.05
CA GLY D 133 -21.48 -1.59 -40.76
C GLY D 133 -20.51 -2.63 -40.24
N ALA D 134 -19.28 -2.65 -40.79
CA ALA D 134 -18.30 -3.61 -40.27
C ALA D 134 -17.94 -3.28 -38.83
N LYS D 135 -17.64 -2.02 -38.55
CA LYS D 135 -17.32 -1.60 -37.18
C LYS D 135 -18.44 -1.98 -36.23
N GLN D 136 -19.70 -1.75 -36.65
CA GLN D 136 -20.86 -2.01 -35.81
C GLN D 136 -21.09 -3.49 -35.56
N ALA D 137 -20.81 -4.32 -36.57
CA ALA D 137 -20.87 -5.76 -36.34
C ALA D 137 -19.88 -6.18 -35.25
N TRP D 138 -18.69 -5.60 -35.26
CA TRP D 138 -17.70 -5.87 -34.22
C TRP D 138 -18.21 -5.39 -32.86
N ARG D 139 -18.69 -4.14 -32.82
CA ARG D 139 -19.29 -3.55 -31.63
C ARG D 139 -20.36 -4.44 -31.00
N ASN D 140 -21.15 -5.12 -31.83
CA ASN D 140 -22.28 -5.96 -31.39
C ASN D 140 -21.89 -7.42 -31.13
N ALA D 141 -20.62 -7.80 -31.30
CA ALA D 141 -20.24 -9.19 -31.18
C ALA D 141 -20.19 -9.59 -29.70
N PRO D 142 -21.17 -10.35 -29.20
CA PRO D 142 -21.26 -10.52 -27.73
C PRO D 142 -20.10 -11.28 -27.12
N ARG D 143 -19.46 -12.18 -27.87
CA ARG D 143 -18.40 -13.06 -27.36
C ARG D 143 -17.00 -12.49 -27.48
N CYS D 144 -16.87 -11.20 -27.84
CA CYS D 144 -15.57 -10.58 -28.09
C CYS D 144 -15.22 -9.67 -26.94
N VAL D 145 -14.19 -10.05 -26.16
CA VAL D 145 -13.70 -9.14 -25.13
C VAL D 145 -12.85 -8.01 -25.68
N GLY D 146 -12.44 -8.07 -26.96
CA GLY D 146 -11.60 -7.01 -27.51
C GLY D 146 -12.29 -5.72 -27.96
N ARG D 147 -13.55 -5.51 -27.60
CA ARG D 147 -14.36 -4.48 -28.29
C ARG D 147 -14.08 -3.04 -27.89
N ILE D 148 -13.20 -2.76 -26.91
CA ILE D 148 -12.77 -1.38 -26.73
C ILE D 148 -12.16 -0.82 -28.00
N GLN D 149 -11.66 -1.69 -28.87
CA GLN D 149 -11.00 -1.28 -30.10
C GLN D 149 -11.97 -1.08 -31.29
N TRP D 150 -13.28 -1.20 -31.08
CA TRP D 150 -14.21 -1.42 -32.19
C TRP D 150 -14.17 -0.28 -33.20
N GLY D 151 -13.90 0.95 -32.75
CA GLY D 151 -13.87 2.09 -33.64
C GLY D 151 -12.65 2.17 -34.53
N LYS D 152 -11.58 1.46 -34.17
CA LYS D 152 -10.32 1.44 -34.93
C LYS D 152 -10.24 0.13 -35.68
N LEU D 153 -10.72 0.14 -36.92
CA LEU D 153 -10.84 -1.05 -37.73
C LEU D 153 -10.59 -0.63 -39.16
N GLN D 154 -9.57 -1.21 -39.78
CA GLN D 154 -9.30 -0.94 -41.18
C GLN D 154 -10.21 -1.80 -42.05
N VAL D 155 -11.00 -1.16 -42.90
CA VAL D 155 -11.98 -1.86 -43.74
C VAL D 155 -11.46 -1.86 -45.17
N PHE D 156 -11.15 -3.04 -45.68
CA PHE D 156 -10.75 -3.22 -47.06
C PHE D 156 -11.97 -3.63 -47.90
N ASP D 157 -12.33 -2.77 -48.86
CA ASP D 157 -13.50 -3.01 -49.69
C ASP D 157 -13.07 -3.89 -50.87
N ALA D 158 -13.47 -5.15 -50.85
CA ALA D 158 -13.15 -6.09 -51.92
C ALA D 158 -14.39 -6.51 -52.71
N ARG D 159 -15.42 -5.66 -52.73
CA ARG D 159 -16.68 -6.03 -53.36
C ARG D 159 -16.62 -6.10 -54.88
N ASP D 160 -15.55 -5.60 -55.50
CA ASP D 160 -15.38 -5.74 -56.94
C ASP D 160 -14.55 -6.97 -57.30
N CYS D 161 -14.26 -7.82 -56.32
CA CYS D 161 -13.47 -9.02 -56.55
C CYS D 161 -14.18 -9.99 -57.48
N ARG D 162 -13.41 -10.67 -58.34
CA ARG D 162 -14.05 -11.47 -59.38
C ARG D 162 -13.46 -12.86 -59.62
N SER D 163 -12.50 -13.32 -58.83
CA SER D 163 -11.94 -14.64 -59.08
C SER D 163 -11.23 -15.09 -57.82
N ALA D 164 -10.93 -16.39 -57.77
CA ALA D 164 -10.23 -16.94 -56.60
C ALA D 164 -8.80 -16.45 -56.55
N GLN D 165 -8.16 -16.26 -57.71
CA GLN D 165 -6.86 -15.62 -57.74
C GLN D 165 -6.91 -14.21 -57.17
N GLU D 166 -7.95 -13.44 -57.51
CA GLU D 166 -8.04 -12.09 -56.99
C GLU D 166 -8.36 -12.10 -55.49
N MET D 167 -9.20 -13.04 -55.04
CA MET D 167 -9.39 -13.21 -53.61
C MET D 167 -8.05 -13.33 -52.88
N PHE D 168 -7.15 -14.18 -53.41
CA PHE D 168 -5.88 -14.44 -52.76
C PHE D 168 -5.05 -13.18 -52.62
N THR D 169 -5.03 -12.35 -53.66
CA THR D 169 -4.30 -11.08 -53.59
C THR D 169 -4.85 -10.21 -52.48
N TYR D 170 -6.19 -10.14 -52.37
CA TYR D 170 -6.80 -9.38 -51.29
C TYR D 170 -6.39 -9.92 -49.92
N ILE D 171 -6.38 -11.25 -49.77
CA ILE D 171 -6.05 -11.88 -48.49
C ILE D 171 -4.57 -11.67 -48.15
N CYS D 172 -3.70 -11.74 -49.16
CA CYS D 172 -2.29 -11.49 -48.85
C CYS D 172 -2.10 -10.03 -48.44
N ASN D 173 -2.77 -9.10 -49.12
CA ASN D 173 -2.68 -7.71 -48.69
C ASN D 173 -3.26 -7.49 -47.29
N HIS D 174 -4.30 -8.26 -46.92
CA HIS D 174 -4.86 -8.13 -45.57
C HIS D 174 -3.84 -8.61 -44.54
N ILE D 175 -3.28 -9.81 -44.74
CA ILE D 175 -2.29 -10.35 -43.81
C ILE D 175 -1.13 -9.40 -43.65
N LYS D 176 -0.60 -8.87 -44.77
CA LYS D 176 0.56 -8.00 -44.68
C LYS D 176 0.24 -6.72 -43.92
N TYR D 177 -0.91 -6.11 -44.21
CA TYR D 177 -1.34 -4.92 -43.49
C TYR D 177 -1.53 -5.20 -42.00
N ALA D 178 -2.26 -6.25 -41.67
CA ALA D 178 -2.65 -6.48 -40.29
C ALA D 178 -1.48 -6.93 -39.44
N THR D 179 -0.56 -7.70 -40.04
CA THR D 179 0.63 -8.13 -39.33
C THR D 179 1.56 -6.95 -39.04
N ASN D 180 1.87 -6.17 -40.08
CA ASN D 180 2.67 -4.96 -39.91
C ASN D 180 3.96 -5.29 -39.16
N ARG D 181 4.56 -6.42 -39.53
CA ARG D 181 5.82 -6.94 -38.97
C ARG D 181 5.83 -6.94 -37.44
N GLY D 182 4.72 -7.37 -36.85
CA GLY D 182 4.61 -7.55 -35.41
C GLY D 182 3.72 -6.55 -34.71
N ASN D 183 3.53 -5.35 -35.29
CA ASN D 183 2.76 -4.31 -34.65
C ASN D 183 1.34 -4.32 -35.23
N LEU D 184 0.53 -5.24 -34.71
CA LEU D 184 -0.69 -5.70 -35.37
C LEU D 184 -1.75 -4.60 -35.44
N ARG D 185 -2.51 -4.62 -36.54
CA ARG D 185 -3.56 -3.65 -36.81
C ARG D 185 -4.82 -4.39 -37.21
N SER D 186 -5.92 -4.09 -36.52
CA SER D 186 -7.18 -4.78 -36.75
C SER D 186 -7.70 -4.41 -38.14
N ALA D 187 -8.22 -5.41 -38.85
CA ALA D 187 -8.68 -5.14 -40.21
C ALA D 187 -9.79 -6.10 -40.59
N ILE D 188 -10.51 -5.73 -41.64
CA ILE D 188 -11.46 -6.65 -42.23
C ILE D 188 -11.47 -6.39 -43.74
N THR D 189 -11.46 -7.46 -44.50
CA THR D 189 -11.62 -7.39 -45.96
C THR D 189 -12.96 -8.01 -46.29
N VAL D 190 -13.83 -7.28 -46.99
CA VAL D 190 -15.14 -7.86 -47.28
C VAL D 190 -15.32 -8.04 -48.78
N PHE D 191 -15.58 -9.29 -49.16
CA PHE D 191 -15.74 -9.73 -50.52
C PHE D 191 -17.20 -9.56 -50.94
N PRO D 192 -17.51 -9.78 -52.22
CA PRO D 192 -18.87 -9.50 -52.70
C PRO D 192 -19.97 -10.16 -51.89
N GLN D 193 -21.08 -9.42 -51.70
CA GLN D 193 -22.24 -9.88 -50.96
C GLN D 193 -22.94 -11.02 -51.69
N ARG D 194 -23.70 -11.81 -50.93
CA ARG D 194 -24.53 -12.84 -51.53
C ARG D 194 -25.57 -12.20 -52.46
N CYS D 195 -25.86 -12.88 -53.57
CA CYS D 195 -26.91 -12.36 -54.45
C CYS D 195 -27.49 -13.50 -55.29
N PRO D 196 -28.78 -13.44 -55.62
CA PRO D 196 -29.42 -14.56 -56.33
C PRO D 196 -28.81 -14.80 -57.70
N GLY D 197 -28.81 -16.07 -58.09
CA GLY D 197 -28.28 -16.46 -59.38
C GLY D 197 -26.78 -16.55 -59.46
N ARG D 198 -26.09 -16.55 -58.31
CA ARG D 198 -24.63 -16.65 -58.27
C ARG D 198 -24.22 -17.36 -56.99
N GLY D 199 -23.15 -18.15 -57.07
CA GLY D 199 -22.62 -18.74 -55.87
C GLY D 199 -21.94 -17.70 -55.00
N ASP D 200 -21.75 -18.09 -53.72
CA ASP D 200 -21.06 -17.26 -52.75
C ASP D 200 -19.55 -17.36 -52.91
N PHE D 201 -18.85 -16.25 -52.67
CA PHE D 201 -17.45 -16.33 -52.30
C PHE D 201 -17.34 -16.98 -50.92
N ARG D 202 -16.36 -17.87 -50.75
CA ARG D 202 -16.15 -18.53 -49.47
C ARG D 202 -14.67 -18.81 -49.25
N ILE D 203 -14.20 -18.53 -48.05
CA ILE D 203 -12.91 -19.04 -47.58
C ILE D 203 -13.23 -20.30 -46.78
N TRP D 204 -12.62 -21.42 -47.18
CA TRP D 204 -12.92 -22.69 -46.53
C TRP D 204 -12.21 -22.84 -45.19
N ASN D 205 -11.04 -22.22 -45.04
CA ASN D 205 -10.30 -22.24 -43.77
C ASN D 205 -11.06 -21.47 -42.69
N SER D 206 -10.93 -21.93 -41.44
CA SER D 206 -11.59 -21.23 -40.34
C SER D 206 -10.84 -19.98 -39.93
N GLN D 207 -9.53 -19.92 -40.20
CA GLN D 207 -8.71 -18.74 -40.01
C GLN D 207 -7.74 -18.67 -41.19
N LEU D 208 -7.24 -17.47 -41.46
CA LEU D 208 -6.28 -17.34 -42.56
C LEU D 208 -4.99 -18.10 -42.27
N VAL D 209 -4.56 -18.17 -41.00
CA VAL D 209 -3.37 -18.92 -40.60
C VAL D 209 -3.81 -20.03 -39.65
N ARG D 210 -3.41 -21.26 -39.98
CA ARG D 210 -3.79 -22.43 -39.19
C ARG D 210 -2.71 -23.49 -39.33
N TYR D 211 -2.49 -24.23 -38.26
CA TYR D 211 -1.54 -25.33 -38.33
C TYR D 211 -2.23 -26.60 -38.81
N ALA D 212 -1.49 -27.38 -39.59
CA ALA D 212 -2.01 -28.66 -40.05
C ALA D 212 -2.32 -29.60 -38.89
N GLY D 213 -3.36 -30.41 -39.08
CA GLY D 213 -3.68 -31.49 -38.17
C GLY D 213 -3.80 -32.80 -38.92
N TYR D 214 -2.78 -33.64 -38.82
CA TYR D 214 -2.72 -34.92 -39.55
C TYR D 214 -3.24 -36.04 -38.69
N ARG D 215 -4.36 -36.64 -39.08
CA ARG D 215 -4.93 -37.76 -38.34
C ARG D 215 -4.10 -39.01 -38.59
N GLN D 216 -3.60 -39.61 -37.52
CA GLN D 216 -2.79 -40.82 -37.62
C GLN D 216 -3.68 -42.05 -37.76
N GLN D 217 -3.03 -43.19 -37.99
CA GLN D 217 -3.79 -44.43 -38.13
C GLN D 217 -4.38 -44.92 -36.81
N ASP D 218 -3.79 -44.52 -35.68
CA ASP D 218 -4.29 -44.88 -34.36
C ASP D 218 -5.53 -44.07 -33.95
N GLY D 219 -5.84 -43.00 -34.67
CA GLY D 219 -6.79 -42.04 -34.16
C GLY D 219 -6.17 -40.92 -33.38
N SER D 220 -4.85 -40.89 -33.27
CA SER D 220 -4.14 -39.72 -32.73
C SER D 220 -4.08 -38.63 -33.80
N VAL D 221 -3.48 -37.50 -33.44
CA VAL D 221 -3.28 -36.39 -34.37
C VAL D 221 -1.90 -35.82 -34.14
N ARG D 222 -1.13 -35.67 -35.22
CA ARG D 222 0.07 -34.85 -35.22
C ARG D 222 -0.28 -33.45 -35.72
N GLY D 223 0.09 -32.44 -34.94
CA GLY D 223 -0.32 -31.08 -35.23
C GLY D 223 -1.55 -30.72 -34.43
N ASP D 224 -2.40 -29.87 -35.00
CA ASP D 224 -3.53 -29.32 -34.28
C ASP D 224 -4.77 -30.15 -34.56
N PRO D 225 -5.36 -30.76 -33.54
CA PRO D 225 -6.55 -31.58 -33.76
C PRO D 225 -7.76 -30.78 -34.23
N ALA D 226 -7.79 -29.47 -34.01
CA ALA D 226 -8.91 -28.65 -34.43
C ALA D 226 -9.05 -28.59 -35.95
N ASN D 227 -7.96 -28.83 -36.69
CA ASN D 227 -7.92 -28.60 -38.13
C ASN D 227 -7.77 -29.90 -38.92
N VAL D 228 -8.28 -31.01 -38.39
CA VAL D 228 -8.17 -32.29 -39.10
C VAL D 228 -8.99 -32.26 -40.39
N GLU D 229 -10.20 -31.69 -40.33
CA GLU D 229 -11.09 -31.71 -41.49
C GLU D 229 -10.53 -30.85 -42.62
N ILE D 230 -10.07 -29.64 -42.30
CA ILE D 230 -9.59 -28.73 -43.33
C ILE D 230 -8.25 -29.19 -43.87
N THR D 231 -7.43 -29.82 -43.02
CA THR D 231 -6.22 -30.50 -43.49
C THR D 231 -6.54 -31.60 -44.49
N GLU D 232 -7.58 -32.39 -44.21
CA GLU D 232 -7.90 -33.51 -45.10
C GLU D 232 -8.43 -33.03 -46.44
N LEU D 233 -9.20 -31.94 -46.42
CA LEU D 233 -9.65 -31.35 -47.68
C LEU D 233 -8.47 -30.79 -48.47
N CYS D 234 -7.47 -30.23 -47.79
CA CYS D 234 -6.32 -29.68 -48.48
C CYS D 234 -5.52 -30.76 -49.19
N ILE D 235 -5.25 -31.88 -48.51
CA ILE D 235 -4.60 -33.01 -49.16
C ILE D 235 -5.36 -33.40 -50.41
N GLN D 236 -6.66 -33.68 -50.22
CA GLN D 236 -7.53 -34.13 -51.29
C GLN D 236 -7.63 -33.13 -52.43
N HIS D 237 -7.37 -31.84 -52.18
CA HIS D 237 -7.36 -30.85 -53.24
C HIS D 237 -5.96 -30.55 -53.75
N GLY D 238 -5.01 -31.48 -53.57
CA GLY D 238 -3.74 -31.42 -54.25
C GLY D 238 -2.57 -30.87 -53.45
N TRP D 239 -2.76 -30.55 -52.18
CA TRP D 239 -1.64 -30.09 -51.36
C TRP D 239 -0.74 -31.27 -50.98
N THR D 240 0.56 -31.05 -51.08
CA THR D 240 1.53 -32.02 -50.58
C THR D 240 1.78 -31.73 -49.10
N PRO D 241 1.29 -32.57 -48.19
CA PRO D 241 1.38 -32.24 -46.75
C PRO D 241 2.80 -32.32 -46.22
N GLY D 242 2.95 -31.80 -45.01
CA GLY D 242 4.13 -32.02 -44.20
C GLY D 242 3.95 -33.17 -43.24
N ASN D 243 4.73 -33.14 -42.16
CA ASN D 243 4.59 -34.11 -41.08
C ASN D 243 5.05 -33.52 -39.74
N GLY D 244 4.99 -32.20 -39.62
CA GLY D 244 5.32 -31.50 -38.39
C GLY D 244 4.08 -31.07 -37.63
N ARG D 245 4.32 -30.52 -36.44
CA ARG D 245 3.28 -30.06 -35.54
C ARG D 245 2.82 -28.63 -35.84
N PHE D 246 3.61 -27.86 -36.59
CA PHE D 246 3.32 -26.45 -36.79
C PHE D 246 3.43 -26.08 -38.27
N ASP D 247 2.84 -26.93 -39.12
CA ASP D 247 2.82 -26.72 -40.57
C ASP D 247 1.68 -25.80 -40.93
N VAL D 248 1.99 -24.68 -41.59
CA VAL D 248 0.96 -23.72 -41.95
C VAL D 248 0.16 -24.25 -43.13
N LEU D 249 -1.16 -24.24 -42.98
CA LEU D 249 -2.04 -24.75 -44.01
C LEU D 249 -2.08 -23.84 -45.24
N PRO D 250 -2.31 -24.41 -46.41
CA PRO D 250 -2.67 -23.60 -47.58
C PRO D 250 -4.11 -23.12 -47.49
N LEU D 251 -4.42 -22.09 -48.29
CA LEU D 251 -5.78 -21.57 -48.32
C LEU D 251 -6.59 -22.30 -49.40
N LEU D 252 -7.83 -22.66 -49.05
CA LEU D 252 -8.81 -23.13 -50.04
C LEU D 252 -9.80 -22.00 -50.27
N LEU D 253 -9.75 -21.42 -51.46
CA LEU D 253 -10.54 -20.24 -51.79
C LEU D 253 -11.57 -20.59 -52.86
N GLN D 254 -12.81 -20.16 -52.62
CA GLN D 254 -13.94 -20.50 -53.46
C GLN D 254 -14.54 -19.21 -54.01
N ALA D 255 -14.54 -19.08 -55.28
CA ALA D 255 -15.20 -18.03 -56.04
C ALA D 255 -16.55 -18.57 -56.53
N PRO D 256 -17.48 -17.68 -56.90
CA PRO D 256 -18.85 -18.14 -57.24
C PRO D 256 -18.88 -19.30 -58.22
N ASP D 257 -19.61 -20.35 -57.84
CA ASP D 257 -19.95 -21.49 -58.73
C ASP D 257 -18.70 -22.24 -59.19
N GLU D 258 -17.66 -22.28 -58.36
CA GLU D 258 -16.41 -22.93 -58.69
C GLU D 258 -15.94 -23.79 -57.54
N PRO D 259 -15.28 -24.91 -57.82
CA PRO D 259 -14.64 -25.67 -56.74
C PRO D 259 -13.57 -24.82 -56.04
N PRO D 260 -13.32 -25.09 -54.78
CA PRO D 260 -12.29 -24.30 -54.08
C PRO D 260 -10.93 -24.45 -54.74
N GLU D 261 -10.14 -23.39 -54.66
CA GLU D 261 -8.81 -23.37 -55.24
C GLU D 261 -7.76 -23.24 -54.13
N LEU D 262 -6.67 -24.00 -54.29
CA LEU D 262 -5.58 -24.06 -53.33
C LEU D 262 -4.57 -22.94 -53.58
N PHE D 263 -4.21 -22.24 -52.51
CA PHE D 263 -3.20 -21.19 -52.58
C PHE D 263 -2.27 -21.33 -51.39
N LEU D 264 -0.98 -21.34 -51.66
CA LEU D 264 0.03 -21.44 -50.61
C LEU D 264 0.39 -20.04 -50.13
N LEU D 265 0.36 -19.86 -48.81
CA LEU D 265 0.71 -18.56 -48.25
C LEU D 265 2.22 -18.36 -48.36
N PRO D 266 2.69 -17.21 -48.85
CA PRO D 266 4.13 -16.94 -48.84
C PRO D 266 4.68 -17.03 -47.43
N PRO D 267 5.68 -17.89 -47.21
CA PRO D 267 6.19 -18.10 -45.85
C PRO D 267 6.60 -16.82 -45.12
N GLU D 268 7.14 -15.85 -45.84
CA GLU D 268 7.55 -14.57 -45.25
C GLU D 268 6.37 -13.66 -44.94
N LEU D 269 5.16 -14.05 -45.32
CA LEU D 269 3.96 -13.31 -44.99
C LEU D 269 3.34 -13.77 -43.68
N VAL D 270 3.72 -14.96 -43.19
CA VAL D 270 3.13 -15.60 -42.02
C VAL D 270 4.11 -15.46 -40.86
N LEU D 271 3.86 -14.49 -39.98
CA LEU D 271 4.75 -14.22 -38.85
C LEU D 271 4.44 -15.16 -37.70
N GLU D 272 5.47 -15.88 -37.23
CA GLU D 272 5.36 -16.86 -36.15
C GLU D 272 6.29 -16.51 -35.00
N VAL D 273 5.90 -16.92 -33.80
CA VAL D 273 6.66 -16.66 -32.57
C VAL D 273 7.13 -17.99 -32.01
N PRO D 274 8.42 -18.29 -32.04
CA PRO D 274 8.91 -19.45 -31.28
C PRO D 274 8.71 -19.21 -29.79
N LEU D 275 8.30 -20.27 -29.07
CA LEU D 275 7.94 -20.13 -27.67
C LEU D 275 9.11 -20.53 -26.77
N GLU D 276 9.46 -19.65 -25.84
CA GLU D 276 10.47 -19.89 -24.83
C GLU D 276 10.00 -19.31 -23.50
N HIS D 277 10.61 -19.76 -22.41
CA HIS D 277 10.11 -19.27 -21.13
C HIS D 277 11.17 -18.36 -20.49
N PRO D 278 10.80 -17.26 -19.84
CA PRO D 278 11.83 -16.34 -19.37
C PRO D 278 12.80 -17.00 -18.42
N THR D 279 12.30 -17.84 -17.52
CA THR D 279 13.17 -18.47 -16.57
C THR D 279 13.33 -19.97 -16.75
N LEU D 280 12.49 -20.67 -17.50
CA LEU D 280 12.66 -22.11 -17.67
C LEU D 280 13.27 -22.40 -19.04
N GLU D 281 14.61 -22.58 -19.06
CA GLU D 281 15.36 -22.64 -20.32
C GLU D 281 15.06 -23.91 -21.11
N TRP D 282 14.64 -24.99 -20.45
CA TRP D 282 14.33 -26.18 -21.22
C TRP D 282 13.07 -26.00 -22.07
N PHE D 283 12.22 -25.04 -21.70
CA PHE D 283 10.95 -24.87 -22.39
C PHE D 283 11.17 -24.68 -23.89
N ALA D 284 12.22 -23.96 -24.25
CA ALA D 284 12.50 -23.70 -25.67
C ALA D 284 12.69 -25.00 -26.43
N ALA D 285 13.17 -26.05 -25.78
CA ALA D 285 13.41 -27.34 -26.44
C ALA D 285 12.13 -28.12 -26.68
N LEU D 286 11.01 -27.70 -26.09
CA LEU D 286 9.71 -28.21 -26.52
C LEU D 286 9.50 -27.93 -28.00
N GLY D 287 10.10 -26.85 -28.51
CA GLY D 287 9.92 -26.48 -29.90
C GLY D 287 8.52 -26.04 -30.24
N LEU D 288 7.89 -25.28 -29.36
CA LEU D 288 6.56 -24.76 -29.59
C LEU D 288 6.63 -23.40 -30.27
N ARG D 289 5.57 -23.11 -31.03
CA ARG D 289 5.47 -21.84 -31.72
C ARG D 289 4.00 -21.59 -31.95
N TRP D 290 3.65 -20.32 -32.13
CA TRP D 290 2.31 -19.94 -32.55
C TRP D 290 2.45 -18.79 -33.54
N TYR D 291 1.36 -18.48 -34.23
CA TYR D 291 1.43 -17.47 -35.27
C TYR D 291 0.95 -16.13 -34.73
N ALA D 292 1.38 -15.05 -35.40
CA ALA D 292 1.10 -13.71 -34.88
C ALA D 292 -0.37 -13.35 -35.02
N LEU D 293 -1.00 -13.74 -36.13
CA LEU D 293 -2.24 -13.08 -36.56
C LEU D 293 -3.44 -14.00 -36.45
N PRO D 294 -4.40 -13.71 -35.56
CA PRO D 294 -5.67 -14.46 -35.55
C PRO D 294 -6.66 -13.83 -36.52
N ALA D 295 -7.01 -14.51 -37.60
CA ALA D 295 -7.75 -13.89 -38.70
C ALA D 295 -8.85 -14.89 -39.05
N VAL D 296 -10.01 -14.70 -38.43
CA VAL D 296 -11.14 -15.60 -38.63
C VAL D 296 -11.72 -15.35 -40.01
N SER D 297 -11.98 -16.42 -40.75
CA SER D 297 -12.33 -16.32 -42.16
C SER D 297 -13.61 -17.07 -42.51
N ASN D 298 -14.33 -17.61 -41.53
CA ASN D 298 -15.45 -18.48 -41.85
C ASN D 298 -16.78 -17.96 -41.29
N MET D 299 -16.81 -16.74 -40.80
CA MET D 299 -18.05 -16.15 -40.32
C MET D 299 -18.67 -15.26 -41.41
N LEU D 300 -19.97 -15.09 -41.32
CA LEU D 300 -20.76 -14.28 -42.24
C LEU D 300 -21.02 -12.90 -41.65
N LEU D 301 -20.71 -11.87 -42.42
CA LEU D 301 -21.00 -10.49 -42.00
C LEU D 301 -22.35 -10.04 -42.56
N GLU D 302 -23.29 -9.71 -41.67
CA GLU D 302 -24.62 -9.26 -42.09
C GLU D 302 -24.74 -7.76 -41.80
N ILE D 303 -25.09 -6.98 -42.83
CA ILE D 303 -25.24 -5.54 -42.69
C ILE D 303 -26.51 -5.13 -43.39
N GLY D 304 -27.50 -4.66 -42.63
CA GLY D 304 -28.73 -4.16 -43.22
C GLY D 304 -29.46 -5.17 -44.09
N GLY D 305 -29.49 -6.43 -43.69
CA GLY D 305 -30.10 -7.45 -44.50
C GLY D 305 -29.23 -8.02 -45.60
N LEU D 306 -28.10 -7.39 -45.92
CA LEU D 306 -27.19 -7.97 -46.89
C LEU D 306 -26.24 -8.94 -46.19
N GLU D 307 -25.84 -9.99 -46.90
CA GLU D 307 -24.98 -11.01 -46.33
C GLU D 307 -23.68 -11.08 -47.11
N PHE D 308 -22.56 -11.14 -46.38
CA PHE D 308 -21.22 -11.24 -46.94
C PHE D 308 -20.60 -12.52 -46.39
N PRO D 309 -20.80 -13.66 -47.05
CA PRO D 309 -20.27 -14.94 -46.55
C PRO D 309 -18.77 -15.04 -46.50
N ALA D 310 -18.04 -14.09 -47.07
CA ALA D 310 -16.58 -14.10 -47.01
C ALA D 310 -16.16 -12.70 -46.59
N ALA D 311 -15.69 -12.58 -45.36
CA ALA D 311 -15.25 -11.29 -44.87
C ALA D 311 -14.32 -11.50 -43.69
N PRO D 312 -13.10 -12.00 -43.92
CA PRO D 312 -12.21 -12.33 -42.80
C PRO D 312 -11.78 -11.09 -42.04
N PHE D 313 -11.64 -11.23 -40.72
CA PHE D 313 -11.29 -10.12 -39.88
C PHE D 313 -10.20 -10.55 -38.90
N SER D 314 -9.43 -9.59 -38.40
CA SER D 314 -8.35 -9.96 -37.50
C SER D 314 -8.05 -8.83 -36.53
N GLY D 315 -7.59 -9.20 -35.34
CA GLY D 315 -7.04 -8.20 -34.45
C GLY D 315 -5.68 -8.62 -33.94
N TRP D 316 -5.62 -8.88 -32.63
CA TRP D 316 -4.43 -9.50 -32.06
C TRP D 316 -4.89 -10.41 -30.94
N TYR D 317 -3.99 -11.33 -30.57
CA TYR D 317 -4.32 -12.40 -29.66
C TYR D 317 -4.45 -11.88 -28.23
N MET D 318 -5.29 -12.55 -27.46
CA MET D 318 -5.20 -12.54 -26.00
C MET D 318 -4.47 -13.80 -25.56
N SER D 319 -3.52 -13.65 -24.62
CA SER D 319 -2.54 -14.71 -24.42
C SER D 319 -3.19 -16.02 -24.05
N THR D 320 -4.26 -15.97 -23.25
CA THR D 320 -4.89 -17.22 -22.86
C THR D 320 -5.52 -17.97 -24.01
N GLU D 321 -5.77 -17.31 -25.15
CA GLU D 321 -6.21 -18.09 -26.30
C GLU D 321 -5.13 -19.07 -26.73
N ILE D 322 -3.86 -18.65 -26.72
CA ILE D 322 -2.79 -19.56 -27.11
C ILE D 322 -2.34 -20.42 -25.95
N GLY D 323 -2.07 -19.79 -24.81
CA GLY D 323 -1.46 -20.51 -23.69
C GLY D 323 -2.41 -21.49 -23.04
N THR D 324 -3.63 -21.06 -22.77
CA THR D 324 -4.57 -21.93 -22.10
C THR D 324 -5.35 -22.80 -23.08
N ARG D 325 -5.98 -22.22 -24.11
CA ARG D 325 -6.83 -23.04 -24.96
C ARG D 325 -6.02 -23.85 -25.97
N ASN D 326 -5.34 -23.19 -26.92
CA ASN D 326 -4.76 -23.96 -28.03
C ASN D 326 -3.69 -24.92 -27.55
N LEU D 327 -2.92 -24.55 -26.53
CA LEU D 327 -1.86 -25.43 -26.05
C LEU D 327 -2.32 -26.40 -24.97
N CYS D 328 -3.21 -26.00 -24.06
CA CYS D 328 -3.58 -26.86 -22.93
C CYS D 328 -4.96 -27.51 -23.01
N ASP D 329 -5.78 -27.23 -24.02
CA ASP D 329 -7.00 -28.01 -24.14
C ASP D 329 -6.62 -29.47 -24.34
N PRO D 330 -7.34 -30.40 -23.70
CA PRO D 330 -7.03 -31.83 -23.90
C PRO D 330 -7.23 -32.28 -25.32
N HIS D 331 -8.18 -31.68 -26.04
CA HIS D 331 -8.46 -32.04 -27.41
C HIS D 331 -7.70 -31.16 -28.39
N ARG D 332 -6.73 -30.39 -27.91
CA ARG D 332 -5.86 -29.64 -28.81
C ARG D 332 -4.42 -30.12 -28.67
N TYR D 333 -3.47 -29.22 -28.45
CA TYR D 333 -2.07 -29.66 -28.37
C TYR D 333 -1.77 -30.39 -27.07
N ASN D 334 -2.55 -30.13 -26.02
CA ASN D 334 -2.58 -30.97 -24.82
C ASN D 334 -1.18 -31.21 -24.25
N ILE D 335 -0.48 -30.12 -23.93
CA ILE D 335 0.90 -30.22 -23.45
C ILE D 335 0.99 -30.11 -21.92
N LEU D 336 -0.14 -30.09 -21.22
CA LEU D 336 -0.12 -29.65 -19.84
C LEU D 336 0.64 -30.63 -18.96
N GLU D 337 0.34 -31.92 -19.07
CA GLU D 337 1.01 -32.88 -18.21
C GLU D 337 2.50 -32.97 -18.54
N ASP D 338 2.87 -32.77 -19.81
CA ASP D 338 4.28 -32.83 -20.18
C ASP D 338 5.06 -31.67 -19.55
N VAL D 339 4.57 -30.44 -19.72
CA VAL D 339 5.24 -29.29 -19.11
C VAL D 339 5.36 -29.49 -17.61
N ALA D 340 4.32 -30.04 -16.98
CA ALA D 340 4.32 -30.23 -15.54
C ALA D 340 5.37 -31.24 -15.10
N VAL D 341 5.54 -32.31 -15.87
CA VAL D 341 6.55 -33.31 -15.55
C VAL D 341 7.95 -32.70 -15.64
N CYS D 342 8.19 -31.87 -16.65
CA CYS D 342 9.46 -31.16 -16.75
C CYS D 342 9.62 -30.11 -15.66
N MET D 343 8.51 -29.54 -15.18
CA MET D 343 8.63 -28.61 -14.05
C MET D 343 8.89 -29.31 -12.73
N ASP D 344 8.91 -30.64 -12.73
CA ASP D 344 9.06 -31.47 -11.55
C ASP D 344 7.93 -31.24 -10.55
N LEU D 345 6.70 -31.14 -11.06
CA LEU D 345 5.52 -31.11 -10.21
C LEU D 345 5.03 -32.53 -9.92
N ASP D 346 4.34 -32.69 -8.80
CA ASP D 346 3.73 -33.96 -8.44
C ASP D 346 2.42 -34.10 -9.20
N THR D 347 2.47 -34.80 -10.33
CA THR D 347 1.29 -34.95 -11.18
C THR D 347 0.40 -36.12 -10.75
N ARG D 348 0.67 -36.72 -9.59
CA ARG D 348 -0.04 -37.94 -9.21
C ARG D 348 -1.22 -37.68 -8.27
N THR D 349 -1.37 -36.47 -7.76
CA THR D 349 -2.59 -36.08 -7.06
C THR D 349 -3.02 -34.72 -7.56
N THR D 350 -4.35 -34.55 -7.74
CA THR D 350 -4.87 -33.28 -8.21
C THR D 350 -4.55 -32.17 -7.22
N SER D 351 -4.44 -32.49 -5.92
CA SER D 351 -4.40 -31.44 -4.91
C SER D 351 -3.07 -30.71 -4.87
N SER D 352 -2.07 -31.15 -5.62
CA SER D 352 -0.87 -30.35 -5.78
C SER D 352 -1.13 -29.12 -6.64
N LEU D 353 -2.22 -29.13 -7.41
CA LEU D 353 -2.52 -28.06 -8.37
C LEU D 353 -1.40 -27.92 -9.40
N TRP D 354 -0.74 -29.04 -9.72
CA TRP D 354 0.23 -29.03 -10.80
C TRP D 354 -0.38 -28.48 -12.09
N LYS D 355 -1.64 -28.82 -12.39
CA LYS D 355 -2.25 -28.36 -13.64
C LYS D 355 -2.31 -26.84 -13.68
N ASP D 356 -2.83 -26.22 -12.61
CA ASP D 356 -2.88 -24.78 -12.50
C ASP D 356 -1.49 -24.17 -12.60
N LYS D 357 -0.47 -24.82 -11.98
CA LYS D 357 0.87 -24.25 -12.00
C LYS D 357 1.50 -24.38 -13.38
N ALA D 358 1.27 -25.49 -14.06
CA ALA D 358 1.88 -25.64 -15.38
C ALA D 358 1.19 -24.75 -16.40
N ALA D 359 -0.12 -24.52 -16.23
CA ALA D 359 -0.84 -23.66 -17.16
C ALA D 359 -0.43 -22.20 -16.99
N VAL D 360 -0.20 -21.76 -15.74
CA VAL D 360 0.27 -20.40 -15.51
C VAL D 360 1.61 -20.17 -16.18
N GLU D 361 2.52 -21.16 -16.10
CA GLU D 361 3.83 -20.96 -16.73
C GLU D 361 3.75 -21.01 -18.26
N ILE D 362 2.86 -21.81 -18.82
CA ILE D 362 2.71 -21.80 -20.28
C ILE D 362 2.21 -20.45 -20.74
N ASN D 363 1.30 -19.83 -19.98
CA ASN D 363 0.81 -18.51 -20.33
C ASN D 363 1.90 -17.45 -20.20
N VAL D 364 2.73 -17.54 -19.15
CA VAL D 364 3.87 -16.65 -19.02
C VAL D 364 4.83 -16.81 -20.20
N ALA D 365 5.07 -18.05 -20.64
CA ALA D 365 5.94 -18.25 -21.79
C ALA D 365 5.36 -17.57 -23.04
N VAL D 366 4.06 -17.75 -23.29
CA VAL D 366 3.41 -17.13 -24.46
C VAL D 366 3.64 -15.62 -24.45
N LEU D 367 3.24 -14.96 -23.35
CA LEU D 367 3.40 -13.51 -23.22
C LEU D 367 4.85 -13.07 -23.33
N HIS D 368 5.75 -13.78 -22.64
CA HIS D 368 7.15 -13.41 -22.72
C HIS D 368 7.66 -13.53 -24.15
N SER D 369 7.27 -14.60 -24.83
CA SER D 369 7.81 -14.86 -26.16
C SER D 369 7.26 -13.87 -27.20
N TYR D 370 6.00 -13.44 -27.06
CA TYR D 370 5.47 -12.45 -28.00
C TYR D 370 6.13 -11.10 -27.78
N GLN D 371 6.26 -10.68 -26.51
CA GLN D 371 6.95 -9.45 -26.17
C GLN D 371 8.38 -9.45 -26.71
N LEU D 372 9.10 -10.54 -26.47
CA LEU D 372 10.48 -10.64 -26.95
C LEU D 372 10.55 -10.51 -28.46
N ALA D 373 9.64 -11.19 -29.17
CA ALA D 373 9.55 -11.09 -30.62
C ALA D 373 8.91 -9.78 -31.09
N LYS D 374 8.43 -8.94 -30.16
CA LYS D 374 7.82 -7.65 -30.48
C LYS D 374 6.59 -7.84 -31.39
N VAL D 375 5.75 -8.79 -31.00
CA VAL D 375 4.48 -9.06 -31.64
C VAL D 375 3.40 -8.67 -30.65
N THR D 376 2.46 -7.83 -31.09
CA THR D 376 1.35 -7.38 -30.25
C THR D 376 0.69 -8.57 -29.56
N ILE D 377 0.52 -8.46 -28.24
CA ILE D 377 -0.28 -9.44 -27.51
C ILE D 377 -0.83 -8.74 -26.28
N VAL D 378 -1.98 -9.20 -25.81
CA VAL D 378 -2.56 -8.65 -24.58
C VAL D 378 -2.89 -9.79 -23.64
N ASP D 379 -2.58 -9.58 -22.36
CA ASP D 379 -2.90 -10.55 -21.31
C ASP D 379 -4.35 -10.38 -20.85
N HIS D 380 -4.89 -11.44 -20.22
CA HIS D 380 -6.31 -11.47 -19.86
C HIS D 380 -6.66 -10.45 -18.78
N HIS D 381 -5.69 -10.04 -17.93
CA HIS D 381 -6.00 -8.96 -17.00
C HIS D 381 -6.18 -7.63 -17.73
N ALA D 382 -5.27 -7.28 -18.60
CA ALA D 382 -5.38 -6.00 -19.28
C ALA D 382 -6.57 -6.02 -20.22
N ALA D 383 -6.83 -7.16 -20.87
CA ALA D 383 -7.94 -7.24 -21.81
C ALA D 383 -9.26 -7.09 -21.10
N THR D 384 -9.39 -7.70 -19.92
CA THR D 384 -10.68 -7.63 -19.26
C THR D 384 -10.90 -6.28 -18.59
N ALA D 385 -9.83 -5.63 -18.13
CA ALA D 385 -9.96 -4.26 -17.66
C ALA D 385 -10.48 -3.34 -18.76
N SER D 386 -9.90 -3.43 -19.96
CA SER D 386 -10.32 -2.57 -21.07
C SER D 386 -11.76 -2.85 -21.48
N PHE D 387 -12.21 -4.12 -21.34
CA PHE D 387 -13.61 -4.42 -21.62
C PHE D 387 -14.55 -3.80 -20.59
N MET D 388 -14.15 -3.76 -19.31
CA MET D 388 -14.95 -3.01 -18.35
C MET D 388 -15.09 -1.55 -18.75
N LYS D 389 -14.03 -0.96 -19.30
CA LYS D 389 -14.13 0.43 -19.73
C LYS D 389 -15.10 0.54 -20.91
N HIS D 390 -15.06 -0.44 -21.82
CA HIS D 390 -15.99 -0.49 -22.94
C HIS D 390 -17.44 -0.59 -22.47
N LEU D 391 -17.71 -1.45 -21.47
CA LEU D 391 -19.06 -1.54 -20.92
C LEU D 391 -19.53 -0.19 -20.42
N GLU D 392 -18.64 0.55 -19.79
CA GLU D 392 -18.98 1.87 -19.28
C GLU D 392 -19.27 2.85 -20.42
N ASN D 393 -18.46 2.82 -21.48
CA ASN D 393 -18.70 3.72 -22.62
C ASN D 393 -20.01 3.38 -23.31
N GLU D 394 -20.28 2.09 -23.51
CA GLU D 394 -21.48 1.67 -24.23
C GLU D 394 -22.75 1.92 -23.42
N GLN D 395 -22.68 1.74 -22.10
CA GLN D 395 -23.80 2.12 -21.26
C GLN D 395 -24.17 3.58 -21.50
N LYS D 396 -23.16 4.46 -21.53
CA LYS D 396 -23.40 5.87 -21.80
C LYS D 396 -23.89 6.08 -23.23
N ALA D 397 -23.21 5.48 -24.21
CA ALA D 397 -23.52 5.77 -25.62
C ALA D 397 -24.85 5.16 -26.05
N ARG D 398 -25.09 3.89 -25.72
CA ARG D 398 -26.26 3.14 -26.18
C ARG D 398 -27.15 2.58 -25.08
N GLY D 399 -26.78 2.72 -23.81
CA GLY D 399 -27.60 2.18 -22.76
C GLY D 399 -27.52 0.68 -22.64
N GLY D 400 -26.44 0.08 -23.09
CA GLY D 400 -26.34 -1.36 -23.03
C GLY D 400 -25.20 -1.86 -23.87
N CYS D 401 -25.01 -3.17 -23.79
CA CYS D 401 -23.91 -3.89 -24.43
C CYS D 401 -24.17 -5.38 -24.35
N PRO D 402 -24.48 -6.04 -25.47
CA PRO D 402 -24.65 -7.50 -25.43
C PRO D 402 -23.31 -8.18 -25.15
N ALA D 403 -23.30 -9.04 -24.14
CA ALA D 403 -22.08 -9.72 -23.73
C ALA D 403 -22.40 -11.15 -23.30
N ASP D 404 -21.58 -12.07 -23.76
CA ASP D 404 -21.71 -13.48 -23.43
C ASP D 404 -20.74 -13.77 -22.27
N TRP D 405 -21.27 -13.81 -21.06
CA TRP D 405 -20.44 -13.95 -19.87
C TRP D 405 -19.46 -15.13 -19.99
N ALA D 406 -19.96 -16.30 -20.39
CA ALA D 406 -19.12 -17.50 -20.50
C ALA D 406 -17.96 -17.34 -21.46
N TRP D 407 -18.05 -16.42 -22.44
CA TRP D 407 -16.95 -16.17 -23.35
C TRP D 407 -16.11 -14.97 -22.94
N ILE D 408 -16.66 -14.04 -22.19
CA ILE D 408 -15.90 -12.86 -21.80
C ILE D 408 -14.93 -13.18 -20.66
N VAL D 409 -15.30 -14.10 -19.76
CA VAL D 409 -14.47 -14.54 -18.63
C VAL D 409 -13.36 -15.44 -19.18
N PRO D 410 -12.11 -15.05 -19.00
CA PRO D 410 -10.98 -15.83 -19.46
C PRO D 410 -11.03 -17.25 -18.94
N PRO D 411 -10.41 -18.19 -19.65
CA PRO D 411 -10.46 -19.60 -19.25
C PRO D 411 -9.56 -19.99 -18.07
N ILE D 412 -8.67 -19.10 -17.62
CA ILE D 412 -7.98 -19.26 -16.33
C ILE D 412 -8.19 -18.00 -15.52
N SER D 413 -8.09 -18.14 -14.20
CA SER D 413 -8.11 -17.02 -13.26
C SER D 413 -9.38 -16.17 -13.40
N GLY D 414 -10.51 -16.80 -13.73
CA GLY D 414 -11.71 -16.03 -14.06
C GLY D 414 -12.07 -14.99 -13.02
N SER D 415 -12.20 -15.41 -11.76
CA SER D 415 -12.62 -14.47 -10.74
C SER D 415 -11.53 -13.48 -10.36
N LEU D 416 -10.31 -13.67 -10.83
CA LEU D 416 -9.30 -12.65 -10.59
C LEU D 416 -9.46 -11.47 -11.53
N THR D 417 -10.36 -11.60 -12.59
CA THR D 417 -10.58 -10.50 -13.50
C THR D 417 -11.91 -9.81 -13.20
N PRO D 418 -12.04 -8.53 -13.56
CA PRO D 418 -13.26 -7.80 -13.16
C PRO D 418 -14.52 -8.26 -13.88
N VAL D 419 -14.41 -8.85 -15.06
CA VAL D 419 -15.61 -9.25 -15.78
C VAL D 419 -16.33 -10.39 -15.08
N PHE D 420 -15.64 -11.14 -14.20
CA PHE D 420 -16.28 -12.23 -13.48
C PHE D 420 -17.45 -11.72 -12.65
N HIS D 421 -17.25 -10.58 -12.01
CA HIS D 421 -18.18 -10.02 -11.05
C HIS D 421 -19.22 -9.09 -11.70
N GLN D 422 -19.23 -9.00 -13.03
CA GLN D 422 -20.11 -8.09 -13.78
C GLN D 422 -21.22 -8.91 -14.41
N GLU D 423 -22.45 -8.73 -13.94
CA GLU D 423 -23.58 -9.34 -14.62
C GLU D 423 -23.64 -8.83 -16.06
N MET D 424 -24.04 -9.69 -16.99
CA MET D 424 -24.10 -9.32 -18.41
C MET D 424 -25.44 -9.75 -19.00
N VAL D 425 -25.78 -9.16 -20.14
CA VAL D 425 -27.01 -9.50 -20.86
C VAL D 425 -26.61 -9.88 -22.28
N ASN D 426 -27.09 -11.02 -22.74
CA ASN D 426 -26.74 -11.54 -24.06
C ASN D 426 -27.94 -11.38 -25.01
N TYR D 427 -27.72 -10.70 -26.13
CA TYR D 427 -28.77 -10.54 -27.15
C TYR D 427 -28.10 -10.25 -28.49
N PHE D 428 -28.88 -10.39 -29.56
CA PHE D 428 -28.37 -10.24 -30.92
C PHE D 428 -28.79 -8.90 -31.50
N LEU D 429 -27.81 -8.12 -31.89
CA LEU D 429 -28.03 -6.87 -32.62
C LEU D 429 -27.46 -7.03 -34.03
N SER D 430 -28.03 -6.26 -34.98
CA SER D 430 -27.52 -6.21 -36.35
C SER D 430 -26.99 -4.81 -36.65
N PRO D 431 -25.89 -4.67 -37.41
CA PRO D 431 -24.95 -5.60 -38.06
C PRO D 431 -24.34 -6.61 -37.11
N ALA D 432 -24.02 -7.79 -37.64
CA ALA D 432 -23.56 -8.88 -36.80
C ALA D 432 -22.60 -9.76 -37.57
N PHE D 433 -21.68 -10.36 -36.84
CA PHE D 433 -20.93 -11.50 -37.34
C PHE D 433 -21.66 -12.76 -36.92
N ARG D 434 -21.97 -13.61 -37.89
CA ARG D 434 -22.77 -14.80 -37.69
C ARG D 434 -22.00 -16.04 -38.09
N TYR D 435 -22.26 -17.14 -37.38
CA TYR D 435 -21.83 -18.44 -37.84
C TYR D 435 -22.64 -18.83 -39.07
N GLN D 436 -22.01 -19.62 -39.93
CA GLN D 436 -22.61 -20.16 -41.14
C GLN D 436 -22.14 -21.60 -41.32
N PRO D 437 -22.89 -22.42 -42.06
CA PRO D 437 -22.45 -23.80 -42.28
C PRO D 437 -21.17 -23.85 -43.10
N ASP D 438 -20.41 -24.93 -42.90
CA ASP D 438 -19.17 -25.10 -43.64
C ASP D 438 -19.46 -25.42 -45.10
N PRO D 439 -18.70 -24.86 -46.04
CA PRO D 439 -19.14 -24.86 -47.45
C PRO D 439 -19.25 -26.26 -48.04
N TRP D 440 -18.48 -27.20 -47.55
CA TRP D 440 -18.51 -28.57 -48.06
C TRP D 440 -19.60 -29.39 -47.38
CHA HEM E . 21.64 28.23 6.18
CHB HEM E . 20.72 25.37 2.35
CHC HEM E . 23.71 28.06 -0.39
CHD HEM E . 25.08 30.49 3.58
C1A HEM E . 21.07 27.27 5.37
C2A HEM E . 19.97 26.38 5.70
C3A HEM E . 19.73 25.61 4.64
C4A HEM E . 20.66 25.96 3.59
CMA HEM E . 18.66 24.51 4.51
CAA HEM E . 19.19 26.34 7.03
CBA HEM E . 18.39 27.63 7.13
CGA HEM E . 16.98 27.42 7.61
O1A HEM E . 16.60 26.27 7.93
O2A HEM E . 16.22 28.42 7.67
C1B HEM E . 21.46 25.84 1.27
C2B HEM E . 21.48 25.26 -0.05
C3B HEM E . 22.29 25.97 -0.83
C4B HEM E . 22.84 27.06 -0.01
CMB HEM E . 20.67 24.02 -0.49
CAB HEM E . 22.55 25.66 -2.33
CBB HEM E . 23.40 26.35 -3.10
C1C HEM E . 24.28 29.03 0.42
C2C HEM E . 25.01 30.21 -0.01
C3C HEM E . 25.38 30.89 1.09
C4C HEM E . 24.92 30.15 2.25
CMC HEM E . 25.27 30.58 -1.49
CAC HEM E . 26.20 32.20 1.21
CBC HEM E . 27.06 32.63 0.28
C1D HEM E . 24.23 30.17 4.62
C2D HEM E . 24.12 30.83 5.90
C3D HEM E . 23.17 30.22 6.60
C4D HEM E . 22.64 29.12 5.81
CMD HEM E . 24.95 32.05 6.35
CAD HEM E . 22.74 30.60 8.03
CBD HEM E . 21.34 31.19 7.99
CGD HEM E . 21.00 31.70 9.37
O1D HEM E . 21.78 31.39 10.30
O2D HEM E . 19.98 32.40 9.53
NA HEM E . 21.47 26.97 4.08
NB HEM E . 22.30 26.93 1.26
NC HEM E . 24.25 29.02 1.80
ND HEM E . 23.31 29.13 4.60
FE HEM E . 22.97 27.95 3.00
N1 H4B F . 17.38 24.40 12.07
C2 H4B F . 17.25 25.14 10.94
N2 H4B F . 17.86 24.72 9.81
N3 H4B F . 16.51 26.27 10.95
C4 H4B F . 15.90 26.69 12.07
O4 H4B F . 15.20 27.74 12.10
C4A H4B F . 16.04 25.94 13.23
C8A H4B F . 16.79 24.78 13.21
N5 H4B F . 15.45 26.34 14.38
N8 H4B F . 16.96 24.03 14.33
C6 H4B F . 16.05 25.90 15.61
C7 H4B F . 16.31 24.39 15.58
C9 H4B F . 15.19 26.26 16.81
O9 H4B F . 13.85 25.76 16.64
C10 H4B F . 15.76 25.65 18.09
C11 H4B F . 15.06 26.21 19.32
O10 H4B F . 17.17 25.91 18.15
C10 OS7 G . 18.42 29.52 3.37
C11 OS7 G . 17.52 31.27 6.64
C13 OS7 G . 17.33 31.18 9.03
C14 OS7 G . 16.28 32.08 8.99
C15 OS7 G . 15.85 32.59 7.77
C16 OS7 G . 16.48 32.19 6.60
C17 OS7 G . 14.72 33.58 7.73
C20 OS7 G . 16.40 33.39 10.99
C22 OS7 G . 15.39 34.00 11.93
C23 OS7 G . 15.12 35.36 11.85
C02 OS7 G . 18.63 28.21 1.41
C03 OS7 G . 19.79 28.87 1.05
C04 OS7 G . 20.26 29.87 1.89
C05 OS7 G . 19.58 30.19 3.05
C06 OS7 G . 20.06 31.19 3.88
C07 OS7 G . 19.37 31.50 5.05
C08 OS7 G . 18.20 30.85 5.38
C09 OS7 G . 17.71 29.85 4.54
C12 OS7 G . 17.95 30.79 7.86
C24 OS7 G . 14.19 35.92 12.73
C25 OS7 G . 13.56 35.10 13.64
C26 OS7 G . 13.87 33.74 13.68
C4A OS7 G . 21.53 30.60 1.53
N01 OS7 G . 17.96 28.55 2.54
N02 OS7 G . 18.14 27.23 0.62
N18 OS7 G . 15.08 34.71 6.85
N21 OS7 G . 14.76 33.22 12.84
O19 OS7 G . 15.70 32.46 10.16
C1 BTB H . -11.67 17.53 1.47
O1 BTB H . -12.03 18.03 2.76
C2 BTB H . -12.53 16.32 1.14
C3 BTB H . -11.97 15.10 1.89
O3 BTB H . -12.89 14.05 2.27
C4 BTB H . -13.94 16.68 1.60
O4 BTB H . -14.86 15.58 1.64
N BTB H . -12.46 16.15 -0.35
C5 BTB H . -11.13 16.44 -0.90
C6 BTB H . -10.28 15.19 -0.95
O6 BTB H . -11.12 14.05 -1.19
C7 BTB H . -13.48 16.96 -1.05
C8 BTB H . -13.35 16.78 -2.57
O8 BTB H . -13.63 15.43 -2.94
C1 BTB I . -8.83 21.09 15.98
O1 BTB I . -7.84 21.71 16.80
C2 BTB I . -9.57 20.00 16.74
C3 BTB I . -9.65 20.40 18.20
O3 BTB I . -8.57 21.27 18.55
C4 BTB I . -10.99 19.90 16.23
O4 BTB I . -11.81 19.23 17.19
N BTB I . -8.89 18.67 16.62
C5 BTB I . -7.46 18.75 16.24
C6 BTB I . -6.60 18.61 17.50
O6 BTB I . -7.44 18.28 18.61
C7 BTB I . -9.54 17.77 15.66
C8 BTB I . -9.70 16.42 16.34
O8 BTB I . -10.19 16.63 17.68
C1 BTB J . 16.47 65.96 1.45
O1 BTB J . 17.16 67.19 1.17
C2 BTB J . 17.20 65.08 2.47
C3 BTB J . 17.46 65.84 3.76
O3 BTB J . 16.57 65.38 4.78
C4 BTB J . 16.30 63.88 2.76
O4 BTB J . 15.14 63.89 1.93
N BTB J . 18.49 64.56 1.93
C5 BTB J . 19.57 65.58 2.07
C6 BTB J . 20.81 64.97 2.71
O6 BTB J . 21.04 63.67 2.16
C7 BTB J . 18.37 64.20 0.51
C8 BTB J . 18.68 62.73 0.26
O8 BTB J . 17.50 61.95 0.48
ZN ZN K . 27.55 23.61 23.56
C1 GOL L . 35.16 44.85 -12.76
O1 GOL L . 35.10 44.83 -11.35
C2 GOL L . 35.33 43.42 -13.25
O2 GOL L . 34.74 42.55 -12.31
C3 GOL L . 36.81 43.07 -13.38
O3 GOL L . 37.07 41.91 -12.64
CL CL M . 12.58 30.65 3.57
GD GD N . -13.92 13.76 -0.17
CHA HEM O . 16.56 8.56 27.75
CHB HEM O . 11.77 8.14 27.31
CHC HEM O . 11.35 6.65 31.94
CHD HEM O . 15.96 7.99 32.55
C1A HEM O . 15.32 8.49 27.19
C2A HEM O . 15.01 8.58 25.79
C3A HEM O . 13.68 8.45 25.64
C4A HEM O . 13.10 8.29 26.97
CMA HEM O . 12.90 8.48 24.30
CAA HEM O . 16.06 8.73 24.69
CBA HEM O . 16.49 7.29 24.45
CGA HEM O . 17.33 6.99 23.22
O1A HEM O . 17.23 7.73 22.22
O2A HEM O . 18.07 5.97 23.22
C1B HEM O . 11.25 7.69 28.51
C2B HEM O . 9.87 7.39 28.76
C3B HEM O . 9.72 6.98 30.01
C4B HEM O . 11.03 7.02 30.64
CMB HEM O . 8.73 7.50 27.73
CAB HEM O . 8.34 6.57 30.59
CBB HEM O . 8.12 6.25 31.89
C1C HEM O . 12.59 6.84 32.52
C2C HEM O . 13.00 6.47 33.88
C3C HEM O . 14.28 6.84 34.05
C4C HEM O . 14.72 7.46 32.81
CMC HEM O . 12.04 5.75 34.85
CAC HEM O . 15.21 6.70 35.28
CBC HEM O . 14.74 6.53 36.53
C1D HEM O . 16.54 8.19 31.31
C2D HEM O . 17.95 8.37 31.06
C3D HEM O . 18.10 8.52 29.75
C4D HEM O . 16.81 8.44 29.11
CMD HEM O . 19.08 8.39 32.13
CAD HEM O . 19.43 8.75 29.01
CBD HEM O . 19.89 7.41 28.45
CGD HEM O . 21.23 7.63 27.81
O1D HEM O . 21.74 8.78 27.88
O2D HEM O . 21.83 6.67 27.26
NA HEM O . 14.14 8.31 27.87
NB HEM O . 11.95 7.47 29.69
NC HEM O . 13.66 7.46 31.92
ND HEM O . 15.87 8.23 30.09
FE HEM O . 13.87 8.20 29.98
N1 H4B P . 18.69 11.37 20.25
C2 H4B P . 18.19 10.30 20.93
N2 H4B P . 17.01 10.38 21.58
N3 H4B P . 18.89 9.15 20.95
C4 H4B P . 20.08 9.02 20.31
O4 H4B P . 20.67 7.93 20.34
C4A H4B P . 20.60 10.10 19.62
C8A H4B P . 19.88 11.30 19.60
N5 H4B P . 21.78 10.02 18.97
N8 H4B P . 20.36 12.38 18.95
C6 H4B P . 22.50 11.24 18.65
C7 H4B P . 21.58 12.35 18.13
C9 H4B P . 23.69 10.96 17.74
O9 H4B P . 23.33 10.21 16.58
C10 H4B P . 24.37 12.28 17.35
C11 H4B P . 25.70 12.08 16.64
O10 H4B P . 24.59 13.04 18.53
C10 OS7 Q . 15.18 4.55 26.79
C11 OS7 Q . 18.88 4.56 25.69
C13 OS7 Q . 20.88 5.54 24.77
C14 OS7 Q . 21.33 4.32 24.29
C15 OS7 Q . 20.54 3.19 24.52
C16 OS7 Q . 19.33 3.32 25.23
C17 OS7 Q . 20.96 1.83 24.01
C20 OS7 Q . 23.75 3.92 24.27
C22 OS7 Q . 24.82 3.48 23.29
C23 OS7 Q . 25.94 2.77 23.75
C02 OS7 Q . 12.81 4.49 27.13
C03 OS7 Q . 12.95 4.65 28.51
C04 OS7 Q . 14.24 4.78 29.01
C05 OS7 Q . 15.34 4.73 28.16
C06 OS7 Q . 16.61 4.85 28.68
C07 OS7 Q . 17.72 4.81 27.84
C08 OS7 Q . 17.60 4.63 26.47
C09 OS7 Q . 16.31 4.49 25.95
C12 OS7 Q . 19.69 5.66 25.49
C24 OS7 Q . 26.93 2.36 22.86
C25 OS7 Q . 26.78 2.66 21.51
C26 OS7 Q . 25.65 3.36 21.09
C4A OS7 Q . 14.44 4.95 30.47
N01 OS7 Q . 13.92 4.44 26.34
N02 OS7 Q . 11.58 4.38 26.61
N18 OS7 Q . 20.78 0.79 25.06
N21 OS7 Q . 24.71 3.75 21.97
O19 OS7 Q . 22.52 4.23 23.60
C1 BTB R . -9.18 -3.25 2.18
O1 BTB R . -10.02 -2.56 3.12
C2 BTB R . -7.73 -3.16 2.64
C3 BTB R . -7.25 -1.72 2.54
O3 BTB R . -5.97 -1.60 3.17
C4 BTB R . -7.63 -3.59 4.11
O4 BTB R . -6.27 -3.88 4.47
N BTB R . -6.89 -4.11 1.84
C5 BTB R . -6.63 -3.66 0.47
C6 BTB R . -5.22 -3.11 0.31
O6 BTB R . -4.32 -4.15 -0.03
C7 BTB R . -7.41 -5.49 1.87
C8 BTB R . -6.37 -6.45 2.48
O8 BTB R . -5.07 -6.19 1.94
C1 BTB S . 36.46 -17.60 44.97
O1 BTB S . 37.74 -16.95 45.09
C2 BTB S . 35.48 -16.61 44.35
C3 BTB S . 35.28 -15.42 45.27
O3 BTB S . 35.66 -15.76 46.61
C4 BTB S . 36.08 -16.02 43.08
O4 BTB S . 36.39 -17.02 42.11
N BTB S . 34.17 -17.30 44.13
C5 BTB S . 33.48 -17.38 45.41
C6 BTB S . 32.02 -16.93 45.36
O6 BTB S . 31.64 -16.43 46.64
C7 BTB S . 34.39 -18.67 43.65
C8 BTB S . 33.15 -19.25 42.93
O8 BTB S . 32.18 -19.75 43.86
C1 BTB T . 21.63 -3.05 -3.75
O1 BTB T . 23.01 -2.83 -4.07
C2 BTB T . 20.96 -1.78 -3.22
C3 BTB T . 19.84 -2.19 -2.27
O3 BTB T . 19.78 -3.61 -2.12
C4 BTB T . 21.95 -0.91 -2.46
O4 BTB T . 21.30 0.33 -2.09
N BTB T . 20.37 -0.98 -4.33
C5 BTB T . 19.45 -1.82 -5.13
C6 BTB T . 18.44 -0.97 -5.89
O6 BTB T . 17.61 -0.25 -4.98
C7 BTB T . 21.41 -0.40 -5.21
C8 BTB T . 21.23 1.11 -5.33
O8 BTB T . 21.24 1.72 -4.03
CL CL U . 15.84 0.74 23.07
GD GD V . -4.27 -3.72 2.73
C1 BTB W . 7.50 -9.83 2.21
O1 BTB W . 6.97 -9.71 3.53
C2 BTB W . 9.02 -9.96 2.20
C3 BTB W . 9.43 -9.73 0.74
O3 BTB W . 10.49 -10.53 0.21
C4 BTB W . 9.64 -8.87 3.06
O4 BTB W . 11.06 -8.80 2.90
N BTB W . 9.43 -11.28 2.76
C5 BTB W . 8.65 -12.40 2.21
C6 BTB W . 9.56 -13.28 1.37
O6 BTB W . 10.82 -13.49 2.02
C7 BTB W . 9.38 -11.27 4.23
C8 BTB W . 10.13 -12.44 4.87
O8 BTB W . 11.54 -12.28 4.64
C1 BTB X . -1.36 -1.69 -6.35
O1 BTB X . -2.46 -1.55 -5.44
C2 BTB X . -0.56 -0.40 -6.37
C3 BTB X . -1.50 0.77 -6.33
O3 BTB X . -2.79 0.25 -6.71
C4 BTB X . 0.37 -0.33 -5.18
O4 BTB X . -0.43 -0.21 -4.00
N BTB X . 0.22 -0.38 -7.60
C5 BTB X . -0.68 -0.78 -8.68
C6 BTB X . -0.78 0.28 -9.76
O6 BTB X . -1.43 -0.37 -10.86
C7 BTB X . 1.26 -1.41 -7.55
C8 BTB X . 2.18 -1.24 -8.76
O8 BTB X . 2.63 0.14 -8.82
GD GD Y . 12.16 -11.09 1.93
CHA HEM Z . -23.85 -24.18 -4.12
CHB HEM Z . -20.17 -27.32 -3.53
CHC HEM Z . -23.13 -29.80 -0.58
CHD HEM Z . -27.03 -27.20 -1.99
C1A HEM Z . -22.59 -24.74 -4.13
C2A HEM Z . -21.36 -24.12 -4.63
C3A HEM Z . -20.35 -24.99 -4.45
C4A HEM Z . -20.90 -26.20 -3.85
CMA HEM Z . -18.85 -24.80 -4.80
CAA HEM Z . -21.24 -22.70 -5.21
CBA HEM Z . -21.19 -21.80 -3.98
CGA HEM Z . -20.55 -20.46 -4.24
O1A HEM Z . -19.85 -20.34 -5.27
O2A HEM Z . -20.71 -19.52 -3.41
C1B HEM Z . -20.63 -28.29 -2.66
C2B HEM Z . -19.90 -29.42 -2.14
C3B HEM Z . -20.71 -30.10 -1.33
C4B HEM Z . -22.00 -29.43 -1.31
CMB HEM Z . -18.43 -29.80 -2.43
CAB HEM Z . -20.26 -31.39 -0.57
CBB HEM Z . -21.11 -32.30 -0.11
C1C HEM Z . -24.43 -29.31 -0.66
C2C HEM Z . -25.55 -29.74 0.15
C3C HEM Z . -26.64 -29.02 -0.22
C4C HEM Z . -26.23 -28.11 -1.29
CMC HEM Z . -25.45 -30.83 1.26
CAC HEM Z . -28.10 -29.06 0.28
CBC HEM Z . -28.66 -30.07 0.95
C1D HEM Z . -26.53 -26.09 -2.65
C2D HEM Z . -27.23 -24.89 -3.07
C3D HEM Z . -26.34 -24.09 -3.66
C4D HEM Z . -25.02 -24.71 -3.63
CMD HEM Z . -28.73 -24.55 -2.90
CAD HEM Z . -26.61 -22.70 -4.25
CBD HEM Z . -26.49 -21.70 -3.10
CGD HEM Z . -26.42 -20.29 -3.63
O1D HEM Z . -26.34 -20.11 -4.86
O2D HEM Z . -26.44 -19.34 -2.78
NA HEM Z . -22.25 -26.00 -3.67
NB HEM Z . -21.89 -28.32 -2.13
NC HEM Z . -24.89 -28.32 -1.53
ND HEM Z . -25.19 -25.94 -3.00
FE HEM Z . -23.62 -27.32 -2.77
N1 H4B AA . -20.02 -18.97 -9.51
C2 H4B AA . -20.01 -19.40 -8.22
N2 H4B AA . -19.77 -20.70 -7.94
N3 H4B AA . -20.24 -18.54 -7.20
C4 H4B AA . -20.49 -17.23 -7.45
O4 H4B AA . -20.71 -16.43 -6.50
C4A H4B AA . -20.52 -16.80 -8.76
C8A H4B AA . -20.28 -17.68 -9.79
N5 H4B AA . -20.77 -15.50 -9.04
N8 H4B AA . -20.30 -17.26 -11.08
C6 H4B AA . -21.32 -15.20 -10.34
C7 H4B AA . -20.45 -15.85 -11.42
C9 H4B AA . -21.40 -13.69 -10.52
O9 H4B AA . -20.13 -13.10 -10.27
C10 H4B AA . -21.83 -13.36 -11.94
C11 H4B AA . -22.03 -11.86 -12.09
O10 H4B AA . -23.03 -14.07 -12.23
C10 OS7 BA . -21.45 -23.65 -0.30
C11 OS7 BA . -23.09 -20.29 -1.08
C13 OS7 BA . -23.60 -18.72 -2.83
C14 OS7 BA . -23.53 -17.66 -1.94
C15 OS7 BA . -23.24 -17.91 -0.60
C16 OS7 BA . -23.03 -19.23 -0.17
C17 OS7 BA . -23.17 -16.76 0.38
C20 OS7 BA . -24.96 -16.01 -3.02
C22 OS7 BA . -25.26 -14.61 -2.52
C23 OS7 BA . -25.92 -14.44 -1.31
C02 OS7 BA . -20.04 -25.52 0.05
C03 OS7 BA . -21.10 -26.30 0.47
C04 OS7 BA . -22.37 -25.72 0.51
C05 OS7 BA . -22.54 -24.40 0.11
C06 OS7 BA . -23.80 -23.81 0.14
C07 OS7 BA . -23.96 -22.49 -0.28
C08 OS7 BA . -22.87 -21.71 -0.66
C09 OS7 BA . -21.60 -22.31 -0.69
C12 OS7 BA . -23.40 -20.01 -2.40
C24 OS7 BA . -26.19 -13.16 -0.86
C25 OS7 BA . -25.77 -12.07 -1.64
C26 OS7 BA . -25.11 -12.30 -2.83
C4A OS7 BA . -23.54 -26.55 0.96
N01 OS7 BA . -20.23 -24.23 -0.31
N02 OS7 BA . -18.80 -26.04 0.02
N18 OS7 BA . -23.20 -17.24 1.77
N21 OS7 BA . -24.86 -13.55 -3.26
O19 OS7 BA . -23.74 -16.39 -2.38
C1 BTB CA . -44.24 -14.59 23.62
O1 BTB CA . -44.80 -15.71 24.33
C2 BTB CA . -44.78 -13.28 24.22
C3 BTB CA . -46.31 -13.29 24.13
O3 BTB CA . -46.92 -12.16 24.77
C4 BTB CA . -44.34 -13.20 25.68
O4 BTB CA . -45.04 -14.17 26.48
N BTB CA . -44.19 -12.16 23.44
C5 BTB CA . -44.18 -10.89 24.20
C6 BTB CA . -42.77 -10.30 24.35
O6 BTB CA . -42.42 -9.55 23.16
C7 BTB CA . -44.95 -12.03 22.17
C8 BTB CA . -44.83 -10.66 21.52
O8 BTB CA . -45.97 -9.86 21.89
ZN ZN DA . -30.24 -17.74 -20.94
C1 GOL EA . -39.15 -40.22 13.91
O1 GOL EA . -38.32 -40.99 13.04
C2 GOL EA . -38.66 -38.77 14.03
O2 GOL EA . -37.39 -38.63 13.41
C3 GOL EA . -38.55 -38.38 15.50
O3 GOL EA . -38.06 -37.07 15.59
CL CL FA . -18.49 -19.66 1.61
CHA HEM GA . -14.11 -13.49 -30.29
CHB HEM GA . -10.50 -10.79 -28.52
CHC HEM GA . -10.53 -7.90 -32.43
CHD HEM GA . -14.76 -9.94 -33.58
C1A HEM GA . -13.07 -13.08 -29.50
C2A HEM GA . -12.45 -13.79 -28.40
C3A HEM GA . -11.44 -13.05 -27.91
C4A HEM GA . -11.38 -11.83 -28.70
CMA HEM GA . -10.49 -13.41 -26.74
CAA HEM GA . -12.91 -15.18 -27.95
CBA HEM GA . -12.35 -16.12 -28.99
CGA HEM GA . -12.39 -17.56 -28.56
O1A HEM GA . -12.44 -17.81 -27.34
O2A HEM GA . -12.34 -18.45 -29.45
C1B HEM GA . -10.15 -9.81 -29.43
C2B HEM GA . -9.02 -8.91 -29.33
C3B HEM GA . -9.03 -8.09 -30.39
C4B HEM GA . -10.16 -8.46 -31.23
CMB HEM GA . -8.00 -8.88 -28.17
CAB HEM GA . -7.96 -7.00 -30.66
CBB HEM GA . -8.14 -5.97 -31.51
C1C HEM GA . -11.66 -8.23 -33.14
C2C HEM GA . -12.06 -7.72 -34.44
C3C HEM GA . -13.24 -8.31 -34.76
C4C HEM GA . -13.62 -9.17 -33.66
CMC HEM GA . -11.18 -6.73 -35.26
CAC HEM GA . -14.13 -8.13 -36.02
CBC HEM GA . -13.97 -7.06 -36.82
C1D HEM GA . -14.92 -11.11 -32.86
C2D HEM GA . -15.99 -12.10 -33.03
C3D HEM GA . -15.80 -13.05 -32.13
C4D HEM GA . -14.63 -12.73 -31.35
CMD HEM GA . -17.13 -12.06 -34.07
CAD HEM GA . -16.67 -14.30 -31.95
CBD HEM GA . -15.92 -15.48 -32.56
CGD HEM GA . -16.66 -16.78 -32.42
O1D HEM GA . -17.68 -16.87 -31.67
O2D HEM GA . -16.27 -17.76 -33.08
NA HEM GA . -12.39 -11.90 -29.63
NB HEM GA . -10.83 -9.50 -30.61
NC HEM GA . -12.64 -9.09 -32.70
ND HEM GA . -14.12 -11.55 -31.81
FE HEM GA . -12.67 -10.35 -30.94
N1 H4B HA . -15.20 -18.92 -24.05
C2 H4B HA . -14.36 -18.56 -25.05
N2 H4B HA . -13.84 -17.32 -25.09
N3 H4B HA . -14.06 -19.43 -26.04
C4 H4B HA . -14.58 -20.67 -26.05
O4 H4B HA . -14.26 -21.43 -26.99
C4A H4B HA . -15.45 -21.06 -25.04
C8A H4B HA . -15.76 -20.15 -24.03
N5 H4B HA . -15.98 -22.29 -25.02
N8 H4B HA . -16.60 -20.50 -23.02
C6 H4B HA . -17.22 -22.49 -24.26
C7 H4B HA . -17.15 -21.83 -22.88
C9 H4B HA . -17.63 -23.96 -24.22
O9 H4B HA . -16.55 -24.80 -23.75
C10 H4B HA . -18.84 -24.11 -23.31
C11 H4B HA . -19.42 -25.53 -23.28
O10 H4B HA . -19.82 -23.16 -23.77
C10 OS7 IA . -10.27 -14.57 -31.93
C11 OS7 IA . -12.46 -17.69 -32.42
C13 OS7 IA . -14.18 -19.23 -31.74
C14 OS7 IA . -13.50 -20.30 -32.32
C15 OS7 IA . -12.29 -20.06 -32.95
C16 OS7 IA . -11.78 -18.76 -33.00
C17 OS7 IA . -11.53 -21.20 -33.60
C20 OS7 IA . -15.38 -21.81 -32.64
C22 OS7 IA . -15.54 -23.24 -33.13
C23 OS7 IA . -15.64 -23.51 -34.49
C02 OS7 IA . -8.71 -12.85 -31.36
C03 OS7 IA . -9.33 -11.95 -32.22
C04 OS7 IA . -10.45 -12.38 -32.92
C05 OS7 IA . -10.92 -13.68 -32.77
C06 OS7 IA . -12.04 -14.09 -33.48
C07 OS7 IA . -12.52 -15.39 -33.32
C08 OS7 IA . -11.89 -16.30 -32.50
C09 OS7 IA . -10.75 -15.88 -31.80
C12 OS7 IA . -13.67 -17.94 -31.81
C24 OS7 IA . -15.78 -24.83 -34.94
C25 OS7 IA . -15.81 -25.85 -34.00
C26 OS7 IA . -15.69 -25.54 -32.64
C4A OS7 IA . -11.15 -11.45 -33.86
N01 OS7 IA . -9.19 -14.12 -31.25
N02 OS7 IA . -7.62 -12.46 -30.66
N18 OS7 IA . -11.40 -20.97 -35.06
N21 OS7 IA . -15.56 -24.27 -32.24
O19 OS7 IA . -14.03 -21.56 -32.25
C1 BTB JA . 18.90 -18.25 -12.43
O1 BTB JA . 19.84 -17.57 -13.28
C2 BTB JA . 17.89 -19.02 -13.29
C3 BTB JA . 16.50 -18.92 -12.63
O3 BTB JA . 15.47 -19.17 -13.59
C4 BTB JA . 17.80 -18.32 -14.65
O4 BTB JA . 17.50 -19.23 -15.70
N BTB JA . 18.34 -20.43 -13.41
C5 BTB JA . 18.05 -21.20 -12.18
C6 BTB JA . 17.08 -22.34 -12.46
O6 BTB JA . 17.69 -23.25 -13.37
C7 BTB JA . 19.75 -20.62 -13.81
C8 BTB JA . 19.86 -21.12 -15.27
O8 BTB JA . 19.15 -22.35 -15.48
C1 BTB KA . -14.84 -24.93 -63.81
O1 BTB KA . -15.90 -25.89 -63.70
C2 BTB KA . -15.39 -23.77 -64.60
C3 BTB KA . -15.79 -24.25 -65.99
O3 BTB KA . -17.12 -24.76 -65.96
C4 BTB KA . -16.64 -23.28 -63.90
O4 BTB KA . -16.95 -24.23 -62.87
N BTB KA . -14.41 -22.65 -64.67
C5 BTB KA . -14.54 -21.92 -65.95
C6 BTB KA . -14.80 -20.45 -65.70
O6 BTB KA . -13.60 -19.82 -65.21
C7 BTB KA . -13.01 -23.10 -64.45
C8 BTB KA . -12.24 -23.39 -65.74
O8 BTB KA . -10.92 -23.88 -65.42
CL CL LA . -6.95 -19.13 -32.18
GD GD MA . 16.28 -21.39 -14.92
#